data_5IHD
# 
_entry.id   5IHD 
# 
_audit_conform.dict_name       mmcif_pdbx.dic 
_audit_conform.dict_version    5.383 
_audit_conform.dict_location   http://mmcif.pdb.org/dictionaries/ascii/mmcif_pdbx.dic 
# 
loop_
_database_2.database_id 
_database_2.database_code 
_database_2.pdbx_database_accession 
_database_2.pdbx_DOI 
PDB   5IHD         pdb_00005ihd 10.2210/pdb5ihd/pdb 
WWPDB D_1000218820 ?            ?                   
# 
loop_
_pdbx_audit_revision_history.ordinal 
_pdbx_audit_revision_history.data_content_type 
_pdbx_audit_revision_history.major_revision 
_pdbx_audit_revision_history.minor_revision 
_pdbx_audit_revision_history.revision_date 
1 'Structure model' 1 0 2016-06-29 
2 'Structure model' 1 1 2024-01-10 
# 
_pdbx_audit_revision_details.ordinal             1 
_pdbx_audit_revision_details.revision_ordinal    1 
_pdbx_audit_revision_details.data_content_type   'Structure model' 
_pdbx_audit_revision_details.provider            repository 
_pdbx_audit_revision_details.type                'Initial release' 
_pdbx_audit_revision_details.description         ? 
_pdbx_audit_revision_details.details             ? 
# 
loop_
_pdbx_audit_revision_group.ordinal 
_pdbx_audit_revision_group.revision_ordinal 
_pdbx_audit_revision_group.data_content_type 
_pdbx_audit_revision_group.group 
1 2 'Structure model' 'Data collection'        
2 2 'Structure model' 'Database references'    
3 2 'Structure model' 'Derived calculations'   
4 2 'Structure model' 'Refinement description' 
# 
loop_
_pdbx_audit_revision_category.ordinal 
_pdbx_audit_revision_category.revision_ordinal 
_pdbx_audit_revision_category.data_content_type 
_pdbx_audit_revision_category.category 
1 2 'Structure model' chem_comp_atom                
2 2 'Structure model' chem_comp_bond                
3 2 'Structure model' database_2                    
4 2 'Structure model' pdbx_initial_refinement_model 
5 2 'Structure model' pdbx_struct_conn_angle        
6 2 'Structure model' struct_conn                   
# 
loop_
_pdbx_audit_revision_item.ordinal 
_pdbx_audit_revision_item.revision_ordinal 
_pdbx_audit_revision_item.data_content_type 
_pdbx_audit_revision_item.item 
1  2 'Structure model' '_database_2.pdbx_DOI'                        
2  2 'Structure model' '_database_2.pdbx_database_accession'         
3  2 'Structure model' '_pdbx_struct_conn_angle.ptnr1_auth_asym_id'  
4  2 'Structure model' '_pdbx_struct_conn_angle.ptnr1_auth_comp_id'  
5  2 'Structure model' '_pdbx_struct_conn_angle.ptnr1_auth_seq_id'   
6  2 'Structure model' '_pdbx_struct_conn_angle.ptnr1_label_alt_id'  
7  2 'Structure model' '_pdbx_struct_conn_angle.ptnr1_label_asym_id' 
8  2 'Structure model' '_pdbx_struct_conn_angle.ptnr1_label_atom_id' 
9  2 'Structure model' '_pdbx_struct_conn_angle.ptnr1_label_comp_id' 
10 2 'Structure model' '_pdbx_struct_conn_angle.ptnr1_label_seq_id'  
11 2 'Structure model' '_pdbx_struct_conn_angle.ptnr1_symmetry'      
12 2 'Structure model' '_pdbx_struct_conn_angle.ptnr2_auth_asym_id'  
13 2 'Structure model' '_pdbx_struct_conn_angle.ptnr2_auth_comp_id'  
14 2 'Structure model' '_pdbx_struct_conn_angle.ptnr2_auth_seq_id'   
15 2 'Structure model' '_pdbx_struct_conn_angle.ptnr2_label_asym_id' 
16 2 'Structure model' '_pdbx_struct_conn_angle.ptnr2_label_atom_id' 
17 2 'Structure model' '_pdbx_struct_conn_angle.ptnr2_label_comp_id' 
18 2 'Structure model' '_pdbx_struct_conn_angle.ptnr2_symmetry'      
19 2 'Structure model' '_pdbx_struct_conn_angle.ptnr3_auth_asym_id'  
20 2 'Structure model' '_pdbx_struct_conn_angle.ptnr3_auth_comp_id'  
21 2 'Structure model' '_pdbx_struct_conn_angle.ptnr3_auth_seq_id'   
22 2 'Structure model' '_pdbx_struct_conn_angle.ptnr3_label_alt_id'  
23 2 'Structure model' '_pdbx_struct_conn_angle.ptnr3_label_asym_id' 
24 2 'Structure model' '_pdbx_struct_conn_angle.ptnr3_label_atom_id' 
25 2 'Structure model' '_pdbx_struct_conn_angle.ptnr3_label_comp_id' 
26 2 'Structure model' '_pdbx_struct_conn_angle.ptnr3_label_seq_id'  
27 2 'Structure model' '_pdbx_struct_conn_angle.ptnr3_symmetry'      
28 2 'Structure model' '_pdbx_struct_conn_angle.value'               
29 2 'Structure model' '_struct_conn.pdbx_dist_value'                
30 2 'Structure model' '_struct_conn.pdbx_ptnr1_label_alt_id'        
31 2 'Structure model' '_struct_conn.pdbx_ptnr2_label_alt_id'        
32 2 'Structure model' '_struct_conn.ptnr1_auth_asym_id'             
33 2 'Structure model' '_struct_conn.ptnr1_auth_comp_id'             
34 2 'Structure model' '_struct_conn.ptnr1_auth_seq_id'              
35 2 'Structure model' '_struct_conn.ptnr1_label_asym_id'            
36 2 'Structure model' '_struct_conn.ptnr1_label_atom_id'            
37 2 'Structure model' '_struct_conn.ptnr1_label_comp_id'            
38 2 'Structure model' '_struct_conn.ptnr1_label_seq_id'             
39 2 'Structure model' '_struct_conn.ptnr1_symmetry'                 
40 2 'Structure model' '_struct_conn.ptnr2_auth_asym_id'             
41 2 'Structure model' '_struct_conn.ptnr2_auth_comp_id'             
42 2 'Structure model' '_struct_conn.ptnr2_auth_seq_id'              
43 2 'Structure model' '_struct_conn.ptnr2_label_asym_id'            
44 2 'Structure model' '_struct_conn.ptnr2_label_atom_id'            
45 2 'Structure model' '_struct_conn.ptnr2_label_comp_id'            
46 2 'Structure model' '_struct_conn.ptnr2_label_seq_id'             
47 2 'Structure model' '_struct_conn.ptnr2_symmetry'                 
# 
_pdbx_database_PDB_obs_spr.id               SPRSDE 
_pdbx_database_PDB_obs_spr.date             2016-06-29 
_pdbx_database_PDB_obs_spr.pdb_id           5IHD 
_pdbx_database_PDB_obs_spr.replace_pdb_id   4XQY 
_pdbx_database_PDB_obs_spr.details          ? 
# 
_pdbx_database_status.status_code                     REL 
_pdbx_database_status.status_code_sf                  REL 
_pdbx_database_status.status_code_mr                  ? 
_pdbx_database_status.entry_id                        5IHD 
_pdbx_database_status.recvd_initial_deposition_date   2016-02-29 
_pdbx_database_status.SG_entry                        N 
_pdbx_database_status.deposit_site                    RCSB 
_pdbx_database_status.process_site                    PDBE 
_pdbx_database_status.status_code_cs                  ? 
_pdbx_database_status.methods_development_category    ? 
_pdbx_database_status.pdb_format_compatible           Y 
_pdbx_database_status.status_code_nmr_data            ? 
# 
loop_
_audit_author.name 
_audit_author.pdbx_ordinal 
_audit_author.identifier_ORCID 
'Rohner, M.'        1 ? 
'Medina-Molner, A.' 2 ? 
'Spingler, B.'      3 ? 
# 
_citation.abstract                  ? 
_citation.abstract_id_CAS           ? 
_citation.book_id_ISBN              ? 
_citation.book_publisher            ? 
_citation.book_publisher_city       ? 
_citation.book_title                ? 
_citation.coordinate_linkage        ? 
_citation.country                   US 
_citation.database_id_Medline       ? 
_citation.details                   ? 
_citation.id                        primary 
_citation.journal_abbrev            Inorg.Chem. 
_citation.journal_id_ASTM           INOCAJ 
_citation.journal_id_CSD            0009 
_citation.journal_id_ISSN           0020-1669 
_citation.journal_full              ? 
_citation.journal_issue             ? 
_citation.journal_volume            55 
_citation.language                  ? 
_citation.page_first                6130 
_citation.page_last                 6140 
_citation.title                     'N,N,O and N,O,N Meridional cis Coordination of Two Guanines to Copper(II) by d(CGCGCG)2.' 
_citation.year                      2016 
_citation.database_id_CSD           ? 
_citation.pdbx_database_id_DOI      10.1021/acs.inorgchem.6b00672 
_citation.pdbx_database_id_PubMed   27266259 
_citation.unpublished_flag          ? 
# 
loop_
_citation_author.citation_id 
_citation_author.name 
_citation_author.ordinal 
_citation_author.identifier_ORCID 
primary 'Rohner, M.'        1 ? 
primary 'Medina-Molner, A.' 2 ? 
primary 'Spingler, B.'      3 ? 
# 
loop_
_entity.id 
_entity.type 
_entity.src_method 
_entity.pdbx_description 
_entity.formula_weight 
_entity.pdbx_number_of_molecules 
_entity.pdbx_ec 
_entity.pdbx_mutation 
_entity.pdbx_fragment 
_entity.details 
1 polymer     syn 
;DNA (5'-D(*CP*GP*CP*GP*CP*G)-3')
;
1810.205 4   ? ? ? ? 
2 non-polymer syn 'COPPER (II) ION'                  63.546   4   ? ? ? ? 
3 non-polymer syn 'CALCIUM ION'                      40.078   2   ? ? ? ? 
4 non-polymer syn '(2S)-2-HYDROXYPROPANOIC ACID'     90.078   2   ? ? ? ? 
5 non-polymer syn 'SUCCINIC ACID'                    118.088  1   ? ? ? ? 
6 water       nat water                              18.015   133 ? ? ? ? 
# 
_entity_poly.entity_id                      1 
_entity_poly.type                           polydeoxyribonucleotide 
_entity_poly.nstd_linkage                   no 
_entity_poly.nstd_monomer                   no 
_entity_poly.pdbx_seq_one_letter_code       '(DC)(DG)(DC)(DG)(DC)(DG)' 
_entity_poly.pdbx_seq_one_letter_code_can   CGCGCG 
_entity_poly.pdbx_strand_id                 A,B,C,D 
_entity_poly.pdbx_target_identifier         ? 
# 
loop_
_pdbx_entity_nonpoly.entity_id 
_pdbx_entity_nonpoly.name 
_pdbx_entity_nonpoly.comp_id 
2 'COPPER (II) ION'              CU  
3 'CALCIUM ION'                  CA  
4 '(2S)-2-HYDROXYPROPANOIC ACID' 2OP 
5 'SUCCINIC ACID'                SIN 
6 water                          HOH 
# 
loop_
_entity_poly_seq.entity_id 
_entity_poly_seq.num 
_entity_poly_seq.mon_id 
_entity_poly_seq.hetero 
1 1 DC n 
1 2 DG n 
1 3 DC n 
1 4 DG n 
1 5 DC n 
1 6 DG n 
# 
_pdbx_entity_src_syn.entity_id              1 
_pdbx_entity_src_syn.pdbx_src_id            1 
_pdbx_entity_src_syn.pdbx_alt_source_flag   sample 
_pdbx_entity_src_syn.pdbx_beg_seq_num       1 
_pdbx_entity_src_syn.pdbx_end_seq_num       6 
_pdbx_entity_src_syn.organism_scientific    'synthetic construct' 
_pdbx_entity_src_syn.organism_common_name   ? 
_pdbx_entity_src_syn.ncbi_taxonomy_id       32630 
_pdbx_entity_src_syn.details                ? 
# 
loop_
_chem_comp.id 
_chem_comp.type 
_chem_comp.mon_nstd_flag 
_chem_comp.name 
_chem_comp.pdbx_synonyms 
_chem_comp.formula 
_chem_comp.formula_weight 
2OP non-polymer   . '(2S)-2-HYDROXYPROPANOIC ACID'       ? 'C3 H6 O3'        90.078  
CA  non-polymer   . 'CALCIUM ION'                        ? 'Ca 2'            40.078  
CU  non-polymer   . 'COPPER (II) ION'                    ? 'Cu 2'            63.546  
DC  'DNA linking' y "2'-DEOXYCYTIDINE-5'-MONOPHOSPHATE"  ? 'C9 H14 N3 O7 P'  307.197 
DG  'DNA linking' y "2'-DEOXYGUANOSINE-5'-MONOPHOSPHATE" ? 'C10 H14 N5 O7 P' 347.221 
HOH non-polymer   . WATER                                ? 'H2 O'            18.015  
SIN non-polymer   . 'SUCCINIC ACID'                      ? 'C4 H6 O4'        118.088 
# 
loop_
_pdbx_poly_seq_scheme.asym_id 
_pdbx_poly_seq_scheme.entity_id 
_pdbx_poly_seq_scheme.seq_id 
_pdbx_poly_seq_scheme.mon_id 
_pdbx_poly_seq_scheme.ndb_seq_num 
_pdbx_poly_seq_scheme.pdb_seq_num 
_pdbx_poly_seq_scheme.auth_seq_num 
_pdbx_poly_seq_scheme.pdb_mon_id 
_pdbx_poly_seq_scheme.auth_mon_id 
_pdbx_poly_seq_scheme.pdb_strand_id 
_pdbx_poly_seq_scheme.pdb_ins_code 
_pdbx_poly_seq_scheme.hetero 
A 1 1 DC 1 1 1 DC DC A . n 
A 1 2 DG 2 2 2 DG DG A . n 
A 1 3 DC 3 3 3 DC DC A . n 
A 1 4 DG 4 4 4 DG DG A . n 
A 1 5 DC 5 5 5 DC DC A . n 
A 1 6 DG 6 6 6 DG DG A . n 
B 1 1 DC 1 1 1 DC DC B . n 
B 1 2 DG 2 2 2 DG DG B . n 
B 1 3 DC 3 3 3 DC DC B . n 
B 1 4 DG 4 4 4 DG DG B . n 
B 1 5 DC 5 5 5 DC DC B . n 
B 1 6 DG 6 6 6 DG DG B . n 
C 1 1 DC 1 1 1 DC DC C . n 
C 1 2 DG 2 2 2 DG DG C . n 
C 1 3 DC 3 3 3 DC DC C . n 
C 1 4 DG 4 4 4 DG DG C . n 
C 1 5 DC 5 5 5 DC DC C . n 
C 1 6 DG 6 6 6 DG DG C . n 
D 1 1 DC 1 1 1 DC DC D . n 
D 1 2 DG 2 2 2 DG DG D . n 
D 1 3 DC 3 3 3 DC DC D . n 
D 1 4 DG 4 4 4 DG DG D . n 
D 1 5 DC 5 5 5 DC DC D . n 
D 1 6 DG 6 6 6 DG DG D . n 
# 
loop_
_pdbx_nonpoly_scheme.asym_id 
_pdbx_nonpoly_scheme.entity_id 
_pdbx_nonpoly_scheme.mon_id 
_pdbx_nonpoly_scheme.ndb_seq_num 
_pdbx_nonpoly_scheme.pdb_seq_num 
_pdbx_nonpoly_scheme.auth_seq_num 
_pdbx_nonpoly_scheme.pdb_mon_id 
_pdbx_nonpoly_scheme.auth_mon_id 
_pdbx_nonpoly_scheme.pdb_strand_id 
_pdbx_nonpoly_scheme.pdb_ins_code 
E 2 CU  1  101 2   CU  CU  A . 
F 3 CA  1  102 6   CA  CA  A . 
G 4 2OP 1  103 1   2OP 2OP A . 
H 2 CU  1  101 1   CU  CU  B . 
I 2 CU  1  102 3   CU  CU  B . 
J 4 2OP 1  103 2   2OP 2OP B . 
K 2 CU  1  101 4   CU  CU  C . 
L 3 CA  1  102 5   CA  CA  C . 
M 5 SIN 1  101 3   SIN SIN D . 
N 6 HOH 1  201 240 HOH HOH A . 
N 6 HOH 2  202 232 HOH HOH A . 
N 6 HOH 3  203 191 HOH HOH A . 
N 6 HOH 4  204 218 HOH HOH A . 
N 6 HOH 5  205 131 HOH HOH A . 
N 6 HOH 6  206 143 HOH HOH A . 
N 6 HOH 7  207 151 HOH HOH A . 
N 6 HOH 8  208 192 HOH HOH A . 
N 6 HOH 9  209 146 HOH HOH A . 
N 6 HOH 10 210 156 HOH HOH A . 
N 6 HOH 11 211 164 HOH HOH A . 
N 6 HOH 12 212 207 HOH HOH A . 
N 6 HOH 13 213 122 HOH HOH A . 
N 6 HOH 14 214 216 HOH HOH A . 
N 6 HOH 15 215 198 HOH HOH A . 
N 6 HOH 16 216 135 HOH HOH A . 
N 6 HOH 17 217 220 HOH HOH A . 
N 6 HOH 18 218 189 HOH HOH A . 
N 6 HOH 19 219 214 HOH HOH A . 
N 6 HOH 20 220 211 HOH HOH A . 
N 6 HOH 21 221 248 HOH HOH A . 
N 6 HOH 22 222 209 HOH HOH A . 
N 6 HOH 23 223 173 HOH HOH A . 
N 6 HOH 24 224 249 HOH HOH A . 
N 6 HOH 25 225 120 HOH HOH A . 
N 6 HOH 26 226 167 HOH HOH A . 
N 6 HOH 27 227 145 HOH HOH A . 
N 6 HOH 28 228 197 HOH HOH A . 
N 6 HOH 29 229 186 HOH HOH A . 
N 6 HOH 30 230 247 HOH HOH A . 
N 6 HOH 31 231 238 HOH HOH A . 
N 6 HOH 32 232 246 HOH HOH A . 
N 6 HOH 33 233 177 HOH HOH A . 
N 6 HOH 34 234 188 HOH HOH A . 
N 6 HOH 35 235 123 HOH HOH A . 
N 6 HOH 36 236 172 HOH HOH A . 
N 6 HOH 37 237 165 HOH HOH A . 
N 6 HOH 38 238 244 HOH HOH A . 
N 6 HOH 39 239 154 HOH HOH A . 
O 6 HOH 1  201 201 HOH HOH B . 
O 6 HOH 2  202 212 HOH HOH B . 
O 6 HOH 3  203 213 HOH HOH B . 
O 6 HOH 4  204 130 HOH HOH B . 
O 6 HOH 5  205 250 HOH HOH B . 
O 6 HOH 6  206 235 HOH HOH B . 
O 6 HOH 7  207 179 HOH HOH B . 
O 6 HOH 8  208 204 HOH HOH B . 
O 6 HOH 9  209 144 HOH HOH B . 
O 6 HOH 10 210 111 HOH HOH B . 
O 6 HOH 11 211 102 HOH HOH B . 
O 6 HOH 12 212 225 HOH HOH B . 
O 6 HOH 13 213 107 HOH HOH B . 
O 6 HOH 14 214 106 HOH HOH B . 
O 6 HOH 15 215 100 HOH HOH B . 
O 6 HOH 16 216 137 HOH HOH B . 
O 6 HOH 17 217 170 HOH HOH B . 
O 6 HOH 18 218 116 HOH HOH B . 
O 6 HOH 19 219 105 HOH HOH B . 
O 6 HOH 20 220 153 HOH HOH B . 
O 6 HOH 21 221 155 HOH HOH B . 
O 6 HOH 22 222 141 HOH HOH B . 
O 6 HOH 23 223 171 HOH HOH B . 
O 6 HOH 24 224 125 HOH HOH B . 
O 6 HOH 25 225 234 HOH HOH B . 
O 6 HOH 26 226 183 HOH HOH B . 
O 6 HOH 27 227 245 HOH HOH B . 
P 6 HOH 1  201 117 HOH HOH C . 
P 6 HOH 2  202 166 HOH HOH C . 
P 6 HOH 3  203 196 HOH HOH C . 
P 6 HOH 4  204 142 HOH HOH C . 
P 6 HOH 5  205 224 HOH HOH C . 
P 6 HOH 6  206 119 HOH HOH C . 
P 6 HOH 7  207 110 HOH HOH C . 
P 6 HOH 8  208 219 HOH HOH C . 
P 6 HOH 9  209 193 HOH HOH C . 
P 6 HOH 10 210 133 HOH HOH C . 
P 6 HOH 11 211 215 HOH HOH C . 
P 6 HOH 12 212 108 HOH HOH C . 
P 6 HOH 13 213 114 HOH HOH C . 
P 6 HOH 14 214 118 HOH HOH C . 
P 6 HOH 15 215 101 HOH HOH C . 
P 6 HOH 16 216 134 HOH HOH C . 
P 6 HOH 17 217 226 HOH HOH C . 
P 6 HOH 18 218 206 HOH HOH C . 
P 6 HOH 19 219 202 HOH HOH C . 
P 6 HOH 20 220 205 HOH HOH C . 
P 6 HOH 21 221 152 HOH HOH C . 
P 6 HOH 22 222 129 HOH HOH C . 
P 6 HOH 23 223 222 HOH HOH C . 
P 6 HOH 24 224 149 HOH HOH C . 
P 6 HOH 25 225 200 HOH HOH C . 
P 6 HOH 26 226 182 HOH HOH C . 
P 6 HOH 27 227 190 HOH HOH C . 
P 6 HOH 28 228 221 HOH HOH C . 
Q 6 HOH 1  201 181 HOH HOH D . 
Q 6 HOH 2  202 112 HOH HOH D . 
Q 6 HOH 3  203 138 HOH HOH D . 
Q 6 HOH 4  204 140 HOH HOH D . 
Q 6 HOH 5  205 147 HOH HOH D . 
Q 6 HOH 6  206 139 HOH HOH D . 
Q 6 HOH 7  207 157 HOH HOH D . 
Q 6 HOH 8  208 176 HOH HOH D . 
Q 6 HOH 9  209 103 HOH HOH D . 
Q 6 HOH 10 210 160 HOH HOH D . 
Q 6 HOH 11 211 228 HOH HOH D . 
Q 6 HOH 12 212 203 HOH HOH D . 
Q 6 HOH 13 213 104 HOH HOH D . 
Q 6 HOH 14 214 132 HOH HOH D . 
Q 6 HOH 15 215 180 HOH HOH D . 
Q 6 HOH 16 216 162 HOH HOH D . 
Q 6 HOH 17 217 109 HOH HOH D . 
Q 6 HOH 18 218 128 HOH HOH D . 
Q 6 HOH 19 219 217 HOH HOH D . 
Q 6 HOH 20 220 115 HOH HOH D . 
Q 6 HOH 21 221 168 HOH HOH D . 
Q 6 HOH 22 222 150 HOH HOH D . 
Q 6 HOH 23 223 127 HOH HOH D . 
Q 6 HOH 24 224 126 HOH HOH D . 
Q 6 HOH 25 225 185 HOH HOH D . 
Q 6 HOH 26 226 163 HOH HOH D . 
Q 6 HOH 27 227 121 HOH HOH D . 
Q 6 HOH 28 228 210 HOH HOH D . 
Q 6 HOH 29 229 208 HOH HOH D . 
Q 6 HOH 30 230 148 HOH HOH D . 
Q 6 HOH 31 231 194 HOH HOH D . 
Q 6 HOH 32 232 243 HOH HOH D . 
Q 6 HOH 33 233 158 HOH HOH D . 
Q 6 HOH 34 234 199 HOH HOH D . 
Q 6 HOH 35 235 178 HOH HOH D . 
Q 6 HOH 36 236 187 HOH HOH D . 
Q 6 HOH 37 237 124 HOH HOH D . 
Q 6 HOH 38 238 161 HOH HOH D . 
Q 6 HOH 39 239 184 HOH HOH D . 
# 
loop_
_software.citation_id 
_software.classification 
_software.compiler_name 
_software.compiler_version 
_software.contact_author 
_software.contact_author_email 
_software.date 
_software.description 
_software.dependencies 
_software.hardware 
_software.language 
_software.location 
_software.mods 
_software.name 
_software.os 
_software.os_version 
_software.type 
_software.version 
_software.pdbx_ordinal 
? refinement       ? ? ? ? ? ? ? ? ? ? ? PHENIX ? ? ? dev_1834 1 
? 'data reduction' ? ? ? ? ? ? ? ? ? ? ? X-Area ? ? ? .        2 
? 'data scaling'   ? ? ? ? ? ? ? ? ? ? ? XSCALE ? ? ? .        3 
? phasing          ? ? ? ? ? ? ? ? ? ? ? SHELXS ? ? ? .        4 
# 
_cell.angle_alpha                  90.00 
_cell.angle_alpha_esd              ? 
_cell.angle_beta                   107.50 
_cell.angle_beta_esd               ? 
_cell.angle_gamma                  90.00 
_cell.angle_gamma_esd              ? 
_cell.entry_id                     5IHD 
_cell.details                      ? 
_cell.formula_units_Z              ? 
_cell.length_a                     27.487 
_cell.length_a_esd                 ? 
_cell.length_b                     35.576 
_cell.length_b_esd                 ? 
_cell.length_c                     31.044 
_cell.length_c_esd                 ? 
_cell.volume                       ? 
_cell.volume_esd                   ? 
_cell.Z_PDB                        8 
_cell.reciprocal_angle_alpha       ? 
_cell.reciprocal_angle_beta        ? 
_cell.reciprocal_angle_gamma       ? 
_cell.reciprocal_angle_alpha_esd   ? 
_cell.reciprocal_angle_beta_esd    ? 
_cell.reciprocal_angle_gamma_esd   ? 
_cell.reciprocal_length_a          ? 
_cell.reciprocal_length_b          ? 
_cell.reciprocal_length_c          ? 
_cell.reciprocal_length_a_esd      ? 
_cell.reciprocal_length_b_esd      ? 
_cell.reciprocal_length_c_esd      ? 
_cell.pdbx_unique_axis             ? 
# 
_symmetry.entry_id                         5IHD 
_symmetry.cell_setting                     ? 
_symmetry.Int_Tables_number                4 
_symmetry.space_group_name_Hall            ? 
_symmetry.space_group_name_H-M             'P 1 21 1' 
_symmetry.pdbx_full_space_group_name_H-M   ? 
# 
_exptl.absorpt_coefficient_mu     ? 
_exptl.absorpt_correction_T_max   ? 
_exptl.absorpt_correction_T_min   ? 
_exptl.absorpt_correction_type    ? 
_exptl.absorpt_process_details    ? 
_exptl.entry_id                   5IHD 
_exptl.crystals_number            1 
_exptl.details                    ? 
_exptl.method                     'X-RAY DIFFRACTION' 
_exptl.method_details             ? 
# 
_exptl_crystal.colour                      ? 
_exptl_crystal.density_diffrn              ? 
_exptl_crystal.density_Matthews            2.00 
_exptl_crystal.density_method              ? 
_exptl_crystal.density_percent_sol         38.48 
_exptl_crystal.description                 ? 
_exptl_crystal.F_000                       ? 
_exptl_crystal.id                          1 
_exptl_crystal.preparation                 ? 
_exptl_crystal.size_max                    ? 
_exptl_crystal.size_mid                    ? 
_exptl_crystal.size_min                    ? 
_exptl_crystal.size_rad                    ? 
_exptl_crystal.colour_lustre               ? 
_exptl_crystal.colour_modifier             ? 
_exptl_crystal.colour_primary              ? 
_exptl_crystal.density_meas                ? 
_exptl_crystal.density_meas_esd            ? 
_exptl_crystal.density_meas_gt             ? 
_exptl_crystal.density_meas_lt             ? 
_exptl_crystal.density_meas_temp           ? 
_exptl_crystal.density_meas_temp_esd       ? 
_exptl_crystal.density_meas_temp_gt        ? 
_exptl_crystal.density_meas_temp_lt        ? 
_exptl_crystal.pdbx_crystal_image_url      ? 
_exptl_crystal.pdbx_crystal_image_format   ? 
_exptl_crystal.pdbx_mosaicity              ? 
_exptl_crystal.pdbx_mosaicity_esd          ? 
# 
_exptl_crystal_grow.apparatus       ? 
_exptl_crystal_grow.atmosphere      ? 
_exptl_crystal_grow.crystal_id      1 
_exptl_crystal_grow.details         ? 
_exptl_crystal_grow.method          MICROBATCH 
_exptl_crystal_grow.method_ref      ? 
_exptl_crystal_grow.pH              6 
_exptl_crystal_grow.pressure        ? 
_exptl_crystal_grow.pressure_esd    ? 
_exptl_crystal_grow.seeding         ? 
_exptl_crystal_grow.seeding_ref     ? 
_exptl_crystal_grow.temp            296 
_exptl_crystal_grow.temp_details    ? 
_exptl_crystal_grow.temp_esd        ? 
_exptl_crystal_grow.time            ? 
_exptl_crystal_grow.pdbx_details    '1.2 mM d(CG)3, 1.2 mM di copper complex, 0.25 M MES pH 6, 25 mM Ca(lactate)2, 2.5% EtOAc' 
_exptl_crystal_grow.pdbx_pH_range   ? 
# 
_diffrn.ambient_environment    ? 
_diffrn.ambient_temp           183 
_diffrn.ambient_temp_details   ? 
_diffrn.ambient_temp_esd       ? 
_diffrn.crystal_id             1 
_diffrn.crystal_support        ? 
_diffrn.crystal_treatment      ? 
_diffrn.details                ? 
_diffrn.id                     1 
_diffrn.ambient_pressure       ? 
_diffrn.ambient_pressure_esd   ? 
_diffrn.ambient_pressure_gt    ? 
_diffrn.ambient_pressure_lt    ? 
_diffrn.ambient_temp_gt        ? 
_diffrn.ambient_temp_lt        ? 
# 
_diffrn_detector.details                      ? 
_diffrn_detector.detector                     'IMAGE PLATE' 
_diffrn_detector.diffrn_id                    1 
_diffrn_detector.type                         STOE 
_diffrn_detector.area_resol_mean              ? 
_diffrn_detector.dtime                        ? 
_diffrn_detector.pdbx_frames_total            ? 
_diffrn_detector.pdbx_collection_time_total   ? 
_diffrn_detector.pdbx_collection_date         2005-11-07 
# 
_diffrn_radiation.collimation                      ? 
_diffrn_radiation.diffrn_id                        1 
_diffrn_radiation.filter_edge                      ? 
_diffrn_radiation.inhomogeneity                    ? 
_diffrn_radiation.monochromator                    GRAPHITE 
_diffrn_radiation.polarisn_norm                    ? 
_diffrn_radiation.polarisn_ratio                   ? 
_diffrn_radiation.probe                            ? 
_diffrn_radiation.type                             ? 
_diffrn_radiation.xray_symbol                      ? 
_diffrn_radiation.wavelength_id                    1 
_diffrn_radiation.pdbx_monochromatic_or_laue_m_l   M 
_diffrn_radiation.pdbx_wavelength_list             ? 
_diffrn_radiation.pdbx_wavelength                  ? 
_diffrn_radiation.pdbx_diffrn_protocol             'SINGLE WAVELENGTH' 
_diffrn_radiation.pdbx_analyzer                    ? 
_diffrn_radiation.pdbx_scattering_type             x-ray 
# 
_diffrn_radiation_wavelength.id           1 
_diffrn_radiation_wavelength.wavelength   1.54 
_diffrn_radiation_wavelength.wt           1.0 
# 
_diffrn_source.current                     ? 
_diffrn_source.details                     ? 
_diffrn_source.diffrn_id                   1 
_diffrn_source.power                       ? 
_diffrn_source.size                        ? 
_diffrn_source.source                      'SEALED TUBE' 
_diffrn_source.target                      ? 
_diffrn_source.type                        'Long fine focus' 
_diffrn_source.voltage                     ? 
_diffrn_source.take-off_angle              ? 
_diffrn_source.pdbx_wavelength_list        1.54 
_diffrn_source.pdbx_wavelength             ? 
_diffrn_source.pdbx_synchrotron_beamline   ? 
_diffrn_source.pdbx_synchrotron_site       ? 
# 
_reflns.B_iso_Wilson_estimate            ? 
_reflns.entry_id                         5IHD 
_reflns.data_reduction_details           ? 
_reflns.data_reduction_method            ? 
_reflns.d_resolution_high                1.570 
_reflns.d_resolution_low                 26.215 
_reflns.details                          ? 
_reflns.limit_h_max                      ? 
_reflns.limit_h_min                      ? 
_reflns.limit_k_max                      ? 
_reflns.limit_k_min                      ? 
_reflns.limit_l_max                      ? 
_reflns.limit_l_min                      ? 
_reflns.number_all                       ? 
_reflns.number_obs                       7934 
_reflns.observed_criterion               ? 
_reflns.observed_criterion_F_max         ? 
_reflns.observed_criterion_F_min         ? 
_reflns.observed_criterion_I_max         ? 
_reflns.observed_criterion_I_min         ? 
_reflns.observed_criterion_sigma_F       4 
_reflns.observed_criterion_sigma_I       2 
_reflns.percent_possible_obs             97.9 
_reflns.R_free_details                   ? 
_reflns.Rmerge_F_all                     ? 
_reflns.Rmerge_F_obs                     ? 
_reflns.Friedel_coverage                 ? 
_reflns.number_gt                        ? 
_reflns.threshold_expression             ? 
_reflns.pdbx_redundancy                  6.8 
_reflns.pdbx_Rmerge_I_obs                0.069 
_reflns.pdbx_Rmerge_I_all                ? 
_reflns.pdbx_Rsym_value                  ? 
_reflns.pdbx_netI_over_av_sigmaI         ? 
_reflns.pdbx_netI_over_sigmaI            16.51 
_reflns.pdbx_res_netI_over_av_sigmaI_2   ? 
_reflns.pdbx_res_netI_over_sigmaI_2      ? 
_reflns.pdbx_chi_squared                 ? 
_reflns.pdbx_scaling_rejects             ? 
_reflns.pdbx_d_res_high_opt              ? 
_reflns.pdbx_d_res_low_opt               ? 
_reflns.pdbx_d_res_opt_method            ? 
_reflns.phase_calculation_details        ? 
_reflns.pdbx_Rrim_I_all                  ? 
_reflns.pdbx_Rpim_I_all                  ? 
_reflns.pdbx_d_opt                       ? 
_reflns.pdbx_number_measured_all         ? 
_reflns.pdbx_diffrn_id                   1 
_reflns.pdbx_ordinal                     1 
_reflns.pdbx_CC_half                     ? 
_reflns.pdbx_R_split                     ? 
# 
_reflns_shell.d_res_high                  1.57 
_reflns_shell.d_res_low                   1.70 
_reflns_shell.meanI_over_sigI_all         ? 
_reflns_shell.meanI_over_sigI_obs         3.77 
_reflns_shell.number_measured_all         ? 
_reflns_shell.number_measured_obs         ? 
_reflns_shell.number_possible             ? 
_reflns_shell.number_unique_all           ? 
_reflns_shell.number_unique_obs           ? 
_reflns_shell.percent_possible_all        89 
_reflns_shell.percent_possible_obs        ? 
_reflns_shell.Rmerge_F_all                ? 
_reflns_shell.Rmerge_F_obs                ? 
_reflns_shell.Rmerge_I_all                ? 
_reflns_shell.Rmerge_I_obs                0.1736 
_reflns_shell.meanI_over_sigI_gt          ? 
_reflns_shell.meanI_over_uI_all           ? 
_reflns_shell.meanI_over_uI_gt            ? 
_reflns_shell.number_measured_gt          ? 
_reflns_shell.number_unique_gt            ? 
_reflns_shell.percent_possible_gt         ? 
_reflns_shell.Rmerge_F_gt                 ? 
_reflns_shell.Rmerge_I_gt                 ? 
_reflns_shell.pdbx_redundancy             2.96 
_reflns_shell.pdbx_Rsym_value             ? 
_reflns_shell.pdbx_chi_squared            ? 
_reflns_shell.pdbx_netI_over_sigmaI_all   ? 
_reflns_shell.pdbx_netI_over_sigmaI_obs   ? 
_reflns_shell.pdbx_Rrim_I_all             ? 
_reflns_shell.pdbx_Rpim_I_all             ? 
_reflns_shell.pdbx_rejects                ? 
_reflns_shell.pdbx_ordinal                1 
_reflns_shell.pdbx_diffrn_id              1 
_reflns_shell.pdbx_CC_half                ? 
_reflns_shell.pdbx_R_split                ? 
# 
_refine.aniso_B[1][1]                            ? 
_refine.aniso_B[1][2]                            ? 
_refine.aniso_B[1][3]                            ? 
_refine.aniso_B[2][2]                            ? 
_refine.aniso_B[2][3]                            ? 
_refine.aniso_B[3][3]                            ? 
_refine.B_iso_max                                ? 
_refine.B_iso_mean                               ? 
_refine.B_iso_min                                ? 
_refine.correlation_coeff_Fo_to_Fc               ? 
_refine.correlation_coeff_Fo_to_Fc_free          ? 
_refine.details                                  ? 
_refine.diff_density_max                         ? 
_refine.diff_density_max_esd                     ? 
_refine.diff_density_min                         ? 
_refine.diff_density_min_esd                     ? 
_refine.diff_density_rms                         ? 
_refine.diff_density_rms_esd                     ? 
_refine.entry_id                                 5IHD 
_refine.pdbx_refine_id                           'X-RAY DIFFRACTION' 
_refine.ls_abs_structure_details                 ? 
_refine.ls_abs_structure_Flack                   ? 
_refine.ls_abs_structure_Flack_esd               ? 
_refine.ls_abs_structure_Rogers                  ? 
_refine.ls_abs_structure_Rogers_esd              ? 
_refine.ls_d_res_high                            1.570 
_refine.ls_d_res_low                             26.215 
_refine.ls_extinction_coef                       ? 
_refine.ls_extinction_coef_esd                   ? 
_refine.ls_extinction_expression                 ? 
_refine.ls_extinction_method                     ? 
_refine.ls_goodness_of_fit_all                   ? 
_refine.ls_goodness_of_fit_all_esd               ? 
_refine.ls_goodness_of_fit_obs                   ? 
_refine.ls_goodness_of_fit_obs_esd               ? 
_refine.ls_hydrogen_treatment                    ? 
_refine.ls_matrix_type                           ? 
_refine.ls_number_constraints                    ? 
_refine.ls_number_parameters                     ? 
_refine.ls_number_reflns_all                     ? 
_refine.ls_number_reflns_obs                     7934 
_refine.ls_number_reflns_R_free                  408 
_refine.ls_number_reflns_R_work                  ? 
_refine.ls_number_restraints                     ? 
_refine.ls_percent_reflns_obs                    97.90 
_refine.ls_percent_reflns_R_free                 5.14 
_refine.ls_R_factor_all                          ? 
_refine.ls_R_factor_obs                          0.1620 
_refine.ls_R_factor_R_free                       0.1900 
_refine.ls_R_factor_R_free_error                 ? 
_refine.ls_R_factor_R_free_error_details         ? 
_refine.ls_R_factor_R_work                       0.1605 
_refine.ls_R_Fsqd_factor_obs                     ? 
_refine.ls_R_I_factor_obs                        ? 
_refine.ls_redundancy_reflns_all                 ? 
_refine.ls_redundancy_reflns_obs                 ? 
_refine.ls_restrained_S_all                      ? 
_refine.ls_restrained_S_obs                      ? 
_refine.ls_shift_over_esd_max                    ? 
_refine.ls_shift_over_esd_mean                   ? 
_refine.ls_structure_factor_coef                 ? 
_refine.ls_weighting_details                     ? 
_refine.ls_weighting_scheme                      ? 
_refine.ls_wR_factor_all                         ? 
_refine.ls_wR_factor_obs                         ? 
_refine.ls_wR_factor_R_free                      ? 
_refine.ls_wR_factor_R_work                      ? 
_refine.occupancy_max                            ? 
_refine.occupancy_min                            ? 
_refine.solvent_model_details                    ? 
_refine.solvent_model_param_bsol                 ? 
_refine.solvent_model_param_ksol                 ? 
_refine.ls_R_factor_gt                           ? 
_refine.ls_goodness_of_fit_gt                    ? 
_refine.ls_goodness_of_fit_ref                   ? 
_refine.ls_shift_over_su_max                     ? 
_refine.ls_shift_over_su_max_lt                  ? 
_refine.ls_shift_over_su_mean                    ? 
_refine.ls_shift_over_su_mean_lt                 ? 
_refine.pdbx_ls_sigma_I                          ? 
_refine.pdbx_ls_sigma_F                          1.39 
_refine.pdbx_ls_sigma_Fsqd                       ? 
_refine.pdbx_data_cutoff_high_absF               ? 
_refine.pdbx_data_cutoff_high_rms_absF           ? 
_refine.pdbx_data_cutoff_low_absF                ? 
_refine.pdbx_isotropic_thermal_model             ? 
_refine.pdbx_ls_cross_valid_method               'FREE R-VALUE' 
_refine.pdbx_method_to_determine_struct          'MOLECULAR REPLACEMENT' 
_refine.pdbx_starting_model                      2DCG 
_refine.pdbx_stereochemistry_target_values       ? 
_refine.pdbx_R_Free_selection_details            ? 
_refine.pdbx_stereochem_target_val_spec_case     ? 
_refine.pdbx_overall_ESU_R                       ? 
_refine.pdbx_overall_ESU_R_Free                  ? 
_refine.pdbx_solvent_vdw_probe_radii             1.11 
_refine.pdbx_solvent_ion_probe_radii             ? 
_refine.pdbx_solvent_shrinkage_radii             0.90 
_refine.pdbx_real_space_R                        ? 
_refine.pdbx_density_correlation                 ? 
_refine.pdbx_pd_number_of_powder_patterns        ? 
_refine.pdbx_pd_number_of_points                 ? 
_refine.pdbx_pd_meas_number_of_points            ? 
_refine.pdbx_pd_proc_ls_prof_R_factor            ? 
_refine.pdbx_pd_proc_ls_prof_wR_factor           ? 
_refine.pdbx_pd_Marquardt_correlation_coeff      ? 
_refine.pdbx_pd_Fsqrd_R_factor                   ? 
_refine.pdbx_pd_ls_matrix_band_width             ? 
_refine.pdbx_overall_phase_error                 19.20 
_refine.pdbx_overall_SU_R_free_Cruickshank_DPI   ? 
_refine.pdbx_overall_SU_R_free_Blow_DPI          ? 
_refine.pdbx_overall_SU_R_Blow_DPI               ? 
_refine.pdbx_TLS_residual_ADP_flag               ? 
_refine.pdbx_diffrn_id                           1 
_refine.overall_SU_B                             ? 
_refine.overall_SU_ML                            0.15 
_refine.overall_SU_R_Cruickshank_DPI             ? 
_refine.overall_SU_R_free                        ? 
_refine.overall_FOM_free_R_set                   ? 
_refine.overall_FOM_work_R_set                   ? 
_refine.pdbx_average_fsc_overall                 ? 
_refine.pdbx_average_fsc_work                    ? 
_refine.pdbx_average_fsc_free                    ? 
# 
_refine_hist.pdbx_refine_id                   'X-RAY DIFFRACTION' 
_refine_hist.cycle_id                         LAST 
_refine_hist.pdbx_number_atoms_protein        0 
_refine_hist.pdbx_number_atoms_nucleic_acid   480 
_refine_hist.pdbx_number_atoms_ligand         26 
_refine_hist.number_atoms_solvent             133 
_refine_hist.number_atoms_total               639 
_refine_hist.d_res_high                       1.570 
_refine_hist.d_res_low                        26.215 
# 
loop_
_refine_ls_restr.pdbx_refine_id 
_refine_ls_restr.criterion 
_refine_ls_restr.dev_ideal 
_refine_ls_restr.dev_ideal_target 
_refine_ls_restr.number 
_refine_ls_restr.rejects 
_refine_ls_restr.type 
_refine_ls_restr.weight 
_refine_ls_restr.pdbx_restraint_function 
'X-RAY DIFFRACTION' ? 0.007  ? 570 ? f_bond_d           ? ? 
'X-RAY DIFFRACTION' ? 1.048  ? 873 ? f_angle_d          ? ? 
'X-RAY DIFFRACTION' ? 29.428 ? 244 ? f_dihedral_angle_d ? ? 
'X-RAY DIFFRACTION' ? 0.054  ? 98  ? f_chiral_restr     ? ? 
'X-RAY DIFFRACTION' ? 0.007  ? 28  ? f_plane_restr      ? ? 
# 
loop_
_refine_ls_shell.pdbx_refine_id 
_refine_ls_shell.d_res_high 
_refine_ls_shell.d_res_low 
_refine_ls_shell.number_reflns_all 
_refine_ls_shell.number_reflns_obs 
_refine_ls_shell.number_reflns_R_free 
_refine_ls_shell.number_reflns_R_work 
_refine_ls_shell.percent_reflns_obs 
_refine_ls_shell.percent_reflns_R_free 
_refine_ls_shell.R_factor_all 
_refine_ls_shell.R_factor_obs 
_refine_ls_shell.R_factor_R_free 
_refine_ls_shell.R_factor_R_free_error 
_refine_ls_shell.R_factor_R_work 
_refine_ls_shell.redundancy_reflns_all 
_refine_ls_shell.redundancy_reflns_obs 
_refine_ls_shell.wR_factor_all 
_refine_ls_shell.wR_factor_obs 
_refine_ls_shell.wR_factor_R_free 
_refine_ls_shell.wR_factor_R_work 
_refine_ls_shell.pdbx_total_number_of_bins_used 
_refine_ls_shell.pdbx_phase_error 
_refine_ls_shell.pdbx_fsc_work 
_refine_ls_shell.pdbx_fsc_free 
'X-RAY DIFFRACTION' 1.5701 1.7972  . . 125 2391 94.00  . . . 0.2077 . 0.1736 . . . . . . . . . . 
'X-RAY DIFFRACTION' 1.7972 2.2641  . . 137 2564 100.00 . . . 0.2199 . 0.1703 . . . . . . . . . . 
'X-RAY DIFFRACTION' 2.2641 26.2185 . . 146 2571 100.00 . . . 0.1718 . 0.1518 . . . . . . . . . . 
# 
_struct.entry_id                     5IHD 
_struct.title                        
'Calcium(II) and copper(II) bound to the Z-DNA form of d(CGCGCG), complexed by L-lactate and succinate' 
_struct.pdbx_model_details           ? 
_struct.pdbx_formula_weight          ? 
_struct.pdbx_formula_weight_method   ? 
_struct.pdbx_model_type_details      ? 
_struct.pdbx_CASP_flag               ? 
# 
_struct_keywords.entry_id        5IHD 
_struct_keywords.text            'Z-DNA, copper(II), DNA' 
_struct_keywords.pdbx_keywords   DNA 
# 
loop_
_struct_asym.id 
_struct_asym.pdbx_blank_PDB_chainid_flag 
_struct_asym.pdbx_modified 
_struct_asym.entity_id 
_struct_asym.details 
A N N 1 ? 
B N N 1 ? 
C N N 1 ? 
D N N 1 ? 
E N N 2 ? 
F N N 3 ? 
G N N 4 ? 
H N N 2 ? 
I N N 2 ? 
J N N 4 ? 
K N N 2 ? 
L N N 3 ? 
M N N 5 ? 
N N N 6 ? 
O N N 6 ? 
P N N 6 ? 
Q N N 6 ? 
# 
_struct_ref.id                         1 
_struct_ref.db_name                    PDB 
_struct_ref.db_code                    5IHD 
_struct_ref.pdbx_db_accession          5IHD 
_struct_ref.pdbx_db_isoform            ? 
_struct_ref.entity_id                  1 
_struct_ref.pdbx_seq_one_letter_code   ? 
_struct_ref.pdbx_align_begin           1 
# 
loop_
_struct_ref_seq.align_id 
_struct_ref_seq.ref_id 
_struct_ref_seq.pdbx_PDB_id_code 
_struct_ref_seq.pdbx_strand_id 
_struct_ref_seq.seq_align_beg 
_struct_ref_seq.pdbx_seq_align_beg_ins_code 
_struct_ref_seq.seq_align_end 
_struct_ref_seq.pdbx_seq_align_end_ins_code 
_struct_ref_seq.pdbx_db_accession 
_struct_ref_seq.db_align_beg 
_struct_ref_seq.pdbx_db_align_beg_ins_code 
_struct_ref_seq.db_align_end 
_struct_ref_seq.pdbx_db_align_end_ins_code 
_struct_ref_seq.pdbx_auth_seq_align_beg 
_struct_ref_seq.pdbx_auth_seq_align_end 
1 1 5IHD A 1 ? 6 ? 5IHD 1 ? 6 ? 1 6 
2 1 5IHD B 1 ? 6 ? 5IHD 1 ? 6 ? 1 6 
3 1 5IHD C 1 ? 6 ? 5IHD 1 ? 6 ? 1 6 
4 1 5IHD D 1 ? 6 ? 5IHD 1 ? 6 ? 1 6 
# 
loop_
_pdbx_struct_assembly.id 
_pdbx_struct_assembly.details 
_pdbx_struct_assembly.method_details 
_pdbx_struct_assembly.oligomeric_details 
_pdbx_struct_assembly.oligomeric_count 
1 author_and_software_defined_assembly PISA dimeric 2 
2 author_and_software_defined_assembly PISA dimeric 2 
# 
loop_
_pdbx_struct_assembly_prop.biol_id 
_pdbx_struct_assembly_prop.type 
_pdbx_struct_assembly_prop.value 
_pdbx_struct_assembly_prop.details 
1 'ABSA (A^2)' 790  ? 
1 MORE         -15  ? 
1 'SSA (A^2)'  2550 ? 
2 'ABSA (A^2)' 770  ? 
2 MORE         -15  ? 
2 'SSA (A^2)'  2440 ? 
# 
loop_
_pdbx_struct_assembly_gen.assembly_id 
_pdbx_struct_assembly_gen.oper_expression 
_pdbx_struct_assembly_gen.asym_id_list 
1 1 A,B,E,F,G,H,I,J,N,O 
2 1 C,D,K,L,M,P,Q       
# 
_pdbx_struct_oper_list.id                   1 
_pdbx_struct_oper_list.type                 'identity operation' 
_pdbx_struct_oper_list.name                 1_555 
_pdbx_struct_oper_list.symmetry_operation   x,y,z 
_pdbx_struct_oper_list.matrix[1][1]         1.0000000000 
_pdbx_struct_oper_list.matrix[1][2]         0.0000000000 
_pdbx_struct_oper_list.matrix[1][3]         0.0000000000 
_pdbx_struct_oper_list.vector[1]            0.0000000000 
_pdbx_struct_oper_list.matrix[2][1]         0.0000000000 
_pdbx_struct_oper_list.matrix[2][2]         1.0000000000 
_pdbx_struct_oper_list.matrix[2][3]         0.0000000000 
_pdbx_struct_oper_list.vector[2]            0.0000000000 
_pdbx_struct_oper_list.matrix[3][1]         0.0000000000 
_pdbx_struct_oper_list.matrix[3][2]         0.0000000000 
_pdbx_struct_oper_list.matrix[3][3]         1.0000000000 
_pdbx_struct_oper_list.vector[3]            0.0000000000 
# 
loop_
_struct_conn.id 
_struct_conn.conn_type_id 
_struct_conn.pdbx_leaving_atom_flag 
_struct_conn.pdbx_PDB_id 
_struct_conn.ptnr1_label_asym_id 
_struct_conn.ptnr1_label_comp_id 
_struct_conn.ptnr1_label_seq_id 
_struct_conn.ptnr1_label_atom_id 
_struct_conn.pdbx_ptnr1_label_alt_id 
_struct_conn.pdbx_ptnr1_PDB_ins_code 
_struct_conn.pdbx_ptnr1_standard_comp_id 
_struct_conn.ptnr1_symmetry 
_struct_conn.ptnr2_label_asym_id 
_struct_conn.ptnr2_label_comp_id 
_struct_conn.ptnr2_label_seq_id 
_struct_conn.ptnr2_label_atom_id 
_struct_conn.pdbx_ptnr2_label_alt_id 
_struct_conn.pdbx_ptnr2_PDB_ins_code 
_struct_conn.ptnr1_auth_asym_id 
_struct_conn.ptnr1_auth_comp_id 
_struct_conn.ptnr1_auth_seq_id 
_struct_conn.ptnr2_auth_asym_id 
_struct_conn.ptnr2_auth_comp_id 
_struct_conn.ptnr2_auth_seq_id 
_struct_conn.ptnr2_symmetry 
_struct_conn.pdbx_ptnr3_label_atom_id 
_struct_conn.pdbx_ptnr3_label_seq_id 
_struct_conn.pdbx_ptnr3_label_comp_id 
_struct_conn.pdbx_ptnr3_label_asym_id 
_struct_conn.pdbx_ptnr3_label_alt_id 
_struct_conn.pdbx_ptnr3_PDB_ins_code 
_struct_conn.details 
_struct_conn.pdbx_dist_value 
_struct_conn.pdbx_value_order 
_struct_conn.pdbx_role 
metalc1  metalc ? ? A DG  2 N7  ? ? ? 1_555 E CU  . CU  ? ? A DG  2   A CU  101 1_555 ? ? ? ? ? ? ?            1.980 ? ? 
metalc2  metalc ? ? A DG  2 OP1 ? ? ? 1_555 F CA  . CA  ? ? A DG  2   A CA  102 1_555 ? ? ? ? ? ? ?            2.316 ? ? 
metalc3  metalc ? ? A DG  2 OP2 ? ? ? 1_555 L CA  . CA  ? ? A DG  2   C CA  102 1_655 ? ? ? ? ? ? ?            2.348 ? ? 
metalc4  metalc ? ? E CU  . CU  ? ? ? 1_555 G 2OP . OHN ? ? A CU  101 A 2OP 103 1_555 ? ? ? ? ? ? ?            2.245 ? ? 
metalc5  metalc ? ? E CU  . CU  ? ? ? 1_555 G 2OP . OXT ? ? A CU  101 A 2OP 103 1_555 ? ? ? ? ? ? ?            1.947 ? ? 
metalc6  metalc ? ? E CU  . CU  ? ? ? 1_555 D DG  2 N7  ? ? A CU  101 D DG  2   1_555 ? ? ? ? ? ? ?            1.996 ? ? 
metalc7  metalc ? ? E CU  . CU  ? ? ? 1_555 M SIN . O4  ? ? A CU  101 D SIN 101 1_555 ? ? ? ? ? ? ?            1.984 ? ? 
metalc8  metalc ? ? F CA  . CA  ? ? ? 1_555 N HOH . O   ? ? A CA  102 A HOH 222 1_555 ? ? ? ? ? ? ?            2.430 ? ? 
metalc9  metalc ? ? F CA  . CA  ? ? ? 1_455 C DG  2 OP2 ? ? A CA  102 C DG  2   1_555 ? ? ? ? ? ? ?            2.347 ? ? 
metalc10 metalc ? ? F CA  . CA  ? ? ? 2_545 D DC  3 OP1 A ? A CA  102 D DC  3   1_555 ? ? ? ? ? ? ?            2.305 ? ? 
metalc11 metalc ? ? F CA  . CA  ? ? ? 2_545 D DC  3 OP2 B ? A CA  102 D DC  3   1_555 ? ? ? ? ? ? ?            2.549 ? ? 
metalc12 metalc ? ? F CA  . CA  ? ? ? 1_555 Q HOH . O   ? ? A CA  102 D HOH 228 2_555 ? ? ? ? ? ? ?            2.460 ? ? 
metalc13 metalc ? ? F CA  . CA  ? ? ? 1_555 Q HOH . O   ? ? A CA  102 D HOH 229 2_555 ? ? ? ? ? ? ?            2.505 ? ? 
metalc14 metalc ? ? N HOH . O   ? ? ? 1_455 L CA  . CA  ? ? A HOH 212 C CA  102 1_555 ? ? ? ? ? ? ?            2.511 ? ? 
metalc15 metalc ? ? N HOH . O   ? ? ? 1_455 L CA  . CA  ? ? A HOH 228 C CA  102 1_555 ? ? ? ? ? ? ?            2.326 ? ? 
metalc16 metalc ? ? B DG  2 N7  ? ? ? 1_555 H CU  . CU  ? ? B DG  2   B CU  101 1_555 ? ? ? ? ? ? ?            1.987 ? ? 
metalc17 metalc ? ? B DC  5 OP1 B ? ? 1_555 I CU  . CU  ? ? B DC  5   B CU  102 1_555 ? ? ? ? ? ? ?            2.699 ? ? 
metalc18 metalc ? ? B DG  6 N7  ? ? ? 1_555 I CU  . CU  ? ? B DG  6   B CU  102 1_555 ? ? ? ? ? ? ?            2.036 ? ? 
metalc19 metalc ? ? H CU  . CU  ? ? ? 1_555 J 2OP . O   ? ? B CU  101 B 2OP 103 1_555 ? ? ? ? ? ? ?            1.982 ? ? 
metalc20 metalc ? ? H CU  . CU  ? ? ? 1_555 J 2OP . OHN ? ? B CU  101 B 2OP 103 1_555 ? ? ? ? ? ? ?            2.329 ? ? 
metalc21 metalc ? ? H CU  . CU  ? ? ? 1_555 C DG  2 N7  ? ? B CU  101 C DG  2   1_555 ? ? ? ? ? ? ?            1.987 ? ? 
metalc22 metalc ? ? H CU  . CU  ? ? ? 1_555 M SIN . O1  ? ? B CU  101 D SIN 101 1_555 ? ? ? ? ? ? ?            1.968 ? ? 
metalc23 metalc ? ? I CU  . CU  ? ? ? 1_555 O HOH . O   ? ? B CU  102 B HOH 201 1_555 ? ? ? ? ? ? ?            2.316 ? ? 
metalc24 metalc ? ? I CU  . CU  ? ? ? 1_555 O HOH . O   ? ? B CU  102 B HOH 208 1_555 ? ? ? ? ? ? ?            1.798 ? ? 
metalc25 metalc ? ? I CU  . CU  ? ? ? 1_555 O HOH . O   ? ? B CU  102 B HOH 209 1_555 ? ? ? ? ? ? ?            2.384 ? ? 
metalc26 metalc ? ? O HOH . O   ? ? ? 2_555 K CU  . CU  ? ? B HOH 208 C CU  101 1_555 ? ? ? ? ? ? ?            2.104 ? ? 
metalc27 metalc ? ? C DG  2 OP1 ? ? ? 1_555 L CA  . CA  ? ? C DG  2   C CA  102 1_555 ? ? ? ? ? ? ?            2.262 ? ? 
metalc28 metalc ? ? C DG  4 N7  ? ? ? 1_555 K CU  . CU  ? ? C DG  4   C CU  101 1_555 ? ? ? ? ? ? ?            1.986 ? ? 
metalc29 metalc ? ? K CU  . CU  ? ? ? 1_555 P HOH . O   ? ? C CU  101 C HOH 219 1_555 ? ? ? ? ? ? ?            2.200 ? ? 
metalc30 metalc ? ? K CU  . CU  ? ? ? 2_445 D DG  6 N7  ? ? C CU  101 D DG  6   1_555 ? ? ? ? ? ? ?            1.989 ? ? 
metalc31 metalc ? ? K CU  . CU  ? ? ? 1_555 Q HOH . O   ? ? C CU  101 D HOH 212 2_455 ? ? ? ? ? ? ?            2.111 ? ? 
metalc32 metalc ? ? L CA  . CA  ? ? ? 1_555 P HOH . O   ? ? C CA  102 C HOH 218 1_555 ? ? ? ? ? ? ?            2.456 ? ? 
metalc33 metalc ? ? L CA  . CA  ? ? ? 1_555 P HOH . O   ? ? C CA  102 C HOH 220 1_555 ? ? ? ? ? ? ?            2.488 ? ? 
hydrog1  hydrog ? ? A DC  1 N3  ? ? ? 1_555 B DG  6 N1  ? ? A DC  1   B DG  6   1_555 ? ? ? ? ? ? WATSON-CRICK ?     ? ? 
hydrog2  hydrog ? ? A DC  1 N4  ? ? ? 1_555 B DG  6 O6  ? ? A DC  1   B DG  6   1_555 ? ? ? ? ? ? WATSON-CRICK ?     ? ? 
hydrog3  hydrog ? ? A DC  1 O2  ? ? ? 1_555 B DG  6 N2  ? ? A DC  1   B DG  6   1_555 ? ? ? ? ? ? WATSON-CRICK ?     ? ? 
hydrog4  hydrog ? ? A DG  2 N1  ? ? ? 1_555 B DC  5 N3  ? ? A DG  2   B DC  5   1_555 ? ? ? ? ? ? WATSON-CRICK ?     ? ? 
hydrog5  hydrog ? ? A DG  2 N2  ? ? ? 1_555 B DC  5 O2  ? ? A DG  2   B DC  5   1_555 ? ? ? ? ? ? WATSON-CRICK ?     ? ? 
hydrog6  hydrog ? ? A DG  2 O6  ? ? ? 1_555 B DC  5 N4  ? ? A DG  2   B DC  5   1_555 ? ? ? ? ? ? WATSON-CRICK ?     ? ? 
hydrog7  hydrog ? ? A DC  3 N3  ? ? ? 1_555 B DG  4 N1  ? ? A DC  3   B DG  4   1_555 ? ? ? ? ? ? WATSON-CRICK ?     ? ? 
hydrog8  hydrog ? ? A DC  3 N4  ? ? ? 1_555 B DG  4 O6  ? ? A DC  3   B DG  4   1_555 ? ? ? ? ? ? WATSON-CRICK ?     ? ? 
hydrog9  hydrog ? ? A DC  3 O2  ? ? ? 1_555 B DG  4 N2  ? ? A DC  3   B DG  4   1_555 ? ? ? ? ? ? WATSON-CRICK ?     ? ? 
hydrog10 hydrog ? ? A DG  4 N1  ? ? ? 1_555 B DC  3 N3  ? ? A DG  4   B DC  3   1_555 ? ? ? ? ? ? WATSON-CRICK ?     ? ? 
hydrog11 hydrog ? ? A DG  4 N2  ? ? ? 1_555 B DC  3 O2  ? ? A DG  4   B DC  3   1_555 ? ? ? ? ? ? WATSON-CRICK ?     ? ? 
hydrog12 hydrog ? ? A DG  4 O6  ? ? ? 1_555 B DC  3 N4  ? ? A DG  4   B DC  3   1_555 ? ? ? ? ? ? WATSON-CRICK ?     ? ? 
hydrog13 hydrog ? ? A DC  5 N3  ? ? ? 1_555 B DG  2 N1  ? ? A DC  5   B DG  2   1_555 ? ? ? ? ? ? WATSON-CRICK ?     ? ? 
hydrog14 hydrog ? ? A DC  5 N4  ? ? ? 1_555 B DG  2 O6  ? ? A DC  5   B DG  2   1_555 ? ? ? ? ? ? WATSON-CRICK ?     ? ? 
hydrog15 hydrog ? ? A DC  5 O2  ? ? ? 1_555 B DG  2 N2  ? ? A DC  5   B DG  2   1_555 ? ? ? ? ? ? WATSON-CRICK ?     ? ? 
hydrog16 hydrog ? ? A DG  6 N1  ? ? ? 1_555 B DC  1 N3  ? ? A DG  6   B DC  1   1_555 ? ? ? ? ? ? WATSON-CRICK ?     ? ? 
hydrog17 hydrog ? ? A DG  6 N2  ? ? ? 1_555 B DC  1 O2  ? ? A DG  6   B DC  1   1_555 ? ? ? ? ? ? WATSON-CRICK ?     ? ? 
hydrog18 hydrog ? ? A DG  6 O6  ? ? ? 1_555 B DC  1 N4  ? ? A DG  6   B DC  1   1_555 ? ? ? ? ? ? WATSON-CRICK ?     ? ? 
hydrog19 hydrog ? ? C DC  1 N3  ? ? ? 1_555 D DG  6 N1  ? ? C DC  1   D DG  6   1_555 ? ? ? ? ? ? WATSON-CRICK ?     ? ? 
hydrog20 hydrog ? ? C DC  1 N4  ? ? ? 1_555 D DG  6 O6  ? ? C DC  1   D DG  6   1_555 ? ? ? ? ? ? WATSON-CRICK ?     ? ? 
hydrog21 hydrog ? ? C DC  1 O2  ? ? ? 1_555 D DG  6 N2  ? ? C DC  1   D DG  6   1_555 ? ? ? ? ? ? WATSON-CRICK ?     ? ? 
hydrog22 hydrog ? ? C DG  2 N1  ? ? ? 1_555 D DC  5 N3  ? ? C DG  2   D DC  5   1_555 ? ? ? ? ? ? WATSON-CRICK ?     ? ? 
hydrog23 hydrog ? ? C DG  2 N2  ? ? ? 1_555 D DC  5 O2  ? ? C DG  2   D DC  5   1_555 ? ? ? ? ? ? WATSON-CRICK ?     ? ? 
hydrog24 hydrog ? ? C DG  2 O6  ? ? ? 1_555 D DC  5 N4  ? ? C DG  2   D DC  5   1_555 ? ? ? ? ? ? WATSON-CRICK ?     ? ? 
hydrog25 hydrog ? ? C DC  3 N3  ? ? ? 1_555 D DG  4 N1  ? ? C DC  3   D DG  4   1_555 ? ? ? ? ? ? WATSON-CRICK ?     ? ? 
hydrog26 hydrog ? ? C DC  3 N4  ? ? ? 1_555 D DG  4 O6  ? ? C DC  3   D DG  4   1_555 ? ? ? ? ? ? WATSON-CRICK ?     ? ? 
hydrog27 hydrog ? ? C DC  3 O2  ? ? ? 1_555 D DG  4 N2  ? ? C DC  3   D DG  4   1_555 ? ? ? ? ? ? WATSON-CRICK ?     ? ? 
hydrog28 hydrog ? ? C DG  4 N1  ? ? ? 1_555 D DC  3 N3  ? ? C DG  4   D DC  3   1_555 ? ? ? ? ? ? WATSON-CRICK ?     ? ? 
hydrog29 hydrog ? ? C DG  4 N2  ? ? ? 1_555 D DC  3 O2  ? ? C DG  4   D DC  3   1_555 ? ? ? ? ? ? WATSON-CRICK ?     ? ? 
hydrog30 hydrog ? ? C DG  4 O6  ? ? ? 1_555 D DC  3 N4  ? ? C DG  4   D DC  3   1_555 ? ? ? ? ? ? WATSON-CRICK ?     ? ? 
hydrog31 hydrog ? ? C DC  5 N3  ? ? ? 1_555 D DG  2 N1  ? ? C DC  5   D DG  2   1_555 ? ? ? ? ? ? WATSON-CRICK ?     ? ? 
hydrog32 hydrog ? ? C DC  5 N4  ? ? ? 1_555 D DG  2 O6  ? ? C DC  5   D DG  2   1_555 ? ? ? ? ? ? WATSON-CRICK ?     ? ? 
hydrog33 hydrog ? ? C DC  5 O2  ? ? ? 1_555 D DG  2 N2  ? ? C DC  5   D DG  2   1_555 ? ? ? ? ? ? WATSON-CRICK ?     ? ? 
hydrog34 hydrog ? ? C DG  6 N1  ? ? ? 1_555 D DC  1 N3  ? ? C DG  6   D DC  1   1_555 ? ? ? ? ? ? WATSON-CRICK ?     ? ? 
hydrog35 hydrog ? ? C DG  6 N2  ? ? ? 1_555 D DC  1 O2  ? ? C DG  6   D DC  1   1_555 ? ? ? ? ? ? WATSON-CRICK ?     ? ? 
hydrog36 hydrog ? ? C DG  6 O6  ? ? ? 1_555 D DC  1 N4  ? ? C DG  6   D DC  1   1_555 ? ? ? ? ? ? WATSON-CRICK ?     ? ? 
# 
loop_
_struct_conn_type.id 
_struct_conn_type.criteria 
_struct_conn_type.reference 
metalc ? ? 
hydrog ? ? 
# 
loop_
_pdbx_struct_conn_angle.id 
_pdbx_struct_conn_angle.ptnr1_label_atom_id 
_pdbx_struct_conn_angle.ptnr1_label_alt_id 
_pdbx_struct_conn_angle.ptnr1_label_asym_id 
_pdbx_struct_conn_angle.ptnr1_label_comp_id 
_pdbx_struct_conn_angle.ptnr1_label_seq_id 
_pdbx_struct_conn_angle.ptnr1_auth_atom_id 
_pdbx_struct_conn_angle.ptnr1_auth_asym_id 
_pdbx_struct_conn_angle.ptnr1_auth_comp_id 
_pdbx_struct_conn_angle.ptnr1_auth_seq_id 
_pdbx_struct_conn_angle.ptnr1_PDB_ins_code 
_pdbx_struct_conn_angle.ptnr1_symmetry 
_pdbx_struct_conn_angle.ptnr2_label_atom_id 
_pdbx_struct_conn_angle.ptnr2_label_alt_id 
_pdbx_struct_conn_angle.ptnr2_label_asym_id 
_pdbx_struct_conn_angle.ptnr2_label_comp_id 
_pdbx_struct_conn_angle.ptnr2_label_seq_id 
_pdbx_struct_conn_angle.ptnr2_auth_atom_id 
_pdbx_struct_conn_angle.ptnr2_auth_asym_id 
_pdbx_struct_conn_angle.ptnr2_auth_comp_id 
_pdbx_struct_conn_angle.ptnr2_auth_seq_id 
_pdbx_struct_conn_angle.ptnr2_PDB_ins_code 
_pdbx_struct_conn_angle.ptnr2_symmetry 
_pdbx_struct_conn_angle.ptnr3_label_atom_id 
_pdbx_struct_conn_angle.ptnr3_label_alt_id 
_pdbx_struct_conn_angle.ptnr3_label_asym_id 
_pdbx_struct_conn_angle.ptnr3_label_comp_id 
_pdbx_struct_conn_angle.ptnr3_label_seq_id 
_pdbx_struct_conn_angle.ptnr3_auth_atom_id 
_pdbx_struct_conn_angle.ptnr3_auth_asym_id 
_pdbx_struct_conn_angle.ptnr3_auth_comp_id 
_pdbx_struct_conn_angle.ptnr3_auth_seq_id 
_pdbx_struct_conn_angle.ptnr3_PDB_ins_code 
_pdbx_struct_conn_angle.ptnr3_symmetry 
_pdbx_struct_conn_angle.value 
_pdbx_struct_conn_angle.value_esd 
1  N7  ? A DG  2 ? A DG  2   ? 1_555 CU ? E CU . ? A CU 101 ? 1_555 OHN ? G 2OP . ? A 2OP 103 ? 1_555 95.2  ? 
2  N7  ? A DG  2 ? A DG  2   ? 1_555 CU ? E CU . ? A CU 101 ? 1_555 OXT ? G 2OP . ? A 2OP 103 ? 1_555 90.2  ? 
3  OHN ? G 2OP . ? A 2OP 103 ? 1_555 CU ? E CU . ? A CU 101 ? 1_555 OXT ? G 2OP . ? A 2OP 103 ? 1_555 78.9  ? 
4  N7  ? A DG  2 ? A DG  2   ? 1_555 CU ? E CU . ? A CU 101 ? 1_555 N7  ? D DG  2 ? D DG  2   ? 1_555 160.0 ? 
5  OHN ? G 2OP . ? A 2OP 103 ? 1_555 CU ? E CU . ? A CU 101 ? 1_555 N7  ? D DG  2 ? D DG  2   ? 1_555 104.6 ? 
6  OXT ? G 2OP . ? A 2OP 103 ? 1_555 CU ? E CU . ? A CU 101 ? 1_555 N7  ? D DG  2 ? D DG  2   ? 1_555 90.4  ? 
7  N7  ? A DG  2 ? A DG  2   ? 1_555 CU ? E CU . ? A CU 101 ? 1_555 O4  ? M SIN . ? D SIN 101 ? 1_555 87.2  ? 
8  OHN ? G 2OP . ? A 2OP 103 ? 1_555 CU ? E CU . ? A CU 101 ? 1_555 O4  ? M SIN . ? D SIN 101 ? 1_555 107.9 ? 
9  OXT ? G 2OP . ? A 2OP 103 ? 1_555 CU ? E CU . ? A CU 101 ? 1_555 O4  ? M SIN . ? D SIN 101 ? 1_555 173.0 ? 
10 N7  ? D DG  2 ? D DG  2   ? 1_555 CU ? E CU . ? A CU 101 ? 1_555 O4  ? M SIN . ? D SIN 101 ? 1_555 89.8  ? 
11 OP1 ? A DG  2 ? A DG  2   ? 1_555 CA ? F CA . ? A CA 102 ? 1_555 O   ? N HOH . ? A HOH 222 ? 1_555 89.8  ? 
12 OP1 ? A DG  2 ? A DG  2   ? 1_555 CA ? F CA . ? A CA 102 ? 1_555 OP2 ? C DG  2 ? C DG  2   ? 1_555 44.3  ? 
13 O   ? N HOH . ? A HOH 222 ? 1_555 CA ? F CA . ? A CA 102 ? 1_555 OP2 ? C DG  2 ? C DG  2   ? 1_555 48.0  ? 
14 OP1 ? A DG  2 ? A DG  2   ? 1_555 CA ? F CA . ? A CA 102 ? 1_555 OP1 A D DC  3 ? D DC  3   ? 1_555 64.8  ? 
15 O   ? N HOH . ? A HOH 222 ? 1_555 CA ? F CA . ? A CA 102 ? 1_555 OP1 A D DC  3 ? D DC  3   ? 1_555 42.0  ? 
16 OP2 ? C DG  2 ? C DG  2   ? 1_555 CA ? F CA . ? A CA 102 ? 1_555 OP1 A D DC  3 ? D DC  3   ? 1_555 46.4  ? 
17 OP1 ? A DG  2 ? A DG  2   ? 1_555 CA ? F CA . ? A CA 102 ? 1_555 OP2 B D DC  3 ? D DC  3   ? 1_555 63.0  ? 
18 O   ? N HOH . ? A HOH 222 ? 1_555 CA ? F CA . ? A CA 102 ? 1_555 OP2 B D DC  3 ? D DC  3   ? 1_555 43.1  ? 
19 OP2 ? C DG  2 ? C DG  2   ? 1_555 CA ? F CA . ? A CA 102 ? 1_555 OP2 B D DC  3 ? D DC  3   ? 1_555 45.5  ? 
20 OP1 A D DC  3 ? D DC  3   ? 1_555 CA ? F CA . ? A CA 102 ? 1_555 OP2 B D DC  3 ? D DC  3   ? 1_555 1.8   ? 
21 OP1 ? A DG  2 ? A DG  2   ? 1_555 CA ? F CA . ? A CA 102 ? 1_555 O   ? Q HOH . ? D HOH 228 ? 2_555 177.7 ? 
22 O   ? N HOH . ? A HOH 222 ? 1_555 CA ? F CA . ? A CA 102 ? 1_555 O   ? Q HOH . ? D HOH 228 ? 2_555 91.0  ? 
23 OP2 ? C DG  2 ? C DG  2   ? 1_555 CA ? F CA . ? A CA 102 ? 1_555 O   ? Q HOH . ? D HOH 228 ? 2_555 137.0 ? 
24 OP1 A D DC  3 ? D DC  3   ? 1_555 CA ? F CA . ? A CA 102 ? 1_555 O   ? Q HOH . ? D HOH 228 ? 2_555 114.6 ? 
25 OP2 B D DC  3 ? D DC  3   ? 1_555 CA ? F CA . ? A CA 102 ? 1_555 O   ? Q HOH . ? D HOH 228 ? 2_555 116.4 ? 
26 OP1 ? A DG  2 ? A DG  2   ? 1_555 CA ? F CA . ? A CA 102 ? 1_555 O   ? Q HOH . ? D HOH 229 ? 2_555 101.4 ? 
27 O   ? N HOH . ? A HOH 222 ? 1_555 CA ? F CA . ? A CA 102 ? 1_555 O   ? Q HOH . ? D HOH 229 ? 2_555 167.4 ? 
28 OP2 ? C DG  2 ? C DG  2   ? 1_555 CA ? F CA . ? A CA 102 ? 1_555 O   ? Q HOH . ? D HOH 229 ? 2_555 140.3 ? 
29 OP1 A D DC  3 ? D DC  3   ? 1_555 CA ? F CA . ? A CA 102 ? 1_555 O   ? Q HOH . ? D HOH 229 ? 2_555 149.3 ? 
30 OP2 B D DC  3 ? D DC  3   ? 1_555 CA ? F CA . ? A CA 102 ? 1_555 O   ? Q HOH . ? D HOH 229 ? 2_555 148.3 ? 
31 O   ? Q HOH . ? D HOH 228 ? 2_555 CA ? F CA . ? A CA 102 ? 1_555 O   ? Q HOH . ? D HOH 229 ? 2_555 78.1  ? 
32 OP2 ? A DG  2 ? A DG  2   ? 1_555 CA ? L CA . ? C CA 102 ? 1_655 O   ? N HOH . ? A HOH 212 ? 1_455 26.2  ? 
33 OP2 ? A DG  2 ? A DG  2   ? 1_555 CA ? L CA . ? C CA 102 ? 1_655 O   ? N HOH . ? A HOH 228 ? 1_455 25.2  ? 
34 O   ? N HOH . ? A HOH 212 ? 1_455 CA ? L CA . ? C CA 102 ? 1_655 O   ? N HOH . ? A HOH 228 ? 1_455 7.4   ? 
35 OP2 ? A DG  2 ? A DG  2   ? 1_555 CA ? L CA . ? C CA 102 ? 1_655 OP1 ? C DG  2 ? C DG  2   ? 1_555 20.2  ? 
36 O   ? N HOH . ? A HOH 212 ? 1_455 CA ? L CA . ? C CA 102 ? 1_655 OP1 ? C DG  2 ? C DG  2   ? 1_555 6.1   ? 
37 O   ? N HOH . ? A HOH 228 ? 1_455 CA ? L CA . ? C CA 102 ? 1_655 OP1 ? C DG  2 ? C DG  2   ? 1_555 9.2   ? 
38 OP2 ? A DG  2 ? A DG  2   ? 1_555 CA ? L CA . ? C CA 102 ? 1_655 O   ? P HOH . ? C HOH 218 ? 1_555 27.1  ? 
39 O   ? N HOH . ? A HOH 212 ? 1_455 CA ? L CA . ? C CA 102 ? 1_655 O   ? P HOH . ? C HOH 218 ? 1_555 0.9   ? 
40 O   ? N HOH . ? A HOH 228 ? 1_455 CA ? L CA . ? C CA 102 ? 1_655 O   ? P HOH . ? C HOH 218 ? 1_555 8.0   ? 
41 OP1 ? C DG  2 ? C DG  2   ? 1_555 CA ? L CA . ? C CA 102 ? 1_655 O   ? P HOH . ? C HOH 218 ? 1_555 6.9   ? 
42 OP2 ? A DG  2 ? A DG  2   ? 1_555 CA ? L CA . ? C CA 102 ? 1_655 O   ? P HOH . ? C HOH 220 ? 1_555 23.0  ? 
43 O   ? N HOH . ? A HOH 212 ? 1_455 CA ? L CA . ? C CA 102 ? 1_655 O   ? P HOH . ? C HOH 220 ? 1_555 5.8   ? 
44 O   ? N HOH . ? A HOH 228 ? 1_455 CA ? L CA . ? C CA 102 ? 1_655 O   ? P HOH . ? C HOH 220 ? 1_555 3.1   ? 
45 OP1 ? C DG  2 ? C DG  2   ? 1_555 CA ? L CA . ? C CA 102 ? 1_655 O   ? P HOH . ? C HOH 220 ? 1_555 6.2   ? 
46 O   ? P HOH . ? C HOH 218 ? 1_555 CA ? L CA . ? C CA 102 ? 1_655 O   ? P HOH . ? C HOH 220 ? 1_555 6.7   ? 
47 N7  ? B DG  2 ? B DG  2   ? 1_555 CU ? H CU . ? B CU 101 ? 1_555 O   ? J 2OP . ? B 2OP 103 ? 1_555 91.8  ? 
48 N7  ? B DG  2 ? B DG  2   ? 1_555 CU ? H CU . ? B CU 101 ? 1_555 OHN ? J 2OP . ? B 2OP 103 ? 1_555 103.4 ? 
49 O   ? J 2OP . ? B 2OP 103 ? 1_555 CU ? H CU . ? B CU 101 ? 1_555 OHN ? J 2OP . ? B 2OP 103 ? 1_555 76.0  ? 
50 N7  ? B DG  2 ? B DG  2   ? 1_555 CU ? H CU . ? B CU 101 ? 1_555 N7  ? C DG  2 ? C DG  2   ? 1_555 157.3 ? 
51 O   ? J 2OP . ? B 2OP 103 ? 1_555 CU ? H CU . ? B CU 101 ? 1_555 N7  ? C DG  2 ? C DG  2   ? 1_555 89.9  ? 
52 OHN ? J 2OP . ? B 2OP 103 ? 1_555 CU ? H CU . ? B CU 101 ? 1_555 N7  ? C DG  2 ? C DG  2   ? 1_555 99.0  ? 
53 N7  ? B DG  2 ? B DG  2   ? 1_555 CU ? H CU . ? B CU 101 ? 1_555 O1  ? M SIN . ? D SIN 101 ? 1_555 89.7  ? 
54 O   ? J 2OP . ? B 2OP 103 ? 1_555 CU ? H CU . ? B CU 101 ? 1_555 O1  ? M SIN . ? D SIN 101 ? 1_555 173.2 ? 
55 OHN ? J 2OP . ? B 2OP 103 ? 1_555 CU ? H CU . ? B CU 101 ? 1_555 O1  ? M SIN . ? D SIN 101 ? 1_555 110.2 ? 
56 N7  ? C DG  2 ? C DG  2   ? 1_555 CU ? H CU . ? B CU 101 ? 1_555 O1  ? M SIN . ? D SIN 101 ? 1_555 86.2  ? 
57 OP1 B B DC  5 ? B DC  5   ? 1_555 CU ? I CU . ? B CU 102 ? 1_555 N7  ? B DG  6 ? B DG  6   ? 1_555 91.2  ? 
58 OP1 B B DC  5 ? B DC  5   ? 1_555 CU ? I CU . ? B CU 102 ? 1_555 O   ? O HOH . ? B HOH 201 ? 1_555 58.6  ? 
59 N7  ? B DG  6 ? B DG  6   ? 1_555 CU ? I CU . ? B CU 102 ? 1_555 O   ? O HOH . ? B HOH 201 ? 1_555 104.8 ? 
60 OP1 B B DC  5 ? B DC  5   ? 1_555 CU ? I CU . ? B CU 102 ? 1_555 O   ? O HOH . ? B HOH 208 ? 1_555 138.7 ? 
61 N7  ? B DG  6 ? B DG  6   ? 1_555 CU ? I CU . ? B CU 102 ? 1_555 O   ? O HOH . ? B HOH 208 ? 1_555 88.7  ? 
62 O   ? O HOH . ? B HOH 201 ? 1_555 CU ? I CU . ? B CU 102 ? 1_555 O   ? O HOH . ? B HOH 208 ? 1_555 158.9 ? 
63 OP1 B B DC  5 ? B DC  5   ? 1_555 CU ? I CU . ? B CU 102 ? 1_555 O   ? O HOH . ? B HOH 209 ? 1_555 64.3  ? 
64 N7  ? B DG  6 ? B DG  6   ? 1_555 CU ? I CU . ? B CU 102 ? 1_555 O   ? O HOH . ? B HOH 209 ? 1_555 116.5 ? 
65 O   ? O HOH . ? B HOH 201 ? 1_555 CU ? I CU . ? B CU 102 ? 1_555 O   ? O HOH . ? B HOH 209 ? 1_555 108.2 ? 
66 O   ? O HOH . ? B HOH 208 ? 1_555 CU ? I CU . ? B CU 102 ? 1_555 O   ? O HOH . ? B HOH 209 ? 1_555 79.0  ? 
67 O   ? O HOH . ? B HOH 208 ? 2_555 CU ? K CU . ? C CU 101 ? 1_555 N7  ? C DG  4 ? C DG  4   ? 1_555 87.2  ? 
68 O   ? O HOH . ? B HOH 208 ? 2_555 CU ? K CU . ? C CU 101 ? 1_555 O   ? P HOH . ? C HOH 219 ? 1_555 88.8  ? 
69 N7  ? C DG  4 ? C DG  4   ? 1_555 CU ? K CU . ? C CU 101 ? 1_555 O   ? P HOH . ? C HOH 219 ? 1_555 94.2  ? 
70 O   ? O HOH . ? B HOH 208 ? 2_555 CU ? K CU . ? C CU 101 ? 1_555 N7  ? D DG  6 ? D DG  6   ? 1_555 139.9 ? 
71 N7  ? C DG  4 ? C DG  4   ? 1_555 CU ? K CU . ? C CU 101 ? 1_555 N7  ? D DG  6 ? D DG  6   ? 1_555 53.2  ? 
72 O   ? P HOH . ? C HOH 219 ? 1_555 CU ? K CU . ? C CU 101 ? 1_555 N7  ? D DG  6 ? D DG  6   ? 1_555 88.5  ? 
73 O   ? O HOH . ? B HOH 208 ? 2_555 CU ? K CU . ? C CU 101 ? 1_555 O   ? Q HOH . ? D HOH 212 ? 2_455 175.8 ? 
74 N7  ? C DG  4 ? C DG  4   ? 1_555 CU ? K CU . ? C CU 101 ? 1_555 O   ? Q HOH . ? D HOH 212 ? 2_455 93.2  ? 
75 O   ? P HOH . ? C HOH 219 ? 1_555 CU ? K CU . ? C CU 101 ? 1_555 O   ? Q HOH . ? D HOH 212 ? 2_455 87.0  ? 
76 N7  ? D DG  6 ? D DG  6   ? 1_555 CU ? K CU . ? C CU 101 ? 1_555 O   ? Q HOH . ? D HOH 212 ? 2_455 40.0  ? 
# 
loop_
_struct_site.id 
_struct_site.pdbx_evidence_code 
_struct_site.pdbx_auth_asym_id 
_struct_site.pdbx_auth_comp_id 
_struct_site.pdbx_auth_seq_id 
_struct_site.pdbx_auth_ins_code 
_struct_site.pdbx_num_residues 
_struct_site.details 
AC1 Software A CU  101 ? 4  'binding site for residue CU A 101'  
AC2 Software A CA  102 ? 3  'binding site for residue CA A 102'  
AC3 Software A 2OP 103 ? 7  'binding site for residue 2OP A 103' 
AC4 Software B CU  101 ? 4  'binding site for residue CU B 101'  
AC5 Software B CU  102 ? 6  'binding site for residue CU B 102'  
AC6 Software B 2OP 103 ? 8  'binding site for residue 2OP B 103' 
AC7 Software C CU  101 ? 2  'binding site for residue CU C 101'  
AC8 Software C CA  102 ? 6  'binding site for residue CA C 102'  
AC9 Software D SIN 101 ? 13 'binding site for residue SIN D 101' 
# 
loop_
_struct_site_gen.id 
_struct_site_gen.site_id 
_struct_site_gen.pdbx_num_res 
_struct_site_gen.label_comp_id 
_struct_site_gen.label_asym_id 
_struct_site_gen.label_seq_id 
_struct_site_gen.pdbx_auth_ins_code 
_struct_site_gen.auth_comp_id 
_struct_site_gen.auth_asym_id 
_struct_site_gen.auth_seq_id 
_struct_site_gen.label_atom_id 
_struct_site_gen.label_alt_id 
_struct_site_gen.symmetry 
_struct_site_gen.details 
1  AC1 4  DG  A 2 ? DG  A 2   . ? 1_555 ? 
2  AC1 4  2OP G . ? 2OP A 103 . ? 1_555 ? 
3  AC1 4  DG  D 2 ? DG  D 2   . ? 1_555 ? 
4  AC1 4  SIN M . ? SIN D 101 . ? 1_555 ? 
5  AC2 3  DG  A 2 ? DG  A 2   . ? 1_555 ? 
6  AC2 3  HOH N . ? HOH A 222 . ? 1_555 ? 
7  AC2 3  DG  C 2 ? DG  C 2   . ? 1_655 ? 
8  AC3 7  DG  A 2 ? DG  A 2   . ? 1_555 ? 
9  AC3 7  CU  E . ? CU  A 101 . ? 1_555 ? 
10 AC3 7  HOH N . ? HOH A 207 . ? 1_555 ? 
11 AC3 7  HOH N . ? HOH A 220 . ? 1_555 ? 
12 AC3 7  DC  D 1 ? DC  D 1   . ? 1_555 ? 
13 AC3 7  DG  D 2 ? DG  D 2   . ? 1_555 ? 
14 AC3 7  SIN M . ? SIN D 101 . ? 1_555 ? 
15 AC4 4  DG  B 2 ? DG  B 2   . ? 1_555 ? 
16 AC4 4  2OP J . ? 2OP B 103 . ? 1_555 ? 
17 AC4 4  DG  C 2 ? DG  C 2   . ? 1_555 ? 
18 AC4 4  SIN M . ? SIN D 101 . ? 1_555 ? 
19 AC5 6  DC  B 5 ? DC  B 5   . ? 1_555 ? 
20 AC5 6  DG  B 6 ? DG  B 6   . ? 1_555 ? 
21 AC5 6  HOH O . ? HOH B 201 . ? 1_555 ? 
22 AC5 6  HOH O . ? HOH B 208 . ? 1_555 ? 
23 AC5 6  HOH O . ? HOH B 209 . ? 1_555 ? 
24 AC5 6  DG  D 6 ? DG  D 6   . ? 1_655 ? 
25 AC6 8  DC  B 1 ? DC  B 1   . ? 1_555 ? 
26 AC6 8  DG  B 2 ? DG  B 2   . ? 1_555 ? 
27 AC6 8  CU  H . ? CU  B 101 . ? 1_555 ? 
28 AC6 8  HOH O . ? HOH B 207 . ? 1_555 ? 
29 AC6 8  HOH O . ? HOH B 220 . ? 1_555 ? 
30 AC6 8  DC  C 1 ? DC  C 1   . ? 1_555 ? 
31 AC6 8  DG  C 2 ? DG  C 2   . ? 1_555 ? 
32 AC6 8  SIN M . ? SIN D 101 . ? 1_555 ? 
33 AC7 2  DG  C 4 ? DG  C 4   . ? 1_555 ? 
34 AC7 2  HOH P . ? HOH C 219 . ? 1_555 ? 
35 AC8 6  DG  A 2 ? DG  A 2   . ? 1_455 ? 
36 AC8 6  HOH N . ? HOH A 212 . ? 1_455 ? 
37 AC8 6  HOH N . ? HOH A 228 . ? 1_455 ? 
38 AC8 6  DG  C 2 ? DG  C 2   . ? 1_555 ? 
39 AC8 6  HOH P . ? HOH C 218 . ? 1_555 ? 
40 AC8 6  HOH P . ? HOH C 220 . ? 1_555 ? 
41 AC9 13 DG  A 2 ? DG  A 2   . ? 1_555 ? 
42 AC9 13 DC  A 3 ? DC  A 3   . ? 1_555 ? 
43 AC9 13 CU  E . ? CU  A 101 . ? 1_555 ? 
44 AC9 13 2OP G . ? 2OP A 103 . ? 1_555 ? 
45 AC9 13 DG  B 2 ? DG  B 2   . ? 1_555 ? 
46 AC9 13 DC  B 3 ? DC  B 3   . ? 1_555 ? 
47 AC9 13 CU  H . ? CU  B 101 . ? 1_555 ? 
48 AC9 13 2OP J . ? 2OP B 103 . ? 1_555 ? 
49 AC9 13 DG  C 2 ? DG  C 2   . ? 1_555 ? 
50 AC9 13 DC  C 3 ? DC  C 3   . ? 1_555 ? 
51 AC9 13 DG  D 2 ? DG  D 2   . ? 1_555 ? 
52 AC9 13 DC  D 3 ? DC  D 3   . ? 1_555 ? 
53 AC9 13 HOH Q . ? HOH D 214 . ? 1_555 ? 
# 
loop_
_pdbx_validate_symm_contact.id 
_pdbx_validate_symm_contact.PDB_model_num 
_pdbx_validate_symm_contact.auth_atom_id_1 
_pdbx_validate_symm_contact.auth_asym_id_1 
_pdbx_validate_symm_contact.auth_comp_id_1 
_pdbx_validate_symm_contact.auth_seq_id_1 
_pdbx_validate_symm_contact.PDB_ins_code_1 
_pdbx_validate_symm_contact.label_alt_id_1 
_pdbx_validate_symm_contact.site_symmetry_1 
_pdbx_validate_symm_contact.auth_atom_id_2 
_pdbx_validate_symm_contact.auth_asym_id_2 
_pdbx_validate_symm_contact.auth_comp_id_2 
_pdbx_validate_symm_contact.auth_seq_id_2 
_pdbx_validate_symm_contact.PDB_ins_code_2 
_pdbx_validate_symm_contact.label_alt_id_2 
_pdbx_validate_symm_contact.site_symmetry_2 
_pdbx_validate_symm_contact.dist 
1 1 O B HOH 226 ? ? 1_555 O C HOH 208 ? ? 2_445 2.14 
2 1 O A HOH 235 ? ? 1_555 O D HOH 226 ? ? 1_656 2.16 
# 
loop_
_chem_comp_atom.comp_id 
_chem_comp_atom.atom_id 
_chem_comp_atom.type_symbol 
_chem_comp_atom.pdbx_aromatic_flag 
_chem_comp_atom.pdbx_stereo_config 
_chem_comp_atom.pdbx_ordinal 
2OP C      C  N N 1   
2OP O      O  N N 2   
2OP CB     C  N N 3   
2OP OHN    O  N N 4   
2OP CA     C  N S 5   
2OP OXT    O  N N 6   
2OP HB1    H  N N 7   
2OP HB2    H  N N 8   
2OP HB3    H  N N 9   
2OP H      H  N N 10  
2OP HA     H  N N 11  
2OP HXT    H  N N 12  
CA  CA     CA N N 13  
CU  CU     CU N N 14  
DC  OP3    O  N N 15  
DC  P      P  N N 16  
DC  OP1    O  N N 17  
DC  OP2    O  N N 18  
DC  "O5'"  O  N N 19  
DC  "C5'"  C  N N 20  
DC  "C4'"  C  N R 21  
DC  "O4'"  O  N N 22  
DC  "C3'"  C  N S 23  
DC  "O3'"  O  N N 24  
DC  "C2'"  C  N N 25  
DC  "C1'"  C  N R 26  
DC  N1     N  N N 27  
DC  C2     C  N N 28  
DC  O2     O  N N 29  
DC  N3     N  N N 30  
DC  C4     C  N N 31  
DC  N4     N  N N 32  
DC  C5     C  N N 33  
DC  C6     C  N N 34  
DC  HOP3   H  N N 35  
DC  HOP2   H  N N 36  
DC  "H5'"  H  N N 37  
DC  "H5''" H  N N 38  
DC  "H4'"  H  N N 39  
DC  "H3'"  H  N N 40  
DC  "HO3'" H  N N 41  
DC  "H2'"  H  N N 42  
DC  "H2''" H  N N 43  
DC  "H1'"  H  N N 44  
DC  H41    H  N N 45  
DC  H42    H  N N 46  
DC  H5     H  N N 47  
DC  H6     H  N N 48  
DG  OP3    O  N N 49  
DG  P      P  N N 50  
DG  OP1    O  N N 51  
DG  OP2    O  N N 52  
DG  "O5'"  O  N N 53  
DG  "C5'"  C  N N 54  
DG  "C4'"  C  N R 55  
DG  "O4'"  O  N N 56  
DG  "C3'"  C  N S 57  
DG  "O3'"  O  N N 58  
DG  "C2'"  C  N N 59  
DG  "C1'"  C  N R 60  
DG  N9     N  Y N 61  
DG  C8     C  Y N 62  
DG  N7     N  Y N 63  
DG  C5     C  Y N 64  
DG  C6     C  N N 65  
DG  O6     O  N N 66  
DG  N1     N  N N 67  
DG  C2     C  N N 68  
DG  N2     N  N N 69  
DG  N3     N  N N 70  
DG  C4     C  Y N 71  
DG  HOP3   H  N N 72  
DG  HOP2   H  N N 73  
DG  "H5'"  H  N N 74  
DG  "H5''" H  N N 75  
DG  "H4'"  H  N N 76  
DG  "H3'"  H  N N 77  
DG  "HO3'" H  N N 78  
DG  "H2'"  H  N N 79  
DG  "H2''" H  N N 80  
DG  "H1'"  H  N N 81  
DG  H8     H  N N 82  
DG  H1     H  N N 83  
DG  H21    H  N N 84  
DG  H22    H  N N 85  
HOH O      O  N N 86  
HOH H1     H  N N 87  
HOH H2     H  N N 88  
SIN C1     C  N N 89  
SIN O1     O  N N 90  
SIN O2     O  N N 91  
SIN C2     C  N N 92  
SIN C3     C  N N 93  
SIN C4     C  N N 94  
SIN O3     O  N N 95  
SIN O4     O  N N 96  
SIN HO2    H  N N 97  
SIN H21    H  N N 98  
SIN H22    H  N N 99  
SIN H31    H  N N 100 
SIN H32    H  N N 101 
SIN HO4    H  N N 102 
# 
loop_
_chem_comp_bond.comp_id 
_chem_comp_bond.atom_id_1 
_chem_comp_bond.atom_id_2 
_chem_comp_bond.value_order 
_chem_comp_bond.pdbx_aromatic_flag 
_chem_comp_bond.pdbx_stereo_config 
_chem_comp_bond.pdbx_ordinal 
2OP C     O      doub N N 1   
2OP C     CA     sing N N 2   
2OP CB    CA     sing N N 3   
2OP CB    HB1    sing N N 4   
2OP CB    HB2    sing N N 5   
2OP CB    HB3    sing N N 6   
2OP OHN   CA     sing N N 7   
2OP C     OXT    sing N N 8   
2OP OHN   H      sing N N 9   
2OP CA    HA     sing N N 10  
2OP OXT   HXT    sing N N 11  
DC  OP3   P      sing N N 12  
DC  OP3   HOP3   sing N N 13  
DC  P     OP1    doub N N 14  
DC  P     OP2    sing N N 15  
DC  P     "O5'"  sing N N 16  
DC  OP2   HOP2   sing N N 17  
DC  "O5'" "C5'"  sing N N 18  
DC  "C5'" "C4'"  sing N N 19  
DC  "C5'" "H5'"  sing N N 20  
DC  "C5'" "H5''" sing N N 21  
DC  "C4'" "O4'"  sing N N 22  
DC  "C4'" "C3'"  sing N N 23  
DC  "C4'" "H4'"  sing N N 24  
DC  "O4'" "C1'"  sing N N 25  
DC  "C3'" "O3'"  sing N N 26  
DC  "C3'" "C2'"  sing N N 27  
DC  "C3'" "H3'"  sing N N 28  
DC  "O3'" "HO3'" sing N N 29  
DC  "C2'" "C1'"  sing N N 30  
DC  "C2'" "H2'"  sing N N 31  
DC  "C2'" "H2''" sing N N 32  
DC  "C1'" N1     sing N N 33  
DC  "C1'" "H1'"  sing N N 34  
DC  N1    C2     sing N N 35  
DC  N1    C6     sing N N 36  
DC  C2    O2     doub N N 37  
DC  C2    N3     sing N N 38  
DC  N3    C4     doub N N 39  
DC  C4    N4     sing N N 40  
DC  C4    C5     sing N N 41  
DC  N4    H41    sing N N 42  
DC  N4    H42    sing N N 43  
DC  C5    C6     doub N N 44  
DC  C5    H5     sing N N 45  
DC  C6    H6     sing N N 46  
DG  OP3   P      sing N N 47  
DG  OP3   HOP3   sing N N 48  
DG  P     OP1    doub N N 49  
DG  P     OP2    sing N N 50  
DG  P     "O5'"  sing N N 51  
DG  OP2   HOP2   sing N N 52  
DG  "O5'" "C5'"  sing N N 53  
DG  "C5'" "C4'"  sing N N 54  
DG  "C5'" "H5'"  sing N N 55  
DG  "C5'" "H5''" sing N N 56  
DG  "C4'" "O4'"  sing N N 57  
DG  "C4'" "C3'"  sing N N 58  
DG  "C4'" "H4'"  sing N N 59  
DG  "O4'" "C1'"  sing N N 60  
DG  "C3'" "O3'"  sing N N 61  
DG  "C3'" "C2'"  sing N N 62  
DG  "C3'" "H3'"  sing N N 63  
DG  "O3'" "HO3'" sing N N 64  
DG  "C2'" "C1'"  sing N N 65  
DG  "C2'" "H2'"  sing N N 66  
DG  "C2'" "H2''" sing N N 67  
DG  "C1'" N9     sing N N 68  
DG  "C1'" "H1'"  sing N N 69  
DG  N9    C8     sing Y N 70  
DG  N9    C4     sing Y N 71  
DG  C8    N7     doub Y N 72  
DG  C8    H8     sing N N 73  
DG  N7    C5     sing Y N 74  
DG  C5    C6     sing N N 75  
DG  C5    C4     doub Y N 76  
DG  C6    O6     doub N N 77  
DG  C6    N1     sing N N 78  
DG  N1    C2     sing N N 79  
DG  N1    H1     sing N N 80  
DG  C2    N2     sing N N 81  
DG  C2    N3     doub N N 82  
DG  N2    H21    sing N N 83  
DG  N2    H22    sing N N 84  
DG  N3    C4     sing N N 85  
HOH O     H1     sing N N 86  
HOH O     H2     sing N N 87  
SIN C1    O1     doub N N 88  
SIN C1    O2     sing N N 89  
SIN C1    C2     sing N N 90  
SIN O2    HO2    sing N N 91  
SIN C2    C3     sing N N 92  
SIN C2    H21    sing N N 93  
SIN C2    H22    sing N N 94  
SIN C3    C4     sing N N 95  
SIN C3    H31    sing N N 96  
SIN C3    H32    sing N N 97  
SIN C4    O3     doub N N 98  
SIN C4    O4     sing N N 99  
SIN O4    HO4    sing N N 100 
# 
_ndb_struct_conf_na.entry_id   5IHD 
_ndb_struct_conf_na.feature    'z-form double helix' 
# 
loop_
_ndb_struct_na_base_pair.model_number 
_ndb_struct_na_base_pair.i_label_asym_id 
_ndb_struct_na_base_pair.i_label_comp_id 
_ndb_struct_na_base_pair.i_label_seq_id 
_ndb_struct_na_base_pair.i_symmetry 
_ndb_struct_na_base_pair.j_label_asym_id 
_ndb_struct_na_base_pair.j_label_comp_id 
_ndb_struct_na_base_pair.j_label_seq_id 
_ndb_struct_na_base_pair.j_symmetry 
_ndb_struct_na_base_pair.shear 
_ndb_struct_na_base_pair.stretch 
_ndb_struct_na_base_pair.stagger 
_ndb_struct_na_base_pair.buckle 
_ndb_struct_na_base_pair.propeller 
_ndb_struct_na_base_pair.opening 
_ndb_struct_na_base_pair.pair_number 
_ndb_struct_na_base_pair.pair_name 
_ndb_struct_na_base_pair.i_auth_asym_id 
_ndb_struct_na_base_pair.i_auth_seq_id 
_ndb_struct_na_base_pair.i_PDB_ins_code 
_ndb_struct_na_base_pair.j_auth_asym_id 
_ndb_struct_na_base_pair.j_auth_seq_id 
_ndb_struct_na_base_pair.j_PDB_ins_code 
_ndb_struct_na_base_pair.hbond_type_28 
_ndb_struct_na_base_pair.hbond_type_12 
1 A DC 1 1_555 B DG 6 1_555 -0.330 -0.142 -0.011 6.660  -3.425  0.945  1  A_DC1:DG6_B A 1 ? B 6 ? 19 1 
1 A DG 2 1_555 B DC 5 1_555 0.284  -0.162 0.143  -4.361 1.979   1.423  2  A_DG2:DC5_B A 2 ? B 5 ? 19 1 
1 A DC 3 1_555 B DG 4 1_555 -0.091 -0.023 0.018  4.671  -1.992  1.657  3  A_DC3:DG4_B A 3 ? B 4 ? 19 1 
1 A DG 4 1_555 B DC 3 1_555 0.219  -0.109 0.212  -1.531 -6.347  0.764  4  A_DG4:DC3_B A 4 ? B 3 ? 19 1 
1 A DC 5 1_555 B DG 2 1_555 -0.207 -0.133 -0.179 2.255  -2.760  1.547  5  A_DC5:DG2_B A 5 ? B 2 ? 19 1 
1 A DG 6 1_555 B DC 1 1_555 0.208  -0.060 0.406  14.648 -7.958  -0.300 6  A_DG6:DC1_B A 6 ? B 1 ? 19 1 
1 C DC 1 1_555 D DG 6 1_555 -0.154 -0.136 -0.116 -0.383 0.314   1.632  7  C_DC1:DG6_D C 1 ? D 6 ? 19 1 
1 C DG 2 1_555 D DC 5 1_555 0.295  -0.156 0.105  3.232  1.334   1.635  8  C_DG2:DC5_D C 2 ? D 5 ? 19 1 
1 C DC 3 1_555 D DG 4 1_555 -0.155 -0.096 -0.028 11.134 -2.278  1.524  9  C_DC3:DG4_D C 3 ? D 4 ? 19 1 
1 C DG 4 1_555 D DC 3 1_555 0.258  -0.166 0.018  -1.192 -12.007 -0.965 10 C_DG4:DC3_D C 4 ? D 3 ? 19 1 
1 C DC 5 1_555 D DG 2 1_555 -0.326 -0.073 -0.221 0.343  -8.357  -0.056 11 C_DC5:DG2_D C 5 ? D 2 ? 19 1 
1 C DG 6 1_555 D DC 1 1_555 0.200  -0.158 0.221  4.128  3.181   0.627  12 C_DG6:DC1_D C 6 ? D 1 ? 19 1 
# 
loop_
_ndb_struct_na_base_pair_step.model_number 
_ndb_struct_na_base_pair_step.i_label_asym_id_1 
_ndb_struct_na_base_pair_step.i_label_comp_id_1 
_ndb_struct_na_base_pair_step.i_label_seq_id_1 
_ndb_struct_na_base_pair_step.i_symmetry_1 
_ndb_struct_na_base_pair_step.j_label_asym_id_1 
_ndb_struct_na_base_pair_step.j_label_comp_id_1 
_ndb_struct_na_base_pair_step.j_label_seq_id_1 
_ndb_struct_na_base_pair_step.j_symmetry_1 
_ndb_struct_na_base_pair_step.i_label_asym_id_2 
_ndb_struct_na_base_pair_step.i_label_comp_id_2 
_ndb_struct_na_base_pair_step.i_label_seq_id_2 
_ndb_struct_na_base_pair_step.i_symmetry_2 
_ndb_struct_na_base_pair_step.j_label_asym_id_2 
_ndb_struct_na_base_pair_step.j_label_comp_id_2 
_ndb_struct_na_base_pair_step.j_label_seq_id_2 
_ndb_struct_na_base_pair_step.j_symmetry_2 
_ndb_struct_na_base_pair_step.shift 
_ndb_struct_na_base_pair_step.slide 
_ndb_struct_na_base_pair_step.rise 
_ndb_struct_na_base_pair_step.tilt 
_ndb_struct_na_base_pair_step.roll 
_ndb_struct_na_base_pair_step.twist 
_ndb_struct_na_base_pair_step.x_displacement 
_ndb_struct_na_base_pair_step.y_displacement 
_ndb_struct_na_base_pair_step.helical_rise 
_ndb_struct_na_base_pair_step.inclination 
_ndb_struct_na_base_pair_step.tip 
_ndb_struct_na_base_pair_step.helical_twist 
_ndb_struct_na_base_pair_step.step_number 
_ndb_struct_na_base_pair_step.step_name 
_ndb_struct_na_base_pair_step.i_auth_asym_id_1 
_ndb_struct_na_base_pair_step.i_auth_seq_id_1 
_ndb_struct_na_base_pair_step.i_PDB_ins_code_1 
_ndb_struct_na_base_pair_step.j_auth_asym_id_1 
_ndb_struct_na_base_pair_step.j_auth_seq_id_1 
_ndb_struct_na_base_pair_step.j_PDB_ins_code_1 
_ndb_struct_na_base_pair_step.i_auth_asym_id_2 
_ndb_struct_na_base_pair_step.i_auth_seq_id_2 
_ndb_struct_na_base_pair_step.i_PDB_ins_code_2 
_ndb_struct_na_base_pair_step.j_auth_asym_id_2 
_ndb_struct_na_base_pair_step.j_auth_seq_id_2 
_ndb_struct_na_base_pair_step.j_PDB_ins_code_2 
1 A DC 1 1_555 B DG 6 1_555 A DG 2 1_555 B DC 5 1_555 0.135  5.394  3.807 1.964  -3.722 -9.010  -20.668 6.293  5.439 22.170 11.698 
-9.942  1  AA_DC1DG2:DC5DG6_BB A 1 ? B 6 ? A 2 ? B 5 ? 
1 A DG 2 1_555 B DC 5 1_555 A DC 3 1_555 B DG 4 1_555 -0.211 -1.441 3.211 2.127  -6.686 -46.882 2.310   -0.099 2.997 8.348  2.656 
-47.375 2  AA_DG2DC3:DG4DC5_BB A 2 ? B 5 ? A 3 ? B 4 ? 
1 A DC 3 1_555 B DG 4 1_555 A DG 4 1_555 B DC 3 1_555 -0.210 5.427  3.694 -1.324 -3.096 -6.919  -26.000 -7.741 5.468 23.878 
-10.210 -7.693  3  AA_DC3DG4:DC3DG4_BB A 3 ? B 4 ? A 4 ? B 3 ? 
1 A DG 4 1_555 B DC 3 1_555 A DC 5 1_555 B DG 2 1_555 0.165  -2.180 3.409 3.760  -5.537 -43.178 3.462   0.583  3.095 7.470  5.073 
-43.669 4  AA_DG4DC5:DG2DC3_BB A 4 ? B 3 ? A 5 ? B 2 ? 
1 A DC 5 1_555 B DG 2 1_555 A DG 6 1_555 B DC 1 1_555 -0.471 5.208  3.229 -0.077 0.236  -12.419 -24.348 -2.266 3.127 -1.092 -0.358 
-12.421 5  AA_DC5DG6:DC1DG2_BB A 5 ? B 2 ? A 6 ? B 1 ? 
1 C DC 1 1_555 D DG 6 1_555 C DG 2 1_555 D DC 5 1_555 0.100  5.248  3.346 1.589  -4.928 -7.889  -16.601 5.540  5.519 31.710 10.222 
-9.435  6  CC_DC1DG2:DC5DG6_DD C 1 ? D 6 ? C 2 ? D 5 ? 
1 C DG 2 1_555 D DC 5 1_555 C DC 3 1_555 D DG 4 1_555 -0.313 -1.159 3.284 -0.314 -5.662 -46.653 1.913   -0.418 3.129 7.118  -0.394 
-46.978 7  CC_DG2DC3:DG4DC5_DD C 2 ? D 5 ? C 3 ? D 4 ? 
1 C DC 3 1_555 D DG 4 1_555 C DG 4 1_555 D DC 3 1_555 -0.516 5.388  3.740 -0.638 -5.293 -6.306  -12.185 -6.632 6.268 39.960 -4.820 
-8.256  8  CC_DC3DG4:DC3DG4_DD C 3 ? D 4 ? C 4 ? D 3 ? 
1 C DG 4 1_555 D DC 3 1_555 C DC 5 1_555 D DG 2 1_555 0.043  -2.243 3.517 2.705  -7.850 -44.319 3.646   0.304  3.089 10.299 3.549 
-45.052 9  CC_DG4DC5:DG2DC3_DD C 4 ? D 3 ? C 5 ? D 2 ? 
1 C DC 5 1_555 D DG 2 1_555 C DG 6 1_555 D DC 1 1_555 0.246  5.258  3.487 1.919  -2.183 -13.020 -19.900 3.464  4.225 9.472  8.328 
-13.339 10 CC_DC5DG6:DC1DG2_DD C 5 ? D 2 ? C 6 ? D 1 ? 
# 
_pdbx_audit_support.funding_organization   'Swiss National Science Foundation' 
_pdbx_audit_support.country                Switzerland 
_pdbx_audit_support.grant_number           200220-100752 
_pdbx_audit_support.ordinal                1 
# 
_pdbx_initial_refinement_model.id               1 
_pdbx_initial_refinement_model.entity_id_list   ? 
_pdbx_initial_refinement_model.type             'experimental model' 
_pdbx_initial_refinement_model.source_name      PDB 
_pdbx_initial_refinement_model.accession_code   2DCG 
_pdbx_initial_refinement_model.details          ? 
# 
_atom_sites.entry_id                    5IHD 
_atom_sites.fract_transf_matrix[1][1]   0.00489143 
_atom_sites.fract_transf_matrix[1][2]   -0.03292258 
_atom_sites.fract_transf_matrix[1][3]   0.01863703 
_atom_sites.fract_transf_matrix[2][1]   0.02643143 
_atom_sites.fract_transf_matrix[2][2]   0.00737516 
_atom_sites.fract_transf_matrix[2][3]   0.00609119 
_atom_sites.fract_transf_matrix[3][1]   -0.00885143 
_atom_sites.fract_transf_matrix[3][2]   0.00513781 
_atom_sites.fract_transf_matrix[3][3]   0.03218809 
_atom_sites.fract_transf_vector[1]      -0.220799 
_atom_sites.fract_transf_vector[2]      -0.006310 
_atom_sites.fract_transf_vector[3]      0.108776 
# 
loop_
_atom_type.symbol 
C  
CA 
CU 
N  
O  
P  
# 
loop_
_atom_site.group_PDB 
_atom_site.id 
_atom_site.type_symbol 
_atom_site.label_atom_id 
_atom_site.label_alt_id 
_atom_site.label_comp_id 
_atom_site.label_asym_id 
_atom_site.label_entity_id 
_atom_site.label_seq_id 
_atom_site.pdbx_PDB_ins_code 
_atom_site.Cartn_x 
_atom_site.Cartn_y 
_atom_site.Cartn_z 
_atom_site.occupancy 
_atom_site.B_iso_or_equiv 
_atom_site.pdbx_formal_charge 
_atom_site.auth_seq_id 
_atom_site.auth_comp_id 
_atom_site.auth_asym_id 
_atom_site.auth_atom_id 
_atom_site.pdbx_PDB_model_num 
ATOM   1   O  "O5'" . DC  A 1 1 ? 4.838   -8.943  0.027   1.00 27.00 ? 1   DC  A "O5'" 1 
ATOM   2   C  "C5'" . DC  A 1 1 ? 3.437   -9.133  0.164   1.00 19.41 ? 1   DC  A "C5'" 1 
ATOM   3   C  "C4'" . DC  A 1 1 ? 3.063   -9.394  1.616   1.00 16.45 ? 1   DC  A "C4'" 1 
ATOM   4   O  "O4'" . DC  A 1 1 ? 1.613   -9.423  1.726   1.00 15.43 ? 1   DC  A "O4'" 1 
ATOM   5   C  "C3'" . DC  A 1 1 ? 3.553   -10.737 2.175   1.00 13.90 ? 1   DC  A "C3'" 1 
ATOM   6   O  "O3'" . DC  A 1 1 ? 3.797   -10.651 3.565   1.00 16.73 ? 1   DC  A "O3'" 1 
ATOM   7   C  "C2'" . DC  A 1 1 ? 2.366   -11.642 1.917   1.00 14.30 ? 1   DC  A "C2'" 1 
ATOM   8   C  "C1'" . DC  A 1 1 ? 1.198   -10.693 2.177   1.00 12.90 ? 1   DC  A "C1'" 1 
ATOM   9   N  N1    . DC  A 1 1 ? -0.023  -11.114 1.446   1.00 12.40 ? 1   DC  A N1    1 
ATOM   10  C  C2    . DC  A 1 1 ? -0.881  -12.015 2.062   1.00 12.66 ? 1   DC  A C2    1 
ATOM   11  O  O2    . DC  A 1 1 ? -0.613  -12.393 3.209   1.00 13.54 ? 1   DC  A O2    1 
ATOM   12  N  N3    . DC  A 1 1 ? -1.986  -12.436 1.395   1.00 11.50 ? 1   DC  A N3    1 
ATOM   13  C  C4    . DC  A 1 1 ? -2.222  -11.997 0.151   1.00 12.01 ? 1   DC  A C4    1 
ATOM   14  N  N4    . DC  A 1 1 ? -3.326  -12.440 -0.475  1.00 13.93 ? 1   DC  A N4    1 
ATOM   15  C  C5    . DC  A 1 1 ? -1.341  -11.083 -0.502  1.00 11.84 ? 1   DC  A C5    1 
ATOM   16  C  C6    . DC  A 1 1 ? -0.264  -10.671 0.177   1.00 12.12 ? 1   DC  A C6    1 
ATOM   17  P  P     . DG  A 1 2 ? 5.259   -10.320 4.136   1.00 16.17 ? 2   DG  A P     1 
ATOM   18  O  OP1   . DG  A 1 2 ? 6.294   -10.747 3.175   1.00 18.12 ? 2   DG  A OP1   1 
ATOM   19  O  OP2   . DG  A 1 2 ? 5.298   -10.731 5.548   1.00 18.43 ? 2   DG  A OP2   1 
ATOM   20  O  "O5'" . DG  A 1 2 ? 5.273   -8.716  4.103   1.00 17.03 ? 2   DG  A "O5'" 1 
ATOM   21  C  "C5'" . DG  A 1 2 ? 4.420   -7.989  4.966   1.00 17.63 ? 2   DG  A "C5'" 1 
ATOM   22  C  "C4'" . DG  A 1 2 ? 4.642   -6.503  4.773   1.00 17.50 ? 2   DG  A "C4'" 1 
ATOM   23  O  "O4'" . DG  A 1 2 ? 4.507   -6.189  3.374   1.00 16.20 ? 2   DG  A "O4'" 1 
ATOM   24  C  "C3'" . DG  A 1 2 ? 3.671   -5.615  5.530   1.00 17.00 ? 2   DG  A "C3'" 1 
ATOM   25  O  "O3'" . DG  A 1 2 ? 4.299   -5.190  6.745   1.00 17.25 ? 2   DG  A "O3'" 1 
ATOM   26  C  "C2'" . DG  A 1 2 ? 3.398   -4.451  4.578   1.00 17.27 ? 2   DG  A "C2'" 1 
ATOM   27  C  "C1'" . DG  A 1 2 ? 3.766   -5.000  3.198   1.00 16.46 ? 2   DG  A "C1'" 1 
ATOM   28  N  N9    . DG  A 1 2 ? 2.625   -5.292  2.330   1.00 13.53 ? 2   DG  A N9    1 
ATOM   29  C  C8    . DG  A 1 2 ? 2.458   -4.856  1.042   1.00 12.25 ? 2   DG  A C8    1 
ATOM   30  N  N7    . DG  A 1 2 ? 1.371   -5.290  0.486   1.00 11.49 ? 2   DG  A N7    1 
ATOM   31  C  C5    . DG  A 1 2 ? 0.764   -6.060  1.462   1.00 10.09 ? 2   DG  A C5    1 
ATOM   32  C  C6    . DG  A 1 2 ? -0.459  -6.774  1.427   1.00 10.36 ? 2   DG  A C6    1 
ATOM   33  O  O6    . DG  A 1 2 ? -1.264  -6.865  0.490   1.00 11.85 ? 2   DG  A O6    1 
ATOM   34  N  N1    . DG  A 1 2 ? -0.706  -7.434  2.634   1.00 10.68 ? 2   DG  A N1    1 
ATOM   35  C  C2    . DG  A 1 2 ? 0.120   -7.387  3.733   1.00 12.24 ? 2   DG  A C2    1 
ATOM   36  N  N2    . DG  A 1 2 ? -0.271  -8.092  4.806   1.00 15.19 ? 2   DG  A N2    1 
ATOM   37  N  N3    . DG  A 1 2 ? 1.266   -6.729  3.769   1.00 13.78 ? 2   DG  A N3    1 
ATOM   38  C  C4    . DG  A 1 2 ? 1.522   -6.084  2.605   1.00 12.83 ? 2   DG  A C4    1 
ATOM   39  P  P     A DC  A 1 3 ? 3.482   -5.248  8.124   0.85 21.87 ? 3   DC  A P     1 
ATOM   40  P  P     B DC  A 1 3 ? 3.768   -3.930  7.593   0.15 21.49 ? 3   DC  A P     1 
ATOM   41  O  OP1   A DC  A 1 3 ? 4.356   -4.656  9.169   0.85 24.91 ? 3   DC  A OP1   1 
ATOM   42  O  OP1   B DC  A 1 3 ? 3.888   -2.664  6.836   0.15 21.40 ? 3   DC  A OP1   1 
ATOM   43  O  OP2   A DC  A 1 3 ? 3.029   -6.649  8.301   0.85 20.82 ? 3   DC  A OP2   1 
ATOM   44  O  OP2   B DC  A 1 3 ? 4.456   -4.015  8.898   0.15 23.51 ? 3   DC  A OP2   1 
ATOM   45  O  "O5'" . DC  A 1 3 ? 2.233   -4.258  7.863   1.00 20.39 ? 3   DC  A "O5'" 1 
ATOM   46  C  "C5'" . DC  A 1 3 ? 1.577   -3.599  8.950   1.00 22.36 ? 3   DC  A "C5'" 1 
ATOM   47  C  "C4'" . DC  A 1 3 ? 0.112   -3.984  9.046   1.00 18.16 ? 3   DC  A "C4'" 1 
ATOM   48  O  "O4'" . DC  A 1 3 ? -0.596  -3.566  7.847   1.00 16.73 ? 3   DC  A "O4'" 1 
ATOM   49  C  "C3'" . DC  A 1 3 ? -0.162  -5.477  9.195   1.00 20.21 ? 3   DC  A "C3'" 1 
ATOM   50  O  "O3'" . DC  A 1 3 ? -1.264  -5.661  10.061  1.00 20.84 ? 3   DC  A "O3'" 1 
ATOM   51  C  "C2'" . DC  A 1 3 ? -0.536  -5.876  7.769   1.00 15.91 ? 3   DC  A "C2'" 1 
ATOM   52  C  "C1'" . DC  A 1 3 ? -1.342  -4.659  7.368   1.00 15.09 ? 3   DC  A "C1'" 1 
ATOM   53  N  N1    . DC  A 1 3 ? -1.541  -4.500  5.896   1.00 12.80 ? 3   DC  A N1    1 
ATOM   54  C  C2    . DC  A 1 3 ? -2.618  -5.135  5.272   1.00 13.47 ? 3   DC  A C2    1 
ATOM   55  O  O2    . DC  A 1 3 ? -3.383  -5.835  5.949   1.00 14.77 ? 3   DC  A O2    1 
ATOM   56  N  N3    . DC  A 1 3 ? -2.794  -4.965  3.940   1.00 11.91 ? 3   DC  A N3    1 
ATOM   57  C  C4    . DC  A 1 3 ? -1.946  -4.211  3.241   1.00 10.31 ? 3   DC  A C4    1 
ATOM   58  N  N4    . DC  A 1 3 ? -2.165  -4.073  1.932   1.00 10.91 ? 3   DC  A N4    1 
ATOM   59  C  C5    . DC  A 1 3 ? -0.844  -3.556  3.857   1.00 11.50 ? 3   DC  A C5    1 
ATOM   60  C  C6    . DC  A 1 3 ? -0.683  -3.721  5.175   1.00 13.37 ? 3   DC  A C6    1 
ATOM   61  P  P     . DG  A 1 4 ? -1.059  -5.910  11.636  1.00 23.68 ? 4   DG  A P     1 
ATOM   62  O  OP1   . DG  A 1 4 ? 0.072   -6.839  11.833  1.00 26.46 ? 4   DG  A OP1   1 
ATOM   63  O  OP2   . DG  A 1 4 ? -2.411  -6.249  12.133  1.00 26.86 ? 4   DG  A OP2   1 
ATOM   64  O  "O5'" . DG  A 1 4 ? -0.631  -4.472  12.202  1.00 22.78 ? 4   DG  A "O5'" 1 
ATOM   65  C  "C5'" . DG  A 1 4 ? -1.600  -3.425  12.314  1.00 22.64 ? 4   DG  A "C5'" 1 
ATOM   66  C  "C4'" . DG  A 1 4 ? -0.943  -2.133  12.770  1.00 19.79 ? 4   DG  A "C4'" 1 
ATOM   67  O  "O4'" . DG  A 1 4 ? 0.099   -1.789  11.841  1.00 21.93 ? 4   DG  A "O4'" 1 
ATOM   68  C  "C3'" . DG  A 1 4 ? -1.872  -0.929  12.836  1.00 21.75 ? 4   DG  A "C3'" 1 
ATOM   69  O  "O3'" . DG  A 1 4 ? -2.365  -0.792  14.178  1.00 20.48 ? 4   DG  A "O3'" 1 
ATOM   70  C  "C2'" . DG  A 1 4 ? -0.980  0.251   12.434  1.00 20.38 ? 4   DG  A "C2'" 1 
ATOM   71  C  "C1'" . DG  A 1 4 ? 0.165   -0.394  11.655  1.00 23.26 ? 4   DG  A "C1'" 1 
ATOM   72  N  N9    . DG  A 1 4 ? 0.144   -0.129  10.215  1.00 21.90 ? 4   DG  A N9    1 
ATOM   73  C  C8    . DG  A 1 4 ? 1.116   0.518   9.485   1.00 22.48 ? 4   DG  A C8    1 
ATOM   74  N  N7    . DG  A 1 4 ? 0.843   0.593   8.210   1.00 20.35 ? 4   DG  A N7    1 
ATOM   75  C  C5    . DG  A 1 4 ? -0.383  -0.048  8.083   1.00 18.34 ? 4   DG  A C5    1 
ATOM   76  C  C6    . DG  A 1 4 ? -1.167  -0.273  6.933   1.00 18.13 ? 4   DG  A C6    1 
ATOM   77  O  O6    . DG  A 1 4 ? -0.921  0.065   5.774   1.00 17.50 ? 4   DG  A O6    1 
ATOM   78  N  N1    . DG  A 1 4 ? -2.345  -0.963  7.228   1.00 14.63 ? 4   DG  A N1    1 
ATOM   79  C  C2    . DG  A 1 4 ? -2.710  -1.386  8.485   1.00 17.69 ? 4   DG  A C2    1 
ATOM   80  N  N2    . DG  A 1 4 ? -3.881  -2.037  8.581   1.00 15.78 ? 4   DG  A N2    1 
ATOM   81  N  N3    . DG  A 1 4 ? -1.978  -1.181  9.576   1.00 18.29 ? 4   DG  A N3    1 
ATOM   82  C  C4    . DG  A 1 4 ? -0.828  -0.507  9.301   1.00 19.88 ? 4   DG  A C4    1 
ATOM   83  P  P     A DC  A 1 5 ? -3.369  0.395   14.590  0.51 24.49 ? 5   DC  A P     1 
ATOM   84  P  P     B DC  A 1 5 ? -3.937  -0.958  14.458  0.49 22.24 ? 5   DC  A P     1 
ATOM   85  O  OP1   A DC  A 1 5 ? -2.745  1.714   14.348  0.51 22.05 ? 5   DC  A OP1   1 
ATOM   86  O  OP1   B DC  A 1 5 ? -4.198  -0.724  15.896  0.49 25.80 ? 5   DC  A OP1   1 
ATOM   87  O  OP2   A DC  A 1 5 ? -3.853  0.092   15.952  0.51 26.26 ? 5   DC  A OP2   1 
ATOM   88  O  OP2   B DC  A 1 5 ? -4.356  -2.239  13.855  0.49 22.67 ? 5   DC  A OP2   1 
ATOM   89  O  "O5'" . DC  A 1 5 ? -4.585  0.213   13.580  1.00 19.97 ? 5   DC  A "O5'" 1 
ATOM   90  C  "C5'" . DC  A 1 5 ? -5.852  0.741   13.903  1.00 19.55 ? 5   DC  A "C5'" 1 
ATOM   91  C  "C4'" . DC  A 1 5 ? -6.798  0.592   12.730  1.00 18.61 ? 5   DC  A "C4'" 1 
ATOM   92  O  "O4'" . DC  A 1 5 ? -6.305  1.358   11.600  1.00 18.55 ? 5   DC  A "O4'" 1 
ATOM   93  C  "C3'" . DC  A 1 5 ? -6.971  -0.844  12.219  1.00 17.09 ? 5   DC  A "C3'" 1 
ATOM   94  O  "O3'" . DC  A 1 5 ? -8.341  -1.098  11.993  1.00 17.20 ? 5   DC  A "O3'" 1 
ATOM   95  C  "C2'" . DC  A 1 5 ? -6.189  -0.838  10.901  1.00 17.12 ? 5   DC  A "C2'" 1 
ATOM   96  C  "C1'" . DC  A 1 5 ? -6.450  0.578   10.439  1.00 17.41 ? 5   DC  A "C1'" 1 
ATOM   97  N  N1    . DC  A 1 5 ? -5.497  1.088   9.401   1.00 15.76 ? 5   DC  A N1    1 
ATOM   98  C  C2    . DC  A 1 5 ? -5.849  1.013   8.047   1.00 14.57 ? 5   DC  A C2    1 
ATOM   99  O  O2    . DC  A 1 5 ? -6.928  0.489   7.728   1.00 14.83 ? 5   DC  A O2    1 
ATOM   100 N  N3    . DC  A 1 5 ? -4.991  1.506   7.122   1.00 13.08 ? 5   DC  A N3    1 
ATOM   101 C  C4    . DC  A 1 5 ? -3.835  2.056   7.505   1.00 12.60 ? 5   DC  A C4    1 
ATOM   102 N  N4    . DC  A 1 5 ? -3.023  2.525   6.551   1.00 13.38 ? 5   DC  A N4    1 
ATOM   103 C  C5    . DC  A 1 5 ? -3.466  2.153   8.877   1.00 16.82 ? 5   DC  A C5    1 
ATOM   104 C  C6    . DC  A 1 5 ? -4.323  1.663   9.785   1.00 15.85 ? 5   DC  A C6    1 
ATOM   105 P  P     . DG  A 1 6 ? -9.246  -1.749  13.151  1.00 20.23 ? 6   DG  A P     1 
ATOM   106 O  OP1   . DG  A 1 6 ? -8.468  -2.822  13.810  1.00 20.94 ? 6   DG  A OP1   1 
ATOM   107 O  OP2   . DG  A 1 6 ? -10.567 -2.008  12.541  1.00 18.32 ? 6   DG  A OP2   1 
ATOM   108 O  "O5'" . DG  A 1 6 ? -9.373  -0.580  14.238  1.00 19.63 ? 6   DG  A "O5'" 1 
ATOM   109 C  "C5'" . DG  A 1 6 ? -10.279 0.483   14.049  1.00 17.21 ? 6   DG  A "C5'" 1 
ATOM   110 C  "C4'" . DG  A 1 6 ? -10.287 1.376   15.274  1.00 16.04 ? 6   DG  A "C4'" 1 
ATOM   111 O  "O4'" . DG  A 1 6 ? -8.986  1.991   15.425  1.00 16.96 ? 6   DG  A "O4'" 1 
ATOM   112 C  "C3'" . DG  A 1 6 ? -11.294 2.518   15.239  1.00 20.32 ? 6   DG  A "C3'" 1 
ATOM   113 O  "O3'" . DG  A 1 6 ? -11.823 2.716   16.536  1.00 21.62 ? 6   DG  A "O3'" 1 
ATOM   114 C  "C2'" . DG  A 1 6 ? -10.457 3.715   14.784  1.00 17.30 ? 6   DG  A "C2'" 1 
ATOM   115 C  "C1'" . DG  A 1 6 ? -9.101  3.402   15.401  1.00 17.99 ? 6   DG  A "C1'" 1 
ATOM   116 N  N9    . DG  A 1 6 ? -7.947  3.919   14.658  1.00 15.57 ? 6   DG  A N9    1 
ATOM   117 C  C8    . DG  A 1 6 ? -6.793  4.426   15.204  1.00 15.53 ? 6   DG  A C8    1 
ATOM   118 N  N7    . DG  A 1 6 ? -5.902  4.779   14.315  1.00 16.47 ? 6   DG  A N7    1 
ATOM   119 C  C5    . DG  A 1 6 ? -6.494  4.477   13.094  1.00 16.19 ? 6   DG  A C5    1 
ATOM   120 C  C6    . DG  A 1 6 ? -5.998  4.642   11.779  1.00 16.77 ? 6   DG  A C6    1 
ATOM   121 O  O6    . DG  A 1 6 ? -4.901  5.100   11.425  1.00 15.60 ? 6   DG  A O6    1 
ATOM   122 N  N1    . DG  A 1 6 ? -6.916  4.219   10.823  1.00 15.76 ? 6   DG  A N1    1 
ATOM   123 C  C2    . DG  A 1 6 ? -8.152  3.686   11.098  1.00 17.02 ? 6   DG  A C2    1 
ATOM   124 N  N2    . DG  A 1 6 ? -8.891  3.325   10.039  1.00 16.89 ? 6   DG  A N2    1 
ATOM   125 N  N3    . DG  A 1 6 ? -8.632  3.517   12.332  1.00 15.79 ? 6   DG  A N3    1 
ATOM   126 C  C4    . DG  A 1 6 ? -7.753  3.937   13.278  1.00 15.70 ? 6   DG  A C4    1 
ATOM   127 O  "O5'" . DC  B 1 1 ? -7.278  6.370   1.770   1.00 11.49 ? 1   DC  B "O5'" 1 
ATOM   128 C  "C5'" . DC  B 1 1 ? -7.652  5.056   1.348   1.00 11.29 ? 1   DC  B "C5'" 1 
ATOM   129 C  "C4'" . DC  B 1 1 ? -8.292  4.264   2.487   1.00 12.36 ? 1   DC  B "C4'" 1 
ATOM   130 O  "O4'" . DC  B 1 1 ? -7.302  4.033   3.528   1.00 11.80 ? 1   DC  B "O4'" 1 
ATOM   131 C  "C3'" . DC  B 1 1 ? -9.495  4.930   3.188   1.00 13.98 ? 1   DC  B "C3'" 1 
ATOM   132 O  "O3'" . DC  B 1 1 ? -10.512 3.957   3.454   1.00 11.91 ? 1   DC  B "O3'" 1 
ATOM   133 C  "C2'" . DC  B 1 1 ? -8.889  5.410   4.494   1.00 13.61 ? 1   DC  B "C2'" 1 
ATOM   134 C  "C1'" . DC  B 1 1 ? -7.914  4.281   4.767   1.00 13.53 ? 1   DC  B "C1'" 1 
ATOM   135 N  N1    . DC  B 1 1 ? -6.905  4.642   5.753   1.00 13.54 ? 1   DC  B N1    1 
ATOM   136 C  C2    . DC  B 1 1 ? -7.078  4.223   7.072   1.00 14.11 ? 1   DC  B C2    1 
ATOM   137 O  O2    . DC  B 1 1 ? -8.063  3.527   7.348   1.00 15.94 ? 1   DC  B O2    1 
ATOM   138 N  N3    . DC  B 1 1 ? -6.163  4.584   8.000   1.00 15.27 ? 1   DC  B N3    1 
ATOM   139 C  C4    . DC  B 1 1 ? -5.126  5.346   7.650   1.00 14.20 ? 1   DC  B C4    1 
ATOM   140 N  N4    . DC  B 1 1 ? -4.243  5.679   8.594   1.00 14.32 ? 1   DC  B N4    1 
ATOM   141 C  C5    . DC  B 1 1 ? -4.943  5.798   6.305   1.00 14.17 ? 1   DC  B C5    1 
ATOM   142 C  C6    . DC  B 1 1 ? -5.857  5.428   5.402   1.00 13.88 ? 1   DC  B C6    1 
ATOM   143 P  P     . DG  B 1 2 ? -11.758 3.795   2.471   1.00 13.58 ? 2   DG  B P     1 
ATOM   144 O  OP1   . DG  B 1 2 ? -12.038 5.101   1.834   1.00 16.46 ? 2   DG  B OP1   1 
ATOM   145 O  OP2   . DG  B 1 2 ? -12.829 3.095   3.219   1.00 14.98 ? 2   DG  B OP2   1 
ATOM   146 O  "O5'" . DG  B 1 2 ? -11.226 2.838   1.323   1.00 11.40 ? 2   DG  B "O5'" 1 
ATOM   147 C  "C5'" . DG  B 1 2 ? -10.892 1.496   1.631   1.00 13.49 ? 2   DG  B "C5'" 1 
ATOM   148 C  "C4'" . DG  B 1 2 ? -10.226 0.831   0.454   1.00 12.60 ? 2   DG  B "C4'" 1 
ATOM   149 O  "O4'" . DG  B 1 2 ? -9.114  1.639   0.033   1.00 12.87 ? 2   DG  B "O4'" 1 
ATOM   150 C  "C3'" . DG  B 1 2 ? -9.675  -0.548  0.764   1.00 12.23 ? 2   DG  B "C3'" 1 
ATOM   151 O  "O3'" . DG  B 1 2 ? -10.612 -1.523  0.345   1.00 13.41 ? 2   DG  B "O3'" 1 
ATOM   152 C  "C2'" . DG  B 1 2 ? -8.368  -0.631  -0.030  1.00 11.41 ? 2   DG  B "C2'" 1 
ATOM   153 C  "C1'" . DG  B 1 2 ? -7.995  0.838   -0.277  1.00 11.38 ? 2   DG  B "C1'" 1 
ATOM   154 N  N9    . DG  B 1 2 ? -6.855  1.336   0.496   1.00 10.74 ? 2   DG  B N9    1 
ATOM   155 C  C8    . DG  B 1 2 ? -5.771  2.024   0.001   1.00 11.08 ? 2   DG  B C8    1 
ATOM   156 N  N7    . DG  B 1 2 ? -4.917  2.382   0.922   1.00 11.47 ? 2   DG  B N7    1 
ATOM   157 C  C5    . DG  B 1 2 ? -5.477  1.933   2.107   1.00 11.84 ? 2   DG  B C5    1 
ATOM   158 C  C6    . DG  B 1 2 ? -4.997  2.030   3.438   1.00 11.12 ? 2   DG  B C6    1 
ATOM   159 O  O6    . DG  B 1 2 ? -3.956  2.571   3.840   1.00 13.37 ? 2   DG  B O6    1 
ATOM   160 N  N1    . DG  B 1 2 ? -5.867  1.433   4.340   1.00 10.03 ? 2   DG  B N1    1 
ATOM   161 C  C2    . DG  B 1 2 ? -7.052  0.823   4.006   1.00 11.38 ? 2   DG  B C2    1 
ATOM   162 N  N2    . DG  B 1 2 ? -7.763  0.303   5.017   1.00 12.14 ? 2   DG  B N2    1 
ATOM   163 N  N3    . DG  B 1 2 ? -7.504  0.711   2.768   1.00 11.22 ? 2   DG  B N3    1 
ATOM   164 C  C4    . DG  B 1 2 ? -6.675  1.291   1.871   1.00 11.59 ? 2   DG  B C4    1 
ATOM   165 P  P     . DC  B 1 3 ? -11.134 -2.618  1.393   1.00 16.10 ? 3   DC  B P     1 
ATOM   166 O  OP1   . DC  B 1 3 ? -11.889 -3.629  0.627   1.00 20.51 ? 3   DC  B OP1   1 
ATOM   167 O  OP2   . DC  B 1 3 ? -11.776 -1.930  2.534   1.00 18.81 ? 3   DC  B OP2   1 
ATOM   168 O  "O5'" . DC  B 1 3 ? -9.762  -3.219  1.958   1.00 17.92 ? 3   DC  B "O5'" 1 
ATOM   169 C  "C5'" . DC  B 1 3 ? -9.570  -4.603  2.065   1.00 15.73 ? 3   DC  B "C5'" 1 
ATOM   170 C  "C4'" . DC  B 1 3 ? -8.779  -4.885  3.315   1.00 14.04 ? 3   DC  B "C4'" 1 
ATOM   171 O  "O4'" . DC  B 1 3 ? -7.426  -4.385  3.147   1.00 14.49 ? 3   DC  B "O4'" 1 
ATOM   172 C  "C3'" . DC  B 1 3 ? -9.316  -4.191  4.570   1.00 15.97 ? 3   DC  B "C3'" 1 
ATOM   173 O  "O3'" . DC  B 1 3 ? -9.303  -5.099  5.655   1.00 17.87 ? 3   DC  B "O3'" 1 
ATOM   174 C  "C2'" . DC  B 1 3 ? -8.317  -3.058  4.787   1.00 13.80 ? 3   DC  B "C2'" 1 
ATOM   175 C  "C1'" . DC  B 1 3 ? -7.054  -3.754  4.338   1.00 13.74 ? 3   DC  B "C1'" 1 
ATOM   176 N  N1    . DC  B 1 3 ? -5.891  -2.866  4.088   1.00 12.61 ? 3   DC  B N1    1 
ATOM   177 C  C2    . DC  B 1 3 ? -5.024  -2.566  5.138   1.00 12.74 ? 3   DC  B C2    1 
ATOM   178 O  O2    . DC  B 1 3 ? -5.262  -3.034  6.265   1.00 16.03 ? 3   DC  B O2    1 
ATOM   179 N  N3    . DC  B 1 3 ? -3.941  -1.780  4.897   1.00 12.58 ? 3   DC  B N3    1 
ATOM   180 C  C4    . DC  B 1 3 ? -3.724  -1.293  3.669   1.00 12.39 ? 3   DC  B C4    1 
ATOM   181 N  N4    . DC  B 1 3 ? -2.649  -0.514  3.481   1.00 13.39 ? 3   DC  B N4    1 
ATOM   182 C  C5    . DC  B 1 3 ? -4.596  -1.595  2.579   1.00 11.64 ? 3   DC  B C5    1 
ATOM   183 C  C6    . DC  B 1 3 ? -5.652  -2.382  2.828   1.00 12.80 ? 3   DC  B C6    1 
ATOM   184 P  P     . DG  B 1 4 ? -10.628 -5.911  6.061   1.00 22.20 ? 4   DG  B P     1 
ATOM   185 O  OP1   . DG  B 1 4 ? -11.765 -4.967  6.116   1.00 25.86 ? 4   DG  B OP1   1 
ATOM   186 O  OP2   . DG  B 1 4 ? -10.255 -6.717  7.246   1.00 23.58 ? 4   DG  B OP2   1 
ATOM   187 O  "O5'" . DG  B 1 4 ? -10.862 -6.913  4.845   1.00 17.48 ? 4   DG  B "O5'" 1 
ATOM   188 C  "C5'" . DG  B 1 4 ? -9.979  -8.004  4.679   1.00 17.94 ? 4   DG  B "C5'" 1 
ATOM   189 C  "C4'" . DG  B 1 4 ? -10.296 -8.787  3.417   1.00 17.00 ? 4   DG  B "C4'" 1 
ATOM   190 O  "O4'" . DG  B 1 4 ? -10.086 -7.952  2.265   1.00 18.22 ? 4   DG  B "O4'" 1 
ATOM   191 C  "C3'" . DG  B 1 4 ? -9.434  -10.024 3.229   1.00 16.89 ? 4   DG  B "C3'" 1 
ATOM   192 O  "O3'" . DG  B 1 4 ? -10.190 -11.159 3.626   1.00 18.93 ? 4   DG  B "O3'" 1 
ATOM   193 C  "C2'" . DG  B 1 4 ? -9.087  -10.058 1.734   1.00 14.66 ? 4   DG  B "C2'" 1 
ATOM   194 C  "C1'" . DG  B 1 4 ? -9.444  -8.664  1.224   1.00 19.01 ? 4   DG  B "C1'" 1 
ATOM   195 N  N9    . DG  B 1 4 ? -8.308  -7.859  0.793   1.00 11.64 ? 4   DG  B N9    1 
ATOM   196 C  C8    . DG  B 1 4 ? -8.113  -7.330  -0.457  1.00 17.10 ? 4   DG  B C8    1 
ATOM   197 N  N7    . DG  B 1 4 ? -7.030  -6.607  -0.552  1.00 16.38 ? 4   DG  B N7    1 
ATOM   198 C  C5    . DG  B 1 4 ? -6.478  -6.643  0.725   1.00 13.87 ? 4   DG  B C5    1 
ATOM   199 C  C6    . DG  B 1 4 ? -5.302  -6.035  1.221   1.00 13.70 ? 4   DG  B C6    1 
ATOM   200 O  O6    . DG  B 1 4 ? -4.495  -5.319  0.614   1.00 13.50 ? 4   DG  B O6    1 
ATOM   201 N  N1    . DG  B 1 4 ? -5.103  -6.318  2.567   1.00 11.62 ? 4   DG  B N1    1 
ATOM   202 C  C2    . DG  B 1 4 ? -5.940  -7.085  3.340   1.00 11.29 ? 4   DG  B C2    1 
ATOM   203 N  N2    . DG  B 1 4 ? -5.582  -7.232  4.622   1.00 10.92 ? 4   DG  B N2    1 
ATOM   204 N  N3    . DG  B 1 4 ? -7.047  -7.665  2.887   1.00 13.36 ? 4   DG  B N3    1 
ATOM   205 C  C4    . DG  B 1 4 ? -7.253  -7.402  1.571   1.00 14.30 ? 4   DG  B C4    1 
ATOM   206 P  P     A DC  B 1 5 ? -9.807  -11.926 4.986   0.65 21.39 ? 5   DC  B P     1 
ATOM   207 P  P     B DC  B 1 5 ? -9.480  -12.580 3.860   0.35 17.78 ? 5   DC  B P     1 
ATOM   208 O  OP1   A DC  B 1 5 ? -10.541 -13.211 5.016   0.65 19.20 ? 5   DC  B OP1   1 
ATOM   209 O  OP1   B DC  B 1 5 ? -8.970  -13.084 2.565   0.35 20.71 ? 5   DC  B OP1   1 
ATOM   210 O  OP2   A DC  B 1 5 ? -9.952  -10.961 6.096   0.65 21.85 ? 5   DC  B OP2   1 
ATOM   211 O  OP2   B DC  B 1 5 ? -10.417 -13.409 4.648   0.35 19.38 ? 5   DC  B OP2   1 
ATOM   212 O  "O5'" . DC  B 1 5 ? -8.247  -12.235 4.811   1.00 21.91 ? 5   DC  B "O5'" 1 
ATOM   213 C  "C5'" . DC  B 1 5 ? -7.625  -13.278 5.535   1.00 17.09 ? 5   DC  B "C5'" 1 
ATOM   214 C  "C4'" . DC  B 1 5 ? -6.207  -12.898 5.894   1.00 14.95 ? 5   DC  B "C4'" 1 
ATOM   215 O  "O4'" . DC  B 1 5 ? -5.479  -12.523 4.695   1.00 12.67 ? 5   DC  B "O4'" 1 
ATOM   216 C  "C3'" . DC  B 1 5 ? -6.073  -11.715 6.860   1.00 17.71 ? 5   DC  B "C3'" 1 
ATOM   217 O  "O3'" . DC  B 1 5 ? -5.126  -12.027 7.840   1.00 16.48 ? 5   DC  B "O3'" 1 
ATOM   218 C  "C2'" . DC  B 1 5 ? -5.549  -10.602 5.958   1.00 15.23 ? 5   DC  B "C2'" 1 
ATOM   219 C  "C1'" . DC  B 1 5 ? -4.700  -11.405 4.992   1.00 13.28 ? 5   DC  B "C1'" 1 
ATOM   220 N  N1    . DC  B 1 5 ? -4.405  -10.685 3.740   1.00 11.38 ? 5   DC  B N1    1 
ATOM   221 C  C2    . DC  B 1 5 ? -3.294  -9.843  3.691   1.00 12.58 ? 5   DC  B C2    1 
ATOM   222 O  O2    . DC  B 1 5 ? -2.577  -9.742  4.694   1.00 13.86 ? 5   DC  B O2    1 
ATOM   223 N  N3    . DC  B 1 5 ? -3.028  -9.173  2.547   1.00 11.40 ? 5   DC  B N3    1 
ATOM   224 C  C4    . DC  B 1 5 ? -3.822  -9.316  1.486   1.00 9.53  ? 5   DC  B C4    1 
ATOM   225 N  N4    . DC  B 1 5 ? -3.518  -8.634  0.377   1.00 10.29 ? 5   DC  B N4    1 
ATOM   226 C  C5    . DC  B 1 5 ? -4.972  -10.162 1.520   1.00 11.45 ? 5   DC  B C5    1 
ATOM   227 C  C6    . DC  B 1 5 ? -5.230  -10.815 2.661   1.00 11.23 ? 5   DC  B C6    1 
ATOM   228 P  P     . DG  B 1 6 ? -5.580  -12.581 9.280   1.00 18.21 ? 6   DG  B P     1 
ATOM   229 O  OP1   . DG  B 1 6 ? -6.689  -11.726 9.772   1.00 19.69 ? 6   DG  B OP1   1 
ATOM   230 O  OP2   . DG  B 1 6 ? -4.330  -12.769 10.047  1.00 23.01 ? 6   DG  B OP2   1 
ATOM   231 O  "O5'" . DG  B 1 6 ? -6.194  -14.018 8.968   1.00 18.26 ? 6   DG  B "O5'" 1 
ATOM   232 C  "C5'" . DG  B 1 6 ? -5.358  -15.108 8.621   1.00 16.52 ? 6   DG  B "C5'" 1 
ATOM   233 C  "C4'" . DG  B 1 6 ? -6.228  -16.305 8.288   1.00 16.35 ? 6   DG  B "C4'" 1 
ATOM   234 O  "O4'" . DG  B 1 6 ? -6.869  -16.099 7.006   1.00 14.12 ? 6   DG  B "O4'" 1 
ATOM   235 C  "C3'" . DG  B 1 6 ? -5.522  -17.651 8.181   1.00 15.97 ? 6   DG  B "C3'" 1 
ATOM   236 O  "O3'" . DG  B 1 6 ? -6.434  -18.680 8.590   1.00 16.68 ? 6   DG  B "O3'" 1 
ATOM   237 C  "C2'" . DG  B 1 6 ? -5.218  -17.740 6.684   1.00 15.73 ? 6   DG  B "C2'" 1 
ATOM   238 C  "C1'" . DG  B 1 6 ? -6.488  -17.126 6.109   1.00 16.04 ? 6   DG  B "C1'" 1 
ATOM   239 N  N9    . DG  B 1 6 ? -6.366  -16.513 4.785   1.00 13.49 ? 6   DG  B N9    1 
ATOM   240 C  C8    . DG  B 1 6 ? -7.330  -16.519 3.815   1.00 15.52 ? 6   DG  B C8    1 
ATOM   241 N  N7    . DG  B 1 6 ? -7.001  -15.866 2.749   1.00 14.38 ? 6   DG  B N7    1 
ATOM   242 C  C5    . DG  B 1 6 ? -5.733  -15.369 3.026   1.00 13.51 ? 6   DG  B C5    1 
ATOM   243 C  C6    . DG  B 1 6 ? -4.875  -14.579 2.224   1.00 13.05 ? 6   DG  B C6    1 
ATOM   244 O  O6    . DG  B 1 6 ? -5.080  -14.144 1.084   1.00 12.67 ? 6   DG  B O6    1 
ATOM   245 N  N1    . DG  B 1 6 ? -3.681  -14.285 2.880   1.00 11.81 ? 6   DG  B N1    1 
ATOM   246 C  C2    . DG  B 1 6 ? -3.354  -14.715 4.152   1.00 12.87 ? 6   DG  B C2    1 
ATOM   247 N  N2    . DG  B 1 6 ? -2.156  -14.333 4.624   1.00 13.49 ? 6   DG  B N2    1 
ATOM   248 N  N3    . DG  B 1 6 ? -4.158  -15.450 4.913   1.00 11.73 ? 6   DG  B N3    1 
ATOM   249 C  C4    . DG  B 1 6 ? -5.326  -15.745 4.285   1.00 12.39 ? 6   DG  B C4    1 
ATOM   250 O  "O5'" A DC  C 1 1 ? -4.449  9.036   0.696   0.52 13.88 ? 1   DC  C "O5'" 1 
ATOM   251 O  "O5'" B DC  C 1 1 ? -2.220  9.461   0.931   0.48 12.95 ? 1   DC  C "O5'" 1 
ATOM   252 C  "C5'" . DC  C 1 1 ? -3.177  8.780   0.121   1.00 13.04 ? 1   DC  C "C5'" 1 
ATOM   253 C  "C4'" . DC  C 1 1 ? -3.113  9.265   -1.316  1.00 11.83 ? 1   DC  C "C4'" 1 
ATOM   254 O  "O4'" . DC  C 1 1 ? -4.109  8.577   -2.115  1.00 9.74  ? 1   DC  C "O4'" 1 
ATOM   255 C  "C3'" . DC  C 1 1 ? -3.379  10.754  -1.506  1.00 11.97 ? 1   DC  C "C3'" 1 
ATOM   256 O  "O3'" . DC  C 1 1 ? -2.614  11.240  -2.583  1.00 10.44 ? 1   DC  C "O3'" 1 
ATOM   257 C  "C2'" . DC  C 1 1 ? -4.864  10.783  -1.847  1.00 10.43 ? 1   DC  C "C2'" 1 
ATOM   258 C  "C1'" . DC  C 1 1 ? -5.019  9.503   -2.657  1.00 11.74 ? 1   DC  C "C1'" 1 
ATOM   259 N  N1    . DC  C 1 1 ? -6.387  8.922   -2.589  1.00 11.54 ? 1   DC  C N1    1 
ATOM   260 C  C2    . DC  C 1 1 ? -7.294  9.197   -3.612  1.00 9.98  ? 1   DC  C C2    1 
ATOM   261 O  O2    . DC  C 1 1 ? -6.935  9.920   -4.555  1.00 10.99 ? 1   DC  C O2    1 
ATOM   262 N  N3    . DC  C 1 1 ? -8.537  8.661   -3.547  1.00 10.00 ? 1   DC  C N3    1 
ATOM   263 C  C4    . DC  C 1 1 ? -8.875  7.892   -2.513  1.00 10.74 ? 1   DC  C C4    1 
ATOM   264 N  N4    . DC  C 1 1 ? -10.111 7.393   -2.485  1.00 13.27 ? 1   DC  C N4    1 
ATOM   265 C  C5    . DC  C 1 1 ? -7.965  7.614   -1.455  1.00 10.44 ? 1   DC  C C5    1 
ATOM   266 C  C6    . DC  C 1 1 ? -6.742  8.145   -1.534  1.00 10.23 ? 1   DC  C C6    1 
ATOM   267 P  P     . DG  C 1 2 ? -1.115  11.758  -2.340  1.00 11.46 ? 2   DG  C P     1 
ATOM   268 O  OP1   . DG  C 1 2 ? -1.014  12.346  -0.997  1.00 12.31 ? 2   DG  C OP1   1 
ATOM   269 O  OP2   . DG  C 1 2 ? -0.705  12.495  -3.559  1.00 12.26 ? 2   DG  C OP2   1 
ATOM   270 O  "O5'" . DG  C 1 2 ? -0.274  10.403  -2.289  1.00 11.95 ? 2   DG  C "O5'" 1 
ATOM   271 C  "C5'" . DG  C 1 2 ? -0.126  9.622   -3.454  1.00 13.51 ? 2   DG  C "C5'" 1 
ATOM   272 C  "C4'" . DG  C 1 2 ? 0.859   8.504   -3.190  1.00 11.46 ? 2   DG  C "C4'" 1 
ATOM   273 O  "O4'" . DG  C 1 2 ? 0.465   7.796   -2.010  1.00 11.49 ? 2   DG  C "O4'" 1 
ATOM   274 C  "C3'" . DG  C 1 2 ? 0.979   7.486   -4.303  1.00 13.12 ? 2   DG  C "C3'" 1 
ATOM   275 O  "O3'" . DG  C 1 2 ? 2.149   7.753   -4.993  1.00 13.40 ? 2   DG  C "O3'" 1 
ATOM   276 C  "C2'" . DG  C 1 2 ? 1.065   6.131   -3.606  1.00 10.75 ? 2   DG  C "C2'" 1 
ATOM   277 C  "C1'" . DG  C 1 2 ? 0.540   6.404   -2.204  1.00 10.11 ? 2   DG  C "C1'" 1 
ATOM   278 N  N9    . DG  C 1 2 ? -0.772  5.850   -1.921  1.00 9.53  ? 2   DG  C N9    1 
ATOM   279 C  C8    . DG  C 1 2 ? -1.118  5.135   -0.808  1.00 11.05 ? 2   DG  C C8    1 
ATOM   280 N  N7    . DG  C 1 2 ? -2.369  4.787   -0.782  1.00 10.36 ? 2   DG  C N7    1 
ATOM   281 C  C5    . DG  C 1 2 ? -2.897  5.303   -1.953  1.00 9.07  ? 2   DG  C C5    1 
ATOM   282 C  C6    . DG  C 1 2 ? -4.211  5.223   -2.455  1.00 8.83  ? 2   DG  C C6    1 
ATOM   283 O  O6    . DG  C 1 2 ? -5.190  4.657   -1.939  1.00 11.62 ? 2   DG  C O6    1 
ATOM   284 N  N1    . DG  C 1 2 ? -4.336  5.887   -3.673  1.00 9.26  ? 2   DG  C N1    1 
ATOM   285 C  C2    . DG  C 1 2 ? -3.304  6.532   -4.325  1.00 10.96 ? 2   DG  C C2    1 
ATOM   286 N  N2    . DG  C 1 2 ? -3.607  7.122   -5.494  1.00 11.56 ? 2   DG  C N2    1 
ATOM   287 N  N3    . DG  C 1 2 ? -2.064  6.614   -3.857  1.00 11.03 ? 2   DG  C N3    1 
ATOM   288 C  C4    . DG  C 1 2 ? -1.933  5.972   -2.671  1.00 8.94  ? 2   DG  C C4    1 
ATOM   289 P  P     . DC  C 1 3 ? 2.067   8.014   -6.553  1.00 13.88 ? 3   DC  C P     1 
ATOM   290 O  OP1   . DC  C 1 3 ? 3.460   8.188   -7.049  1.00 16.55 ? 3   DC  C OP1   1 
ATOM   291 O  OP2   . DC  C 1 3 ? 1.075   9.099   -6.750  1.00 19.94 ? 3   DC  C OP2   1 
ATOM   292 O  "O5'" . DC  C 1 3 ? 1.416   6.678   -7.085  1.00 19.97 ? 3   DC  C "O5'" 1 
ATOM   293 C  "C5'" . DC  C 1 3 ? 2.086   5.839   -7.961  1.00 17.24 ? 3   DC  C "C5'" 1 
ATOM   294 C  "C4'" . DC  C 1 3 ? 1.062   5.014   -8.699  1.00 14.29 ? 3   DC  C "C4'" 1 
ATOM   295 O  "O4'" . DC  C 1 3 ? 0.472   4.059   -7.772  1.00 13.71 ? 3   DC  C "O4'" 1 
ATOM   296 C  "C3'" . DC  C 1 3 ? -0.114  5.829   -9.260  1.00 15.80 ? 3   DC  C "C3'" 1 
ATOM   297 O  "O3'" . DC  C 1 3 ? -0.542  5.270   -10.500 1.00 15.37 ? 3   DC  C "O3'" 1 
ATOM   298 C  "C2'" . DC  C 1 3 ? -1.187  5.632   -8.183  1.00 13.28 ? 3   DC  C "C2'" 1 
ATOM   299 C  "C1'" . DC  C 1 3 ? -0.929  4.176   -7.850  1.00 12.27 ? 3   DC  C "C1'" 1 
ATOM   300 N  N1    . DC  C 1 3 ? -1.537  3.681   -6.579  1.00 10.00 ? 3   DC  C N1    1 
ATOM   301 C  C2    . DC  C 1 3 ? -2.912  3.422   -6.536  1.00 10.54 ? 3   DC  C C2    1 
ATOM   302 O  O2    . DC  C 1 3 ? -3.598  3.681   -7.532  1.00 12.21 ? 3   DC  C O2    1 
ATOM   303 N  N3    . DC  C 1 3 ? -3.458  2.931   -5.393  1.00 10.28 ? 3   DC  C N3    1 
ATOM   304 C  C4    . DC  C 1 3 ? -2.682  2.680   -4.338  1.00 9.36  ? 3   DC  C C4    1 
ATOM   305 N  N4    . DC  C 1 3 ? -3.263  2.193   -3.243  1.00 11.04 ? 3   DC  C N4    1 
ATOM   306 C  C5    . DC  C 1 3 ? -1.273  2.917   -4.364  1.00 11.06 ? 3   DC  C C5    1 
ATOM   307 C  C6    . DC  C 1 3 ? -0.743  3.400   -5.502  1.00 10.28 ? 3   DC  C C6    1 
ATOM   308 P  P     . DG  C 1 4 ? 0.023   5.809   -11.904 1.00 16.41 ? 4   DG  C P     1 
ATOM   309 O  OP1   . DG  C 1 4 ? 0.192   7.277   -11.827 1.00 17.47 ? 4   DG  C OP1   1 
ATOM   310 O  OP2   . DG  C 1 4 ? -0.817  5.215   -12.965 1.00 21.69 ? 4   DG  C OP2   1 
ATOM   311 O  "O5'" . DG  C 1 4 ? 1.479   5.175   -12.001 1.00 16.53 ? 4   DG  C "O5'" 1 
ATOM   312 C  "C5'" . DG  C 1 4 ? 1.644   3.789   -12.115 1.00 13.44 ? 4   DG  C "C5'" 1 
ATOM   313 C  "C4'" . DG  C 1 4 ? 3.113   3.425   -12.036 1.00 14.21 ? 4   DG  C "C4'" 1 
ATOM   314 O  "O4'" . DG  C 1 4 ? 3.630   3.746   -10.726 1.00 15.65 ? 4   DG  C "O4'" 1 
ATOM   315 C  "C3'" . DG  C 1 4 ? 3.398   1.957   -12.271 1.00 14.64 ? 4   DG  C "C3'" 1 
ATOM   316 O  "O3'" . DG  C 1 4 ? 3.753   1.800   -13.625 1.00 17.62 ? 4   DG  C "O3'" 1 
ATOM   317 C  "C2'" . DG  C 1 4 ? 4.573   1.638   -11.331 1.00 17.09 ? 4   DG  C "C2'" 1 
ATOM   318 C  "C1'" . DG  C 1 4 ? 4.532   2.751   -10.281 1.00 17.83 ? 4   DG  C "C1'" 1 
ATOM   319 N  N9    . DG  C 1 4 ? 4.114   2.312   -8.940  1.00 16.67 ? 4   DG  C N9    1 
ATOM   320 C  C8    . DG  C 1 4 ? 4.862   2.336   -7.788  1.00 16.07 ? 4   DG  C C8    1 
ATOM   321 N  N7    . DG  C 1 4 ? 4.218   1.899   -6.736  1.00 14.58 ? 4   DG  C N7    1 
ATOM   322 C  C5    . DG  C 1 4 ? 2.957   1.568   -7.224  1.00 15.23 ? 4   DG  C C5    1 
ATOM   323 C  C6    . DG  C 1 4 ? 1.826   1.047   -6.552  1.00 15.00 ? 4   DG  C C6    1 
ATOM   324 O  O6    . DG  C 1 4 ? 1.703   0.770   -5.355  1.00 15.82 ? 4   DG  C O6    1 
ATOM   325 N  N1    . DG  C 1 4 ? 0.748   0.864   -7.424  1.00 11.40 ? 4   DG  C N1    1 
ATOM   326 C  C2    . DG  C 1 4 ? 0.767   1.142   -8.763  1.00 14.67 ? 4   DG  C C2    1 
ATOM   327 N  N2    . DG  C 1 4 ? -0.371  0.894   -9.437  1.00 12.03 ? 4   DG  C N2    1 
ATOM   328 N  N3    . DG  C 1 4 ? 1.820   1.624   -9.407  1.00 12.85 ? 4   DG  C N3    1 
ATOM   329 C  C4    . DG  C 1 4 ? 2.877   1.815   -8.577  1.00 13.59 ? 4   DG  C C4    1 
ATOM   330 P  P     . DC  C 1 5 ? 3.931   0.354   -14.286 1.00 20.42 ? 5   DC  C P     1 
ATOM   331 O  OP1   . DC  C 1 5 ? 5.069   -0.327  -13.642 1.00 22.03 ? 5   DC  C OP1   1 
ATOM   332 O  OP2   . DC  C 1 5 ? 3.959   0.560   -15.759 1.00 21.77 ? 5   DC  C OP2   1 
ATOM   333 O  "O5'" . DC  C 1 5 ? 2.595   -0.426  -13.915 1.00 15.86 ? 5   DC  C "O5'" 1 
ATOM   334 C  "C5'" . DC  C 1 5 ? 2.283   -1.631  -14.598 1.00 14.49 ? 5   DC  C "C5'" 1 
ATOM   335 C  "C4'" . DC  C 1 5 ? 1.106   -2.318  -13.949 1.00 16.10 ? 5   DC  C "C4'" 1 
ATOM   336 O  "O4'" . DC  C 1 5 ? 1.498   -2.788  -12.634 1.00 16.13 ? 5   DC  C "O4'" 1 
ATOM   337 C  "C3'" . DC  C 1 5 ? -0.126  -1.428  -13.734 1.00 14.61 ? 5   DC  C "C3'" 1 
ATOM   338 O  "O3'" . DC  C 1 5 ? -1.289  -2.135  -14.089 1.00 15.42 ? 5   DC  C "O3'" 1 
ATOM   339 C  "C2'" . DC  C 1 5 ? -0.100  -1.166  -12.228 1.00 14.46 ? 5   DC  C "C2'" 1 
ATOM   340 C  "C1'" . DC  C 1 5 ? 0.466   -2.486  -11.735 1.00 13.83 ? 5   DC  C "C1'" 1 
ATOM   341 N  N1    . DC  C 1 5 ? 1.018   -2.424  -10.366 1.00 11.92 ? 5   DC  C N1    1 
ATOM   342 C  C2    . DC  C 1 5 ? 0.236   -2.873  -9.311  1.00 11.03 ? 5   DC  C C2    1 
ATOM   343 O  O2    . DC  C 1 5 ? -0.891  -3.308  -9.561  1.00 13.81 ? 5   DC  C O2    1 
ATOM   344 N  N3    . DC  C 1 5 ? 0.730   -2.820  -8.044  1.00 12.37 ? 5   DC  C N3    1 
ATOM   345 C  C4    . DC  C 1 5 ? 1.958   -2.332  -7.831  1.00 15.58 ? 5   DC  C C4    1 
ATOM   346 N  N4    . DC  C 1 5 ? 2.409   -2.293  -6.570  1.00 14.62 ? 5   DC  C N4    1 
ATOM   347 C  C5    . DC  C 1 5 ? 2.779   -1.860  -8.905  1.00 14.83 ? 5   DC  C C5    1 
ATOM   348 C  C6    . DC  C 1 5 ? 2.271   -1.926  -10.147 1.00 14.61 ? 5   DC  C C6    1 
ATOM   349 P  P     . DG  C 1 6 ? -2.017  -1.864  -15.489 1.00 18.38 ? 6   DG  C P     1 
ATOM   350 O  OP1   . DG  C 1 6 ? -1.881  -0.429  -15.839 1.00 19.74 ? 6   DG  C OP1   1 
ATOM   351 O  OP2   . DG  C 1 6 ? -3.352  -2.495  -15.381 1.00 19.56 ? 6   DG  C OP2   1 
ATOM   352 O  "O5'" . DG  C 1 6 ? -1.104  -2.665  -16.525 1.00 17.33 ? 6   DG  C "O5'" 1 
ATOM   353 C  "C5'" . DG  C 1 6 ? -1.100  -4.072  -16.538 1.00 17.65 ? 6   DG  C "C5'" 1 
ATOM   354 C  "C4'" . DG  C 1 6 ? -0.147  -4.561  -17.608 1.00 20.30 ? 6   DG  C "C4'" 1 
ATOM   355 O  "O4'" . DG  C 1 6 ? 1.206   -4.204  -17.253 1.00 19.21 ? 6   DG  C "O4'" 1 
ATOM   356 C  "C3'" . DG  C 1 6 ? -0.156  -6.061  -17.869 1.00 20.57 ? 6   DG  C "C3'" 1 
ATOM   357 O  "O3'" . DG  C 1 6 ? -0.117  -6.294  -19.273 1.00 28.54 ? 6   DG  C "O3'" 1 
ATOM   358 C  "C2'" . DG  C 1 6 ? 1.103   -6.571  -17.174 1.00 17.62 ? 6   DG  C "C2'" 1 
ATOM   359 C  "C1'" . DG  C 1 6 ? 2.024   -5.356  -17.163 1.00 19.57 ? 6   DG  C "C1'" 1 
ATOM   360 N  N9    . DG  C 1 6 ? 2.842   -5.220  -15.953 1.00 19.85 ? 6   DG  C N9    1 
ATOM   361 C  C8    . DG  C 1 6 ? 4.144   -4.791  -15.892 1.00 18.13 ? 6   DG  C C8    1 
ATOM   362 N  N7    . DG  C 1 6 ? 4.621   -4.739  -14.684 1.00 21.85 ? 6   DG  C N7    1 
ATOM   363 C  C5    . DG  C 1 6 ? 3.565   -5.147  -13.878 1.00 16.50 ? 6   DG  C C5    1 
ATOM   364 C  C6    . DG  C 1 6 ? 3.498   -5.293  -12.472 1.00 17.76 ? 6   DG  C C6    1 
ATOM   365 O  O6    . DG  C 1 6 ? 4.381   -5.075  -11.639 1.00 18.63 ? 6   DG  C O6    1 
ATOM   366 N  N1    . DG  C 1 6 ? 2.242   -5.734  -12.055 1.00 13.66 ? 6   DG  C N1    1 
ATOM   367 C  C2    . DG  C 1 6 ? 1.196   -6.010  -12.893 1.00 15.13 ? 6   DG  C C2    1 
ATOM   368 N  N2    . DG  C 1 6 ? 0.061   -6.424  -12.309 1.00 14.90 ? 6   DG  C N2    1 
ATOM   369 N  N3    . DG  C 1 6 ? 1.248   -5.880  -14.214 1.00 17.10 ? 6   DG  C N3    1 
ATOM   370 C  C4    . DG  C 1 6 ? 2.460   -5.452  -14.638 1.00 18.32 ? 6   DG  C C4    1 
ATOM   371 O  "O5'" . DC  D 1 1 ? -0.169  -9.129  -3.727  1.00 16.43 ? 1   DC  D "O5'" 1 
ATOM   372 C  "C5'" . DC  D 1 1 ? -1.380  -8.380  -3.669  1.00 13.80 ? 1   DC  D "C5'" 1 
ATOM   373 C  "C4'" . DC  D 1 1 ? -1.871  -8.023  -5.063  1.00 10.88 ? 1   DC  D "C4'" 1 
ATOM   374 O  "O4'" . DC  D 1 1 ? -0.971  -7.049  -5.661  1.00 10.70 ? 1   DC  D "O4'" 1 
ATOM   375 C  "C3'" . DC  D 1 1 ? -1.943  -9.196  -6.063  1.00 12.74 ? 1   DC  D "C3'" 1 
ATOM   376 O  "O3'" . DC  D 1 1 ? -3.110  -9.084  -6.852  1.00 12.99 ? 1   DC  D "O3'" 1 
ATOM   377 C  "C2'" . DC  D 1 1 ? -0.708  -8.964  -6.926  1.00 14.53 ? 1   DC  D "C2'" 1 
ATOM   378 C  "C1'" . DC  D 1 1 ? -0.721  -7.441  -6.987  1.00 11.16 ? 1   DC  D "C1'" 1 
ATOM   379 N  N1    . DC  D 1 1 ? 0.556   -6.846  -7.440  1.00 13.30 ? 1   DC  D N1    1 
ATOM   380 C  C2    . DC  D 1 1 ? 0.734   -6.579  -8.798  1.00 13.29 ? 1   DC  D C2    1 
ATOM   381 O  O2    . DC  D 1 1 ? -0.181  -6.847  -9.582  1.00 16.06 ? 1   DC  D O2    1 
ATOM   382 N  N3    . DC  D 1 1 ? 1.901   -6.038  -9.216  1.00 14.79 ? 1   DC  D N3    1 
ATOM   383 C  C4    . DC  D 1 1 ? 2.860   -5.766  -8.334  1.00 15.12 ? 1   DC  D C4    1 
ATOM   384 N  N4    . DC  D 1 1 ? 3.999   -5.237  -8.791  1.00 17.29 ? 1   DC  D N4    1 
ATOM   385 C  C5    . DC  D 1 1 ? 2.695   -6.025  -6.940  1.00 14.70 ? 1   DC  D C5    1 
ATOM   386 C  C6    . DC  D 1 1 ? 1.538   -6.564  -6.541  1.00 12.85 ? 1   DC  D C6    1 
ATOM   387 P  P     . DG  D 1 2 ? -4.470  -9.837  -6.463  1.00 14.93 ? 2   DG  D P     1 
ATOM   388 O  OP1   . DG  D 1 2 ? -4.154  -11.129 -5.808  1.00 16.89 ? 2   DG  D OP1   1 
ATOM   389 O  OP2   . DG  D 1 2 ? -5.329  -9.811  -7.662  1.00 17.30 ? 2   DG  D OP2   1 
ATOM   390 O  "O5'" . DG  D 1 2 ? -5.119  -8.902  -5.363  1.00 14.47 ? 2   DG  D "O5'" 1 
ATOM   391 C  "C5'" . DG  D 1 2 ? -5.468  -7.584  -5.698  1.00 13.38 ? 2   DG  D "C5'" 1 
ATOM   392 C  "C4'" . DG  D 1 2 ? -5.905  -6.838  -4.464  1.00 12.30 ? 2   DG  D "C4'" 1 
ATOM   393 O  "O4'" . DG  D 1 2 ? -4.841  -6.865  -3.488  1.00 11.89 ? 2   DG  D "O4'" 1 
ATOM   394 C  "C3'" . DG  D 1 2 ? -6.253  -5.375  -4.703  1.00 11.25 ? 2   DG  D "C3'" 1 
ATOM   395 O  "O3'" . DG  D 1 2 ? -7.666  -5.305  -4.937  1.00 13.23 ? 2   DG  D "O3'" 1 
ATOM   396 C  "C2'" . DG  D 1 2 ? -5.825  -4.683  -3.407  1.00 10.90 ? 2   DG  D "C2'" 1 
ATOM   397 C  "C1'" . DG  D 1 2 ? -4.749  -5.620  -2.825  1.00 11.70 ? 2   DG  D "C1'" 1 
ATOM   398 N  N9    . DG  D 1 2 ? -3.369  -5.158  -2.957  1.00 10.10 ? 2   DG  D N9    1 
ATOM   399 C  C8    . DG  D 1 2 ? -2.424  -5.119  -1.954  1.00 11.68 ? 2   DG  D C8    1 
ATOM   400 N  N7    . DG  D 1 2 ? -1.257  -4.705  -2.357  1.00 10.24 ? 2   DG  D N7    1 
ATOM   401 C  C5    . DG  D 1 2 ? -1.427  -4.475  -3.723  1.00 11.58 ? 2   DG  D C5    1 
ATOM   402 C  C6    . DG  D 1 2 ? -0.502  -4.012  -4.690  1.00 11.36 ? 2   DG  D C6    1 
ATOM   403 O  O6    . DG  D 1 2 ? 0.681   -3.718  -4.535  1.00 13.03 ? 2   DG  D O6    1 
ATOM   404 N  N1    . DG  D 1 2 ? -1.073  -3.926  -5.958  1.00 10.67 ? 2   DG  D N1    1 
ATOM   405 C  C2    . DG  D 1 2 ? -2.377  -4.241  -6.248  1.00 10.90 ? 2   DG  D C2    1 
ATOM   406 N  N2    . DG  D 1 2 ? -2.753  -4.093  -7.526  1.00 10.57 ? 2   DG  D N2    1 
ATOM   407 N  N3    . DG  D 1 2 ? -3.256  -4.663  -5.351  1.00 11.42 ? 2   DG  D N3    1 
ATOM   408 C  C4    . DG  D 1 2 ? -2.715  -4.757  -4.109  1.00 12.73 ? 2   DG  D C4    1 
ATOM   409 P  P     A DC  D 1 3 ? -8.210  -4.610  -6.282  0.64 13.25 ? 3   DC  D P     1 
ATOM   410 P  P     B DC  D 1 3 ? -8.471  -3.921  -5.044  0.36 10.00 ? 3   DC  D P     1 
ATOM   411 O  OP1   A DC  D 1 3 ? -9.686  -4.601  -6.214  0.64 14.33 ? 3   DC  D OP1   1 
ATOM   412 O  OP1   B DC  D 1 3 ? -8.508  -3.247  -3.723  0.36 12.27 ? 3   DC  D OP1   1 
ATOM   413 O  OP2   A DC  D 1 3 ? -7.555  -5.307  -7.414  0.64 17.62 ? 3   DC  D OP2   1 
ATOM   414 O  OP2   B DC  D 1 3 ? -9.767  -4.258  -5.674  0.36 13.98 ? 3   DC  D OP2   1 
ATOM   415 O  "O5'" . DC  D 1 3 ? -7.671  -3.084  -6.147  1.00 16.04 ? 3   DC  D "O5'" 1 
ATOM   416 C  "C5'" . DC  D 1 3 ? -8.359  -1.988  -6.735  1.00 16.85 ? 3   DC  D "C5'" 1 
ATOM   417 C  "C4'" . DC  D 1 3 ? -7.429  -1.001  -7.422  1.00 12.69 ? 3   DC  D "C4'" 1 
ATOM   418 O  "O4'" . DC  D 1 3 ? -6.340  -0.589  -6.547  1.00 13.23 ? 3   DC  D "O4'" 1 
ATOM   419 C  "C3'" . DC  D 1 3 ? -6.776  -1.490  -8.718  1.00 13.83 ? 3   DC  D "C3'" 1 
ATOM   420 O  "O3'" . DC  D 1 3 ? -6.893  -0.475  -9.696  1.00 12.58 ? 3   DC  D "O3'" 1 
ATOM   421 C  "C2'" . DC  D 1 3 ? -5.313  -1.660  -8.308  1.00 13.03 ? 3   DC  D "C2'" 1 
ATOM   422 C  "C1'" . DC  D 1 3 ? -5.186  -0.497  -7.339  1.00 11.45 ? 3   DC  D "C1'" 1 
ATOM   423 N  N1    . DC  D 1 3 ? -3.969  -0.549  -6.478  1.00 9.53  ? 3   DC  D N1    1 
ATOM   424 C  C2    . DC  D 1 3 ? -2.773  -0.035  -6.970  1.00 10.77 ? 3   DC  D C2    1 
ATOM   425 O  O2    . DC  D 1 3 ? -2.757  0.455   -8.102  1.00 11.98 ? 3   DC  D O2    1 
ATOM   426 N  N3    . DC  D 1 3 ? -1.666  -0.076  -6.190  1.00 9.24  ? 3   DC  D N3    1 
ATOM   427 C  C4    . DC  D 1 3 ? -1.728  -0.609  -4.975  1.00 10.12 ? 3   DC  D C4    1 
ATOM   428 N  N4    . DC  D 1 3 ? -0.608  -0.625  -4.240  1.00 11.74 ? 3   DC  D N4    1 
ATOM   429 C  C5    . DC  D 1 3 ? -2.940  -1.136  -4.449  1.00 10.30 ? 3   DC  D C5    1 
ATOM   430 C  C6    . DC  D 1 3 ? -4.029  -1.091  -5.229  1.00 11.67 ? 3   DC  D C6    1 
ATOM   431 P  P     . DG  D 1 4 ? -7.996  -0.550  -10.858 1.00 12.96 ? 4   DG  D P     1 
ATOM   432 O  OP1   . DG  D 1 4 ? -8.061  -1.964  -11.317 1.00 15.00 ? 4   DG  D OP1   1 
ATOM   433 O  OP2   . DG  D 1 4 ? -7.657  0.555   -11.779 1.00 15.68 ? 4   DG  D OP2   1 
ATOM   434 O  "O5'" . DG  D 1 4 ? -9.365  -0.195  -10.112 1.00 12.23 ? 4   DG  D "O5'" 1 
ATOM   435 C  "C5'" . DG  D 1 4 ? -9.566  1.099   -9.586  1.00 11.11 ? 4   DG  D "C5'" 1 
ATOM   436 C  "C4'" . DG  D 1 4 ? -10.854 1.150   -8.776  1.00 12.51 ? 4   DG  D "C4'" 1 
ATOM   437 O  "O4'" . DG  D 1 4 ? -10.722 0.318   -7.608  1.00 11.95 ? 4   DG  D "O4'" 1 
ATOM   438 C  "C3'" . DG  D 1 4 ? -11.254 2.546   -8.309  1.00 11.22 ? 4   DG  D "C3'" 1 
ATOM   439 O  "O3'" . DG  D 1 4 ? -12.359 2.969   -9.078  1.00 12.02 ? 4   DG  D "O3'" 1 
ATOM   440 C  "C2'" . DG  D 1 4 ? -11.622 2.393   -6.830  1.00 11.14 ? 4   DG  D "C2'" 1 
ATOM   441 C  "C1'" . DG  D 1 4 ? -11.144 0.993   -6.441  1.00 10.84 ? 4   DG  D "C1'" 1 
ATOM   442 N  N9    . DG  D 1 4 ? -10.047 0.975   -5.467  1.00 12.09 ? 4   DG  D N9    1 
ATOM   443 C  C8    . DG  D 1 4 ? -10.069 0.384   -4.223  1.00 13.23 ? 4   DG  D C8    1 
ATOM   444 N  N7    . DG  D 1 4 ? -8.954  0.506   -3.566  1.00 13.28 ? 4   DG  D N7    1 
ATOM   445 C  C5    . DG  D 1 4 ? -8.130  1.222   -4.431  1.00 9.96  ? 4   DG  D C5    1 
ATOM   446 C  C6    . DG  D 1 4 ? -6.793  1.642   -4.261  1.00 12.57 ? 4   DG  D C6    1 
ATOM   447 O  O6    . DG  D 1 4 ? -6.057  1.459   -3.276  1.00 11.35 ? 4   DG  D O6    1 
ATOM   448 N  N1    . DG  D 1 4 ? -6.326  2.341   -5.378  1.00 10.72 ? 4   DG  D N1    1 
ATOM   449 C  C2    . DG  D 1 4 ? -7.061  2.583   -6.517  1.00 10.40 ? 4   DG  D C2    1 
ATOM   450 N  N2    . DG  D 1 4 ? -6.443  3.260   -7.500  1.00 10.41 ? 4   DG  D N2    1 
ATOM   451 N  N3    . DG  D 1 4 ? -8.323  2.191   -6.684  1.00 9.72  ? 4   DG  D N3    1 
ATOM   452 C  C4    . DG  D 1 4 ? -8.790  1.518   -5.603  1.00 9.54  ? 4   DG  D C4    1 
ATOM   453 P  P     . DC  D 1 5 ? -12.843 4.505   -9.106  1.00 13.36 ? 5   DC  D P     1 
ATOM   454 O  OP1   . DC  D 1 5 ? -13.320 4.874   -7.765  1.00 15.76 ? 5   DC  D OP1   1 
ATOM   455 O  OP2   . DC  D 1 5 ? -13.737 4.624   -10.290 1.00 15.55 ? 5   DC  D OP2   1 
ATOM   456 O  "O5'" . DC  D 1 5 ? -11.519 5.327   -9.470  1.00 14.21 ? 5   DC  D "O5'" 1 
ATOM   457 C  "C5'" . DC  D 1 5 ? -11.612 6.726   -9.704  1.00 13.38 ? 5   DC  D "C5'" 1 
ATOM   458 C  "C4'" . DC  D 1 5 ? -10.259 7.392   -9.522  1.00 12.60 ? 5   DC  D "C4'" 1 
ATOM   459 O  "O4'" . DC  D 1 5 ? -9.894  7.383   -8.115  1.00 10.42 ? 5   DC  D "O4'" 1 
ATOM   460 C  "C3'" . DC  D 1 5 ? -9.102  6.739   -10.268 1.00 14.05 ? 5   DC  D "C3'" 1 
ATOM   461 O  "O3'" . DC  D 1 5 ? -8.273  7.751   -10.808 1.00 16.09 ? 5   DC  D "O3'" 1 
ATOM   462 C  "C2'" . DC  D 1 5 ? -8.381  5.962   -9.164  1.00 13.65 ? 5   DC  D "C2'" 1 
ATOM   463 C  "C1'" . DC  D 1 5 ? -8.572  6.907   -7.993  1.00 11.42 ? 5   DC  D "C1'" 1 
ATOM   464 N  N1    . DC  D 1 5 ? -8.407  6.263   -6.654  1.00 9.36  ? 5   DC  D N1    1 
ATOM   465 C  C2    . DC  D 1 5 ? -7.160  6.332   -6.013  1.00 10.82 ? 5   DC  D C2    1 
ATOM   466 O  O2    . DC  D 1 5 ? -6.230  6.906   -6.584  1.00 12.89 ? 5   DC  D O2    1 
ATOM   467 N  N3    . DC  D 1 5 ? -7.015  5.763   -4.795  1.00 9.68  ? 5   DC  D N3    1 
ATOM   468 C  C4    . DC  D 1 5 ? -8.049  5.152   -4.215  1.00 9.27  ? 5   DC  D C4    1 
ATOM   469 N  N4    . DC  D 1 5 ? -7.847  4.589   -3.016  1.00 10.56 ? 5   DC  D N4    1 
ATOM   470 C  C5    . DC  D 1 5 ? -9.328  5.077   -4.845  1.00 9.80  ? 5   DC  D C5    1 
ATOM   471 C  C6    . DC  D 1 5 ? -9.463  5.644   -6.051  1.00 10.89 ? 5   DC  D C6    1 
ATOM   472 P  P     . DG  D 1 6 ? -8.499  8.283   -12.308 1.00 17.18 ? 6   DG  D P     1 
ATOM   473 O  OP1   . DG  D 1 6 ? -8.611  7.120   -13.217 1.00 21.65 ? 6   DG  D OP1   1 
ATOM   474 O  OP2   . DG  D 1 6 ? -7.433  9.287   -12.524 1.00 21.30 ? 6   DG  D OP2   1 
ATOM   475 O  "O5'" . DG  D 1 6 ? -9.901  9.044   -12.258 1.00 15.43 ? 6   DG  D "O5'" 1 
ATOM   476 C  "C5'" . DG  D 1 6 ? -10.022 10.352  -11.704 1.00 16.86 ? 6   DG  D "C5'" 1 
ATOM   477 C  "C4'" . DG  D 1 6 ? -11.485 10.764  -11.696 1.00 18.30 ? 6   DG  D "C4'" 1 
ATOM   478 O  "O4'" . DG  D 1 6 ? -12.236 9.882   -10.819 1.00 13.60 ? 6   DG  D "O4'" 1 
ATOM   479 C  "C3'" . DG  D 1 6 ? -11.782 12.184  -11.230 1.00 20.41 ? 6   DG  D "C3'" 1 
ATOM   480 O  "O3'" . DG  D 1 6 ? -12.789 12.761  -12.073 1.00 27.74 ? 6   DG  D "O3'" 1 
ATOM   481 C  "C2'" . DG  D 1 6 ? -12.286 11.994  -9.801  1.00 17.66 ? 6   DG  D "C2'" 1 
ATOM   482 C  "C1'" . DG  D 1 6 ? -12.974 10.640  -9.888  1.00 12.42 ? 6   DG  D "C1'" 1 
ATOM   483 N  N9    . DG  D 1 6 ? -12.995 9.897   -8.634  1.00 14.02 ? 6   DG  D N9    1 
ATOM   484 C  C8    . DG  D 1 6 ? -14.049 9.162   -8.130  1.00 14.29 ? 6   DG  D C8    1 
ATOM   485 N  N7    . DG  D 1 6 ? -13.783 8.589   -6.988  1.00 14.64 ? 6   DG  D N7    1 
ATOM   486 C  C5    . DG  D 1 6 ? -12.458 8.931   -6.728  1.00 14.13 ? 6   DG  D C5    1 
ATOM   487 C  C6    . DG  D 1 6 ? -11.623 8.585   -5.636  1.00 13.56 ? 6   DG  D C6    1 
ATOM   488 O  O6    . DG  D 1 6 ? -11.897 7.871   -4.649  1.00 13.06 ? 6   DG  D O6    1 
ATOM   489 N  N1    . DG  D 1 6 ? -10.354 9.150   -5.760  1.00 10.19 ? 6   DG  D N1    1 
ATOM   490 C  C2    . DG  D 1 6 ? -9.944  9.942   -6.804  1.00 11.45 ? 6   DG  D C2    1 
ATOM   491 N  N2    . DG  D 1 6 ? -8.683  10.386  -6.750  1.00 12.76 ? 6   DG  D N2    1 
ATOM   492 N  N3    . DG  D 1 6 ? -10.712 10.275  -7.830  1.00 12.39 ? 6   DG  D N3    1 
ATOM   493 C  C4    . DG  D 1 6 ? -11.952 9.734   -7.732  1.00 12.92 ? 6   DG  D C4    1 
HETATM 494 CU CU    . CU  E 2 . ? 0.303   -4.839  -1.119  1.00 13.26 ? 101 CU  A CU    1 
HETATM 495 CA CA    . CA  F 3 . ? 7.251   -12.484 1.979   1.00 14.50 ? 102 CA  A CA    1 
HETATM 496 C  C     . 2OP G 4 . ? 1.835   -6.522  -2.734  1.00 15.87 ? 103 2OP A C     1 
HETATM 497 O  O     . 2OP G 4 . ? 2.111   -7.566  -3.390  1.00 17.57 ? 103 2OP A O     1 
HETATM 498 C  CB    . 2OP G 4 . ? 4.041   -5.503  -2.165  1.00 20.04 ? 103 2OP A CB    1 
HETATM 499 O  OHN   . 2OP G 4 . ? 2.058   -4.166  -2.347  1.00 15.63 ? 103 2OP A OHN   1 
HETATM 500 C  CA    . 2OP G 4 . ? 2.713   -5.283  -2.886  1.00 14.37 ? 103 2OP A CA    1 
HETATM 501 O  OXT   . 2OP G 4 . ? 0.840   -6.513  -1.956  1.00 13.14 ? 103 2OP A OXT   1 
HETATM 502 CU CU    . CU  H 2 . ? -3.432  3.593   0.399   1.00 13.29 ? 101 CU  B CU    1 
HETATM 503 CU CU    . CU  I 2 . ? -8.433  -15.441 1.365   0.49 20.72 ? 102 CU  B CU    1 
HETATM 504 C  C     . 2OP J 4 . ? -3.977  5.757   2.180   1.00 14.52 ? 103 2OP B C     1 
HETATM 505 O  O     . 2OP J 4 . ? -4.378  5.172   1.134   1.00 11.16 ? 103 2OP B O     1 
HETATM 506 C  CB    . 2OP J 4 . ? -1.585  6.284   2.631   1.00 16.79 ? 103 2OP B CB    1 
HETATM 507 O  OHN   . 2OP J 4 . ? -2.344  4.016   2.415   1.00 13.97 ? 103 2OP B OHN   1 
HETATM 508 C  CA    . 2OP J 4 . ? -2.713  5.283   2.886   1.00 11.73 ? 103 2OP B CA    1 
HETATM 509 O  OXT   . 2OP J 4 . ? -4.603  6.742   2.654   1.00 15.45 ? 103 2OP B OXT   1 
HETATM 510 CU CU    . CU  K 2 . ? 5.190   1.558   -5.038  1.00 15.20 ? 101 CU  C CU    1 
HETATM 511 CA CA    . CA  L 3 . ? -0.715  13.458  0.950   1.00 19.05 ? 102 CA  C CA    1 
HETATM 512 C  C1    . SIN M 5 . ? -2.038  1.162   0.067   1.00 13.99 ? 101 SIN D C1    1 
HETATM 513 O  O1    . SIN M 5 . ? -2.559  2.101   -0.542  1.00 14.03 ? 101 SIN D O1    1 
HETATM 514 O  O2    . SIN M 5 . ? -2.029  1.145   1.321   1.00 16.13 ? 101 SIN D O2    1 
HETATM 515 C  C2    . SIN M 5 . ? -1.426  0.065   -0.747  1.00 16.11 ? 101 SIN D C2    1 
HETATM 516 C  C3    . SIN M 5 . ? -0.922  -1.008  0.201   1.00 15.18 ? 101 SIN D C3    1 
HETATM 517 C  C4    . SIN M 5 . ? -0.376  -2.145  -0.611  1.00 14.14 ? 101 SIN D C4    1 
HETATM 518 O  O3    . SIN M 5 . ? 0.076   -1.995  -1.767  1.00 14.81 ? 101 SIN D O3    1 
HETATM 519 O  O4    . SIN M 5 . ? -0.371  -3.269  -0.110  1.00 13.73 ? 101 SIN D O4    1 
HETATM 520 O  O     . HOH N 6 . ? 5.891   -7.024  1.146   1.00 27.53 ? 201 HOH A O     1 
HETATM 521 O  O     . HOH N 6 . ? -3.650  5.445   15.237  1.00 25.99 ? 202 HOH A O     1 
HETATM 522 O  O     . HOH N 6 . ? 3.717   -5.538  11.480  1.00 35.26 ? 203 HOH A O     1 
HETATM 523 O  O     . HOH N 6 . ? 1.893   2.437   6.779   1.00 29.09 ? 204 HOH A O     1 
HETATM 524 O  O     . HOH N 6 . ? -13.857 4.294   16.365  1.00 24.14 ? 205 HOH A O     1 
HETATM 525 O  O     . HOH N 6 . ? 1.348   -8.425  7.387   1.00 25.17 ? 206 HOH A O     1 
HETATM 526 O  O     . HOH N 6 . ? 3.995   -8.735  -4.894  1.00 23.93 ? 207 HOH A O     1 
HETATM 527 O  O     . HOH N 6 . ? 4.281   -8.919  9.171   1.00 33.38 ? 208 HOH A O     1 
HETATM 528 O  O     . HOH N 6 . ? -3.066  -8.324  7.037   1.00 24.67 ? 209 HOH A O     1 
HETATM 529 O  O     . HOH N 6 . ? -11.914 0.832   18.574  1.00 23.14 ? 210 HOH A O     1 
HETATM 530 O  O     . HOH N 6 . ? 0.385   -11.792 5.761   1.00 24.01 ? 211 HOH A O     1 
HETATM 531 O  O     . HOH N 6 . ? 2.997   -11.644 6.939   1.00 32.58 ? 212 HOH A O     1 
HETATM 532 O  O     . HOH N 6 . ? -8.619  -1.716  8.457   1.00 21.99 ? 213 HOH A O     1 
HETATM 533 O  O     . HOH N 6 . ? 7.587   -8.299  2.357   1.00 28.10 ? 214 HOH A O     1 
HETATM 534 O  O     . HOH N 6 . ? 6.502   -1.826  5.859   1.00 27.30 ? 215 HOH A O     1 
HETATM 535 O  O     . HOH N 6 . ? -2.429  3.591   12.133  1.00 24.99 ? 216 HOH A O     1 
HETATM 536 O  O     . HOH N 6 . ? -7.476  1.504   17.936  1.00 28.45 ? 217 HOH A O     1 
HETATM 537 O  O     . HOH N 6 . ? -0.591  3.987   7.466   1.00 26.87 ? 218 HOH A O     1 
HETATM 538 O  O     . HOH N 6 . ? -1.983  0.257   18.272  1.00 30.41 ? 219 HOH A O     1 
HETATM 539 O  O     . HOH N 6 . ? 4.194   -2.258  -1.493  1.00 23.10 ? 220 HOH A O     1 
HETATM 540 O  O     . HOH N 6 . ? -3.352  -5.148  14.748  1.00 35.32 ? 221 HOH A O     1 
HETATM 541 O  O     . HOH N 6 . ? 6.576   -11.416 -0.097  1.00 16.56 ? 222 HOH A O     1 
HETATM 542 O  O     . HOH N 6 . ? 2.408   -3.859  12.333  1.00 28.64 ? 223 HOH A O     1 
HETATM 543 O  O     . HOH N 6 . ? 7.391   -5.439  8.394   1.00 32.18 ? 224 HOH A O     1 
HETATM 544 O  O     . HOH N 6 . ? -5.043  -4.013  10.864  1.00 25.84 ? 225 HOH A O     1 
HETATM 545 O  O     . HOH N 6 . ? -10.197 0.195   7.972   1.00 32.82 ? 226 HOH A O     1 
HETATM 546 O  O     . HOH N 6 . ? -8.664  -1.963  17.212  1.00 28.89 ? 227 HOH A O     1 
HETATM 547 O  O     . HOH N 6 . ? 6.555   -11.896 8.507   1.00 26.60 ? 228 HOH A O     1 
HETATM 548 O  O     . HOH N 6 . ? -9.274  -4.903  16.501  1.00 37.45 ? 229 HOH A O     1 
HETATM 549 O  O     . HOH N 6 . ? -3.396  -8.471  9.308   1.00 31.06 ? 230 HOH A O     1 
HETATM 550 O  O     . HOH N 6 . ? 2.080   -1.152  14.860  1.00 28.97 ? 231 HOH A O     1 
HETATM 551 O  O     . HOH N 6 . ? -0.753  -10.510 12.457  1.00 36.40 ? 232 HOH A O     1 
HETATM 552 O  O     . HOH N 6 . ? -0.564  3.798   10.231  1.00 28.42 ? 233 HOH A O     1 
HETATM 553 O  O     . HOH N 6 . ? 2.309   -1.265  2.752   1.00 30.57 ? 234 HOH A O     1 
HETATM 554 O  O     . HOH N 6 . ? -6.868  -2.901  18.401  1.00 16.40 ? 235 HOH A O     1 
HETATM 555 O  O     . HOH N 6 . ? 3.943   -0.808  13.713  1.00 27.80 ? 236 HOH A O     1 
HETATM 556 O  O     . HOH N 6 . ? 0.991   4.694   5.678   1.00 36.34 ? 237 HOH A O     1 
HETATM 557 O  O     . HOH N 6 . ? -3.813  1.441   20.549  1.00 38.70 ? 238 HOH A O     1 
HETATM 558 O  O     . HOH N 6 . ? 2.237   -11.117 10.177  1.00 33.39 ? 239 HOH A O     1 
HETATM 559 O  O     . HOH O 6 . ? -7.768  -13.431 0.426   1.00 20.90 ? 201 HOH B O     1 
HETATM 560 O  O     . HOH O 6 . ? -8.089  8.625   2.522   1.00 20.44 ? 202 HOH B O     1 
HETATM 561 O  O     . HOH O 6 . ? -13.133 -3.502  4.584   1.00 27.79 ? 203 HOH B O     1 
HETATM 562 O  O     . HOH O 6 . ? -4.009  -14.302 12.031  1.00 29.20 ? 204 HOH B O     1 
HETATM 563 O  O     . HOH O 6 . ? -6.830  -9.176  9.637   1.00 29.30 ? 205 HOH B O     1 
HETATM 564 O  O     . HOH O 6 . ? -1.993  -12.635 8.916   1.00 25.74 ? 206 HOH B O     1 
HETATM 565 O  O     . HOH O 6 . ? -4.022  8.714   4.310   1.00 24.79 ? 207 HOH B O     1 
HETATM 566 O  O     . HOH O 6 . ? -8.971  -17.155 1.454   1.00 20.02 ? 208 HOH B O     1 
HETATM 567 O  O     . HOH O 6 . ? -10.658 -15.180 2.182   1.00 27.75 ? 209 HOH B O     1 
HETATM 568 O  O     . HOH O 6 . ? -11.180 -2.362  6.675   1.00 25.56 ? 210 HOH B O     1 
HETATM 569 O  O     . HOH O 6 . ? -10.635 -0.714  4.704   1.00 17.75 ? 211 HOH B O     1 
HETATM 570 O  O     . HOH O 6 . ? -14.634 5.565   0.946   1.00 26.03 ? 212 HOH B O     1 
HETATM 571 O  O     . HOH O 6 . ? -11.235 5.407   -0.821  1.00 14.00 ? 213 HOH B O     1 
HETATM 572 O  O     . HOH O 6 . ? -12.002 1.585   5.423   1.00 19.25 ? 214 HOH B O     1 
HETATM 573 O  O     . HOH O 6 . ? -10.289 3.115   -2.050  1.00 10.83 ? 215 HOH B O     1 
HETATM 574 O  O     . HOH O 6 . ? -5.686  -5.300  7.913   1.00 23.19 ? 216 HOH B O     1 
HETATM 575 O  O     . HOH O 6 . ? -10.978 3.205   7.242   1.00 24.13 ? 217 HOH B O     1 
HETATM 576 O  O     . HOH O 6 . ? -14.299 4.610   5.258   1.00 26.53 ? 218 HOH B O     1 
HETATM 577 O  O     . HOH O 6 . ? -1.272  -15.078 7.431   1.00 17.19 ? 219 HOH B O     1 
HETATM 578 O  O     . HOH O 6 . ? 0.602   3.216   2.335   1.00 23.63 ? 220 HOH B O     1 
HETATM 579 O  O     . HOH O 6 . ? -7.683  -10.994 12.573  1.00 37.78 ? 221 HOH B O     1 
HETATM 580 O  O     . HOH O 6 . ? -7.291  -7.788  7.162   1.00 19.44 ? 222 HOH B O     1 
HETATM 581 O  O     . HOH O 6 . ? -4.505  -2.428  -0.815  1.00 19.98 ? 223 HOH B O     1 
HETATM 582 O  O     . HOH O 6 . ? -9.636  -17.625 6.353   1.00 29.33 ? 224 HOH B O     1 
HETATM 583 O  O     . HOH O 6 . ? -8.622  -7.330  10.873  1.00 31.97 ? 225 HOH B O     1 
HETATM 584 O  O     . HOH O 6 . ? -15.379 -4.858  -2.344  1.00 30.30 ? 226 HOH B O     1 
HETATM 585 O  O     . HOH O 6 . ? 0.634   -12.774 11.095  1.00 34.63 ? 227 HOH B O     1 
HETATM 586 O  O     . HOH P 6 . ? -2.108  -5.677  -20.631 1.00 25.05 ? 201 HOH C O     1 
HETATM 587 O  O     . HOH P 6 . ? -2.938  4.371   -11.937 1.00 22.05 ? 202 HOH C O     1 
HETATM 588 O  O     . HOH P 6 . ? 7.537   0.252   -13.614 1.00 34.62 ? 203 HOH C O     1 
HETATM 589 O  O     . HOH P 6 . ? 5.826   7.096   -6.756  1.00 18.84 ? 204 HOH C O     1 
HETATM 590 O  O     . HOH P 6 . ? -1.612  9.096   -6.708  1.00 14.11 ? 205 HOH C O     1 
HETATM 591 O  O     . HOH P 6 . ? -1.903  8.988   -11.526 1.00 22.38 ? 206 HOH C O     1 
HETATM 592 O  O     . HOH P 6 . ? 0.483   9.311   0.611   1.00 17.91 ? 207 HOH C O     1 
HETATM 593 O  O     . HOH P 6 . ? 0.745   10.809  -8.897  1.00 23.36 ? 208 HOH C O     1 
HETATM 594 O  O     . HOH P 6 . ? 4.613   10.142  -8.636  1.00 22.61 ? 209 HOH C O     1 
HETATM 595 O  O     . HOH P 6 . ? -4.734  11.399  2.135   1.00 21.38 ? 210 HOH C O     1 
HETATM 596 O  O     . HOH P 6 . ? 5.262   -2.095  -11.482 1.00 22.80 ? 211 HOH C O     1 
HETATM 597 O  O     . HOH P 6 . ? -5.179  11.793  -5.683  1.00 14.36 ? 212 HOH C O     1 
HETATM 598 O  O     . HOH P 6 . ? -3.872  2.495   -10.124 1.00 16.28 ? 213 HOH C O     1 
HETATM 599 O  O     . HOH P 6 . ? -1.363  2.011   -11.896 1.00 19.24 ? 214 HOH C O     1 
HETATM 600 O  O     . HOH P 6 . ? -2.327  11.643  -5.788  1.00 14.58 ? 215 HOH C O     1 
HETATM 601 O  O     . HOH P 6 . ? -3.297  -2.702  -11.057 1.00 17.12 ? 216 HOH C O     1 
HETATM 602 O  O     . HOH P 6 . ? 1.266   -4.288  -20.903 1.00 26.90 ? 217 HOH C O     1 
HETATM 603 O  O     . HOH P 6 . ? -2.664  12.231  1.802   1.00 24.71 ? 218 HOH C O     1 
HETATM 604 O  O     . HOH P 6 . ? 4.352   -0.459  -4.773  1.00 18.59 ? 219 HOH C O     1 
HETATM 605 O  O     . HOH P 6 . ? 0.609   11.536  1.811   1.00 24.14 ? 220 HOH C O     1 
HETATM 606 O  O     . HOH P 6 . ? 6.378   4.122   -13.867 1.00 26.54 ? 221 HOH C O     1 
HETATM 607 O  O     . HOH P 6 . ? -2.751  -3.060  -19.662 1.00 23.43 ? 222 HOH C O     1 
HETATM 608 O  O     . HOH P 6 . ? -1.583  10.469  4.313   1.00 32.25 ? 223 HOH C O     1 
HETATM 609 O  O     . HOH P 6 . ? -2.989  8.693   -9.179  1.00 21.18 ? 224 HOH C O     1 
HETATM 610 O  O     . HOH P 6 . ? 4.557   6.424   -14.417 1.00 35.60 ? 225 HOH C O     1 
HETATM 611 O  O     . HOH P 6 . ? -0.970  13.091  -7.666  1.00 30.35 ? 226 HOH C O     1 
HETATM 612 O  O     . HOH P 6 . ? 2.689   6.952   -15.579 1.00 32.53 ? 227 HOH C O     1 
HETATM 613 O  O     . HOH P 6 . ? 0.462   7.969   4.852   1.00 32.34 ? 228 HOH C O     1 
HETATM 614 O  O     . HOH Q 6 . ? -7.071  -3.717  -12.604 1.00 23.91 ? 201 HOH D O     1 
HETATM 615 O  O     . HOH Q 6 . ? -12.647 14.028  -14.251 1.00 20.76 ? 202 HOH D O     1 
HETATM 616 O  O     . HOH Q 6 . ? -13.330 4.018   -12.718 1.00 20.89 ? 203 HOH D O     1 
HETATM 617 O  O     . HOH Q 6 . ? -13.023 5.431   -5.294  1.00 21.60 ? 204 HOH D O     1 
HETATM 618 O  O     . HOH Q 6 . ? -7.129  11.155  -14.233 1.00 26.45 ? 205 HOH D O     1 
HETATM 619 O  O     . HOH Q 6 . ? -3.771  -11.432 -3.157  1.00 18.27 ? 206 HOH D O     1 
HETATM 620 O  O     . HOH Q 6 . ? 0.033   -11.821 -3.944  1.00 27.47 ? 207 HOH D O     1 
HETATM 621 O  O     . HOH Q 6 . ? -9.116  2.288   -13.318 1.00 26.48 ? 208 HOH D O     1 
HETATM 622 O  O     . HOH Q 6 . ? -5.225  -9.196  -2.038  1.00 14.57 ? 209 HOH D O     1 
HETATM 623 O  O     . HOH Q 6 . ? -5.281  0.618   -13.211 1.00 20.94 ? 210 HOH D O     1 
HETATM 624 O  O     . HOH Q 6 . ? -7.264  4.749   -12.701 1.00 27.79 ? 211 HOH D O     1 
HETATM 625 O  O     . HOH Q 6 . ? -15.620 6.434   -7.607  1.00 19.74 ? 212 HOH D O     1 
HETATM 626 O  O     . HOH Q 6 . ? -5.303  9.275   -7.769  1.00 22.90 ? 213 HOH D O     1 
HETATM 627 O  O     . HOH Q 6 . ? 2.223   -0.259  -2.291  1.00 21.93 ? 214 HOH D O     1 
HETATM 628 O  O     . HOH Q 6 . ? -7.136  -7.984  -8.831  1.00 25.16 ? 215 HOH D O     1 
HETATM 629 O  O     . HOH Q 6 . ? -4.586  6.140   -8.792  1.00 20.57 ? 216 HOH D O     1 
HETATM 630 O  O     . HOH Q 6 . ? -5.003  -5.296  -8.825  1.00 17.39 ? 217 HOH D O     1 
HETATM 631 O  O     . HOH Q 6 . ? -3.034  -6.793  -10.077 1.00 21.70 ? 218 HOH D O     1 
HETATM 632 O  O     . HOH Q 6 . ? -6.348  -1.378  -2.725  1.00 16.74 ? 219 HOH D O     1 
HETATM 633 O  O     . HOH Q 6 . ? -6.787  3.017   -10.454 1.00 13.04 ? 220 HOH D O     1 
HETATM 634 O  O     . HOH Q 6 . ? -11.347 6.071   -13.606 1.00 25.12 ? 221 HOH D O     1 
HETATM 635 O  O     . HOH Q 6 . ? -7.717  -5.888  -10.313 1.00 24.56 ? 222 HOH D O     1 
HETATM 636 O  O     . HOH Q 6 . ? -5.803  10.137  -10.176 1.00 24.89 ? 223 HOH D O     1 
HETATM 637 O  O     . HOH Q 6 . ? -15.168 10.910  -12.379 1.00 21.39 ? 224 HOH D O     1 
HETATM 638 O  O     . HOH Q 6 . ? 6.569   -4.894  -7.188  1.00 26.92 ? 225 HOH D O     1 
HETATM 639 O  O     . HOH Q 6 . ? -4.545  8.420   -13.151 1.00 28.14 ? 226 HOH D O     1 
HETATM 640 O  O     . HOH Q 6 . ? -11.537 -2.713  -3.133  1.00 20.03 ? 227 HOH D O     1 
HETATM 641 O  O     . HOH Q 6 . ? -12.462 -2.613  -5.958  1.00 18.33 ? 228 HOH D O     1 
HETATM 642 O  O     . HOH Q 6 . ? -10.805 -2.698  -8.609  1.00 15.28 ? 229 HOH D O     1 
HETATM 643 O  O     . HOH Q 6 . ? -6.633  11.787  -8.742  1.00 26.07 ? 230 HOH D O     1 
HETATM 644 O  O     . HOH Q 6 . ? -3.453  0.132   -11.278 1.00 23.41 ? 231 HOH D O     1 
HETATM 645 O  O     . HOH Q 6 . ? -15.540 12.267  -7.764  1.00 26.01 ? 232 HOH D O     1 
HETATM 646 O  O     . HOH Q 6 . ? -4.904  6.318   -11.482 1.00 25.00 ? 233 HOH D O     1 
HETATM 647 O  O     . HOH Q 6 . ? -9.247  10.918  -15.815 1.00 31.18 ? 234 HOH D O     1 
HETATM 648 O  O     . HOH Q 6 . ? -3.904  11.268  -11.918 1.00 32.17 ? 235 HOH D O     1 
HETATM 649 O  O     . HOH Q 6 . ? -15.234 7.779   -13.021 1.00 29.73 ? 236 HOH D O     1 
HETATM 650 O  O     . HOH Q 6 . ? -11.916 1.673   -13.228 1.00 21.05 ? 237 HOH D O     1 
HETATM 651 O  O     . HOH Q 6 . ? 0.649   -12.546 -6.403  1.00 30.04 ? 238 HOH D O     1 
HETATM 652 O  O     . HOH Q 6 . ? 6.388   -6.960  -5.493  1.00 32.17 ? 239 HOH D O     1 
# 
